data_1R0A
#
_entry.id   1R0A
#
_cell.length_a   165.820
_cell.length_b   165.820
_cell.length_c   220.720
_cell.angle_alpha   90.00
_cell.angle_beta   90.00
_cell.angle_gamma   120.00
#
_symmetry.space_group_name_H-M   'P 32 1 2'
#
loop_
_entity.id
_entity.type
_entity.pdbx_description
1 polymer "5'-D(*A*TP*GP*CP*AP*TP*CP*GP*GP*CP*GP*CP*TP*CP*GP*AP*AP*CP*AP*GP*GP*GP*AP*CP*GP*GP*T)-3'"
2 polymer "5'-D(*C*CP*GP*TP*CP*CP*CP*TP*GP*TP*TP*CP*GP*AP*GP*CP*GP*CP*CP*GP*(2DA))-3'"
3 polymer 'Reverse transcriptase'
4 polymer 'Reverse transcriptase'
5 polymer 'monoclonal antibody (light chain)'
6 polymer 'monoclonal antibody (heavy chain)'
7 non-polymer GLYCEROL
8 non-polymer 'MAGNESIUM ION'
9 non-polymer alpha-D-glucopyranose
10 water water
#
loop_
_entity_poly.entity_id
_entity_poly.type
_entity_poly.pdbx_seq_one_letter_code
_entity_poly.pdbx_strand_id
1 'polydeoxyribonucleotide'
;(DA)(DT)(DG)(DC)(DA)(DT)(DC)(DG)(DG)(DC)(DG)(DC)(DT)(DC)(DG)(DA)(DA)(DC)(DA)(DG)
(DG)(DG)(DA)(DC)(DG)(DG)(DT)
;
T
2 'polydeoxyribonucleotide'
;(DC)(DC)(DG)(DT)(DC)(DC)(DC)(DT)(DG)(DT)(DT)(DC)(DG)(DA)(DG)(DC)(DG)(DC)(DC)(DG)
(2DA)
;
P
3 'polypeptide(L)'
;PISPIETVPVKLKPGMDGPKVKQWPLTEEKIKALVEICTEMEKEGKISKIGPENPYNTPVFAIKKKDSTKWRKLVDFREL
NKRTQDFWEVQLGIPHPAGLKKKKSVTVLDVGDAYFSVPLDEDFRKYTAFTIPSINNETPGIRYQYNVLPQGWKGSPAIF
QSSMTKILEPFKKQNPDIVIYQYMDDLYVGSDLEIGQHRTKIEELRQHLLRWGLTTPDKKHQKEPPFLWMGYELHPDKWT
VQPIVLPEKDSWTVNDICKLVGKLNWASQIYPGIKVRQLSKLLRGTKALTEVIPLTEEAELELAENREILKEPVHGVYYD
PSKDLIAEIQKQGQGQWTYQIYQEPFKNLKTGKYARMRGAHTNDVKQLTEAVQKITTESIVIWGKTPKFKLPIQKETWET
WWTEYWQATWIPEWEFVNTPPLVKLWYQLEKEPIVGAETFYVDGAANRETKLGKAGYVTNKGRQKVVPLTNTTNQKTELQ
AIYLALQDSGLEVNIVTDSQYALGIIQAQPDKSESELVNQIIEQLIKKEKVYLAWVPAHKGIGGNEQVDKLVSAGIRK
;
A
4 'polypeptide(L)'
;PISPIETVPVKLKPGMDGPKVKQWPLTEEKIKALVEICTEMEKEGKISKIGPENPYNTPVFAIKKKDSTKWRKLVDFREL
NKRTQDFWEVQLGIPHPAGLKKKKSVTVLDVGDAYFSVPLDEDFRKYTAFTIPSINNETPGIRYQYNVLPQGWKGSPAIF
QSSMTKILEPFKKQNPDIVIYQYMDDLYVGSDLEIGQHRTKIEELRQHLLRWGLTTPDKKHQKEPPFLWMGYELHPDKWT
VQPIVLPEKDSWTVNDIQKLVGKLNWASQIYPGIKVRQLSKLLRGTKALTEVIPLTEEAELELAENREILKEPVHGVYYD
PSKDLIAEIQKQGQGQWTYQIYQEPFKNLKTGKYARMRGAHTNDVKQLTEAVQKITTESIVIWGKTPKFKLPIQKETWET
WWTEYWQATWIPEWEFVNTPPLVKLWYQL
;
B
5 'polypeptide(L)'
;DIQMTQTTSSLSASLGDRVTISCSASQDISSYLNWYQQKPEGTVKLLIYYTSSLHSGVPSRFSGSGSGTDYSLTISNLEP
EDIATYYCQQYSKFPWTFGGGTKLEIKRADAAPTVSIFPPSSEQLTSGGASVVCFLNNFYPKDINVKWKIDGSERQNGVL
NSWTDQDSKDSTYSMSSTLTLTKDEYERHNSYTCEATHKTSTSPIVKSFNR
;
L
6 'polypeptide(L)'
;QITLKESGPGIVQPSQPFRLTCTFSGFSLSTSGIGVTWIRQPSGKGLEWLATIWWDDDNRYNPSLKSRLTVSKDTSNNQA
FLNMMTVETADTAIYYCAQSAITSVTDSAMDHWGQGTSVTVSSAKTTPPSVYPLAPGSAAQTNSMVTLGCLVKGYFPEPV
TVTWNSGSLSSGVHTFPAVLQSDLYTLSSSVTVPSSTWPSETVTCNVAHPASSTKVDKKIVPADC
;
H
#
# COMPACT_ATOMS: atom_id res chain seq x y z
N PRO C 1 -5.45 -45.34 31.07
CA PRO C 1 -5.07 -46.29 30.00
C PRO C 1 -4.10 -45.65 28.98
N ILE C 2 -3.88 -46.35 27.86
CA ILE C 2 -3.01 -45.86 26.79
C ILE C 2 -3.91 -45.25 25.72
N SER C 3 -3.50 -44.12 25.17
CA SER C 3 -4.31 -43.45 24.19
C SER C 3 -4.54 -44.31 22.94
N PRO C 4 -5.69 -44.10 22.27
CA PRO C 4 -6.06 -44.82 21.06
C PRO C 4 -5.75 -43.98 19.85
N ILE C 5 -4.85 -43.00 19.98
CA ILE C 5 -4.55 -42.19 18.81
C ILE C 5 -3.71 -43.05 17.91
N GLU C 6 -3.81 -42.81 16.62
CA GLU C 6 -3.01 -43.54 15.65
C GLU C 6 -1.57 -43.14 16.02
N THR C 7 -0.60 -44.03 15.88
CA THR C 7 0.76 -43.65 16.24
C THR C 7 1.49 -42.97 15.12
N VAL C 8 2.35 -42.01 15.47
CA VAL C 8 3.16 -41.32 14.46
C VAL C 8 4.36 -42.22 14.09
N PRO C 9 4.58 -42.47 12.80
CA PRO C 9 5.66 -43.32 12.29
C PRO C 9 7.06 -42.74 12.51
N VAL C 10 7.96 -43.54 13.09
CA VAL C 10 9.31 -43.11 13.36
C VAL C 10 10.32 -44.06 12.69
N LYS C 11 11.35 -43.51 12.04
CA LYS C 11 12.39 -44.30 11.37
C LYS C 11 13.73 -44.01 12.01
N LEU C 12 14.77 -44.73 11.62
CA LEU C 12 16.09 -44.41 12.13
C LEU C 12 16.69 -43.56 10.99
N LYS C 13 17.75 -42.81 11.25
CA LYS C 13 18.35 -42.00 10.18
C LYS C 13 18.75 -42.94 9.03
N PRO C 14 18.76 -42.41 7.80
CA PRO C 14 19.13 -43.25 6.64
C PRO C 14 20.44 -43.98 6.83
N GLY C 15 20.43 -45.27 6.49
CA GLY C 15 21.62 -46.08 6.59
C GLY C 15 22.06 -46.51 7.97
N MET C 16 21.33 -46.12 9.01
CA MET C 16 21.72 -46.51 10.36
C MET C 16 20.85 -47.60 10.98
N ASP C 17 21.44 -48.41 11.85
CA ASP C 17 20.67 -49.44 12.52
C ASP C 17 20.47 -49.06 13.99
N GLY C 18 19.75 -49.88 14.73
CA GLY C 18 19.48 -49.55 16.11
C GLY C 18 20.66 -49.61 17.06
N PRO C 19 20.48 -49.09 18.28
CA PRO C 19 21.52 -49.07 19.31
C PRO C 19 21.78 -50.47 19.90
N LYS C 20 23.04 -50.89 19.87
CA LYS C 20 23.43 -52.16 20.45
C LYS C 20 24.50 -51.78 21.47
N VAL C 21 24.05 -51.19 22.57
CA VAL C 21 24.93 -50.74 23.65
C VAL C 21 24.86 -51.67 24.85
N LYS C 22 26.02 -52.02 25.38
CA LYS C 22 26.13 -52.92 26.52
C LYS C 22 25.59 -52.35 27.81
N GLN C 23 25.03 -53.24 28.62
CA GLN C 23 24.44 -52.89 29.91
C GLN C 23 25.46 -53.12 31.03
N TRP C 24 25.84 -52.07 31.76
CA TRP C 24 26.81 -52.24 32.85
C TRP C 24 26.17 -53.05 34.00
N PRO C 25 26.98 -53.73 34.83
CA PRO C 25 26.32 -54.48 35.91
C PRO C 25 25.77 -53.56 36.98
N LEU C 26 24.84 -54.07 37.77
CA LEU C 26 24.21 -53.30 38.84
C LEU C 26 24.12 -54.05 40.16
N THR C 27 24.05 -53.29 41.26
CA THR C 27 23.96 -53.89 42.58
C THR C 27 22.68 -54.70 42.69
N GLU C 28 22.75 -55.79 43.45
CA GLU C 28 21.60 -56.67 43.64
C GLU C 28 20.41 -55.84 44.09
N GLU C 29 20.72 -54.75 44.77
CA GLU C 29 19.68 -53.89 45.26
C GLU C 29 19.08 -53.09 44.12
N LYS C 30 19.94 -52.49 43.32
CA LYS C 30 19.50 -51.69 42.17
C LYS C 30 18.68 -52.55 41.24
N ILE C 31 19.14 -53.79 41.02
CA ILE C 31 18.46 -54.71 40.14
C ILE C 31 17.05 -55.04 40.56
N LYS C 32 16.89 -55.55 41.77
CA LYS C 32 15.56 -55.88 42.23
C LYS C 32 14.67 -54.64 42.20
N ALA C 33 15.30 -53.49 42.36
CA ALA C 33 14.62 -52.21 42.35
C ALA C 33 13.94 -52.02 41.00
N LEU C 34 14.76 -52.12 39.95
CA LEU C 34 14.28 -51.98 38.59
C LEU C 34 13.20 -53.02 38.34
N VAL C 35 13.44 -54.24 38.79
CA VAL C 35 12.49 -55.34 38.61
C VAL C 35 11.09 -55.00 39.12
N GLU C 36 11.01 -54.28 40.24
CA GLU C 36 9.70 -53.88 40.75
C GLU C 36 9.16 -52.98 39.67
N ILE C 37 9.77 -51.81 39.58
CA ILE C 37 9.43 -50.76 38.64
C ILE C 37 8.96 -51.23 37.28
N CYS C 38 9.76 -52.05 36.61
CA CYS C 38 9.42 -52.58 35.29
C CYS C 38 8.22 -53.52 35.26
N THR C 39 7.97 -54.24 36.34
CA THR C 39 6.82 -55.14 36.36
C THR C 39 5.56 -54.31 36.45
N GLU C 40 5.66 -53.21 37.18
CA GLU C 40 4.53 -52.30 37.33
C GLU C 40 4.27 -51.73 35.95
N MET C 41 5.34 -51.27 35.30
CA MET C 41 5.26 -50.70 33.97
C MET C 41 4.77 -51.69 32.96
N GLU C 42 5.23 -52.93 33.06
CA GLU C 42 4.81 -54.00 32.14
C GLU C 42 3.34 -54.27 32.35
N LYS C 43 2.91 -54.22 33.60
CA LYS C 43 1.54 -54.48 33.93
C LYS C 43 0.67 -53.34 33.44
N GLU C 44 1.22 -52.13 33.41
CA GLU C 44 0.47 -50.97 32.95
C GLU C 44 0.45 -50.74 31.44
N GLY C 45 1.06 -51.64 30.67
CA GLY C 45 1.08 -51.51 29.23
C GLY C 45 2.19 -50.63 28.68
N LYS C 46 2.93 -49.98 29.56
CA LYS C 46 4.00 -49.11 29.12
C LYS C 46 5.13 -49.83 28.41
N ILE C 47 5.46 -51.04 28.87
CA ILE C 47 6.51 -51.83 28.23
C ILE C 47 6.07 -53.27 28.06
N SER C 48 6.85 -54.03 27.29
CA SER C 48 6.53 -55.42 27.08
C SER C 48 7.76 -56.25 26.95
N LYS C 49 7.71 -57.48 27.46
CA LYS C 49 8.85 -58.36 27.39
C LYS C 49 9.11 -58.65 25.89
N ILE C 50 10.38 -58.74 25.48
CA ILE C 50 10.74 -59.00 24.08
C ILE C 50 11.43 -60.33 23.80
N GLY C 51 11.42 -60.75 22.53
CA GLY C 51 12.04 -62.00 22.14
C GLY C 51 13.56 -62.05 22.04
N PRO C 52 14.14 -63.24 21.85
CA PRO C 52 15.59 -63.33 21.75
C PRO C 52 16.14 -62.73 20.49
N GLU C 53 15.36 -62.82 19.41
CA GLU C 53 15.79 -62.29 18.12
C GLU C 53 16.04 -60.76 18.12
N ASN C 54 15.74 -60.08 19.23
CA ASN C 54 15.94 -58.63 19.29
C ASN C 54 17.36 -58.35 19.73
N PRO C 55 18.19 -57.84 18.81
CA PRO C 55 19.61 -57.51 19.03
C PRO C 55 19.94 -56.18 19.61
N TYR C 56 18.94 -55.41 20.00
CA TYR C 56 19.27 -54.08 20.48
C TYR C 56 19.27 -53.91 21.98
N ASN C 57 19.90 -52.84 22.42
CA ASN C 57 19.93 -52.51 23.83
C ASN C 57 20.43 -51.10 24.03
N THR C 58 19.81 -50.43 24.99
CA THR C 58 20.20 -49.09 25.39
C THR C 58 20.26 -49.23 26.92
N PRO C 59 21.34 -48.73 27.55
CA PRO C 59 21.54 -48.81 29.00
C PRO C 59 20.42 -48.35 29.89
N VAL C 60 20.31 -49.01 31.02
CA VAL C 60 19.30 -48.66 32.00
C VAL C 60 19.90 -48.86 33.37
N PHE C 61 19.79 -47.84 34.19
CA PHE C 61 20.29 -47.94 35.54
C PHE C 61 19.25 -47.27 36.40
N ALA C 62 19.37 -47.44 37.70
CA ALA C 62 18.41 -46.84 38.59
C ALA C 62 19.12 -45.98 39.60
N ILE C 63 18.42 -44.94 40.04
CA ILE C 63 18.94 -44.05 41.04
C ILE C 63 17.76 -43.57 41.90
N LYS C 64 18.05 -43.19 43.15
CA LYS C 64 16.99 -42.75 44.05
C LYS C 64 17.02 -41.26 44.40
N LYS C 65 15.82 -40.73 44.67
CA LYS C 65 15.67 -39.34 45.06
C LYS C 65 16.05 -39.36 46.54
N LYS C 66 17.01 -38.51 46.92
CA LYS C 66 17.48 -38.46 48.31
C LYS C 66 16.38 -38.14 49.33
N ASP C 67 15.39 -37.39 48.89
CA ASP C 67 14.29 -36.99 49.76
C ASP C 67 13.24 -38.11 49.96
N SER C 68 12.92 -38.81 48.87
CA SER C 68 11.92 -39.90 48.90
C SER C 68 12.52 -41.25 49.33
N THR C 69 13.77 -41.48 48.95
CA THR C 69 14.48 -42.73 49.25
C THR C 69 13.94 -43.83 48.32
N LYS C 70 13.13 -43.42 47.34
CA LYS C 70 12.53 -44.34 46.36
C LYS C 70 13.34 -44.31 45.06
N TRP C 71 13.50 -45.46 44.44
CA TRP C 71 14.24 -45.54 43.19
C TRP C 71 13.40 -45.15 41.99
N ARG C 72 14.09 -44.79 40.91
CA ARG C 72 13.43 -44.39 39.68
C ARG C 72 14.22 -44.97 38.52
N LYS C 73 13.51 -45.36 37.47
CA LYS C 73 14.16 -45.92 36.29
C LYS C 73 14.61 -44.89 35.28
N LEU C 74 15.91 -44.82 35.09
CA LEU C 74 16.50 -43.90 34.15
C LEU C 74 17.04 -44.75 33.00
N VAL C 75 16.59 -44.47 31.79
CA VAL C 75 17.08 -45.18 30.62
C VAL C 75 17.88 -44.18 29.84
N ASP C 76 19.08 -44.56 29.45
CA ASP C 76 19.93 -43.66 28.72
C ASP C 76 19.83 -43.81 27.20
N PHE C 77 18.94 -43.03 26.59
CA PHE C 77 18.71 -43.10 25.15
C PHE C 77 19.64 -42.36 24.20
N ARG C 78 20.82 -41.95 24.66
CA ARG C 78 21.75 -41.22 23.79
C ARG C 78 22.00 -41.85 22.42
N GLU C 79 22.28 -43.16 22.36
CA GLU C 79 22.54 -43.75 21.05
C GLU C 79 21.33 -43.86 20.13
N LEU C 80 20.16 -44.08 20.70
CA LEU C 80 18.94 -44.18 19.91
C LEU C 80 18.76 -42.80 19.31
N ASN C 81 18.85 -41.81 20.20
CA ASN C 81 18.69 -40.41 19.83
C ASN C 81 19.61 -40.06 18.70
N LYS C 82 20.83 -40.58 18.75
CA LYS C 82 21.79 -40.32 17.70
C LYS C 82 21.36 -40.98 16.40
N ARG C 83 20.66 -42.09 16.51
CA ARG C 83 20.24 -42.85 15.35
C ARG C 83 18.80 -42.58 14.87
N THR C 84 17.96 -42.08 15.76
CA THR C 84 16.58 -41.72 15.47
C THR C 84 16.46 -40.60 14.42
N GLN C 85 15.60 -40.80 13.42
CA GLN C 85 15.40 -39.79 12.35
C GLN C 85 15.14 -38.38 12.88
N ASP C 86 15.30 -37.38 12.01
CA ASP C 86 15.05 -36.00 12.43
C ASP C 86 13.59 -35.72 12.43
N PHE C 87 13.17 -34.73 13.18
CA PHE C 87 11.77 -34.41 13.19
C PHE C 87 11.73 -32.97 12.83
N TRP C 88 10.54 -32.46 12.56
CA TRP C 88 10.42 -31.05 12.34
C TRP C 88 9.68 -30.63 13.61
N GLU C 89 10.40 -30.01 14.54
CA GLU C 89 9.81 -29.62 15.80
C GLU C 89 8.68 -28.65 15.58
N VAL C 90 7.58 -28.87 16.28
CA VAL C 90 6.42 -28.02 16.12
C VAL C 90 6.19 -27.05 17.25
N GLN C 91 6.92 -27.15 18.34
CA GLN C 91 6.73 -26.16 19.39
C GLN C 91 7.51 -24.93 18.84
N LEU C 92 6.80 -23.95 18.30
CA LEU C 92 7.46 -22.80 17.68
C LEU C 92 7.85 -21.57 18.52
N GLY C 93 7.56 -21.55 19.81
CA GLY C 93 7.91 -20.41 20.66
C GLY C 93 7.13 -20.60 21.93
N ILE C 94 7.55 -20.04 23.06
CA ILE C 94 6.76 -20.26 24.27
C ILE C 94 5.71 -19.16 24.49
N PRO C 95 4.47 -19.53 24.86
CA PRO C 95 3.47 -18.48 25.06
C PRO C 95 3.85 -17.51 26.14
N HIS C 96 3.22 -16.34 26.11
CA HIS C 96 3.49 -15.24 27.03
C HIS C 96 2.24 -14.58 27.59
N PRO C 97 2.16 -14.42 28.92
CA PRO C 97 1.02 -13.82 29.63
C PRO C 97 0.58 -12.48 29.04
N ALA C 98 1.55 -11.75 28.52
CA ALA C 98 1.32 -10.44 27.92
C ALA C 98 0.28 -10.55 26.80
N GLY C 99 0.29 -11.65 26.07
CA GLY C 99 -0.65 -11.84 24.97
C GLY C 99 -1.98 -12.46 25.38
N LEU C 100 -2.10 -12.82 26.65
CA LEU C 100 -3.34 -13.42 27.09
C LEU C 100 -4.39 -12.32 27.12
N LYS C 101 -5.66 -12.69 27.01
CA LYS C 101 -6.74 -11.72 27.08
C LYS C 101 -7.46 -11.97 28.39
N LYS C 102 -8.16 -10.97 28.90
CA LYS C 102 -8.86 -11.18 30.17
C LYS C 102 -10.09 -11.98 29.87
N LYS C 103 -10.34 -13.01 30.66
CA LYS C 103 -11.50 -13.87 30.43
C LYS C 103 -12.39 -14.05 31.67
N LYS C 104 -13.71 -14.08 31.46
CA LYS C 104 -14.67 -14.24 32.56
C LYS C 104 -14.20 -15.30 33.54
N SER C 105 -14.22 -16.56 33.10
CA SER C 105 -13.80 -17.68 33.92
C SER C 105 -12.55 -18.35 33.33
N VAL C 106 -11.71 -18.90 34.19
CA VAL C 106 -10.47 -19.54 33.76
C VAL C 106 -10.05 -20.75 34.57
N THR C 107 -9.59 -21.77 33.87
CA THR C 107 -9.12 -23.00 34.52
C THR C 107 -7.79 -23.41 33.89
N VAL C 108 -6.96 -24.08 34.66
CA VAL C 108 -5.70 -24.60 34.14
C VAL C 108 -5.67 -26.08 34.50
N LEU C 109 -5.16 -26.90 33.60
CA LEU C 109 -5.10 -28.32 33.83
C LEU C 109 -3.77 -28.84 33.41
N ASP C 110 -3.41 -29.99 33.96
CA ASP C 110 -2.17 -30.64 33.58
C ASP C 110 -2.52 -32.10 33.42
N VAL C 111 -1.99 -32.69 32.35
CA VAL C 111 -2.25 -34.09 32.05
C VAL C 111 -1.27 -34.97 32.80
N GLY C 112 -1.76 -36.10 33.31
CA GLY C 112 -0.89 -37.00 34.04
C GLY C 112 -0.34 -38.10 33.17
N ASP C 113 0.93 -38.41 33.37
CA ASP C 113 1.56 -39.46 32.60
C ASP C 113 1.55 -39.11 31.15
N ALA C 114 1.85 -37.85 30.86
CA ALA C 114 1.85 -37.40 29.49
C ALA C 114 2.40 -38.42 28.48
N TYR C 115 3.73 -38.54 28.40
CA TYR C 115 4.33 -39.45 27.45
C TYR C 115 3.82 -40.86 27.58
N PHE C 116 3.85 -41.39 28.80
CA PHE C 116 3.41 -42.75 29.00
C PHE C 116 1.96 -43.06 28.58
N SER C 117 1.26 -42.07 28.02
CA SER C 117 -0.13 -42.28 27.57
C SER C 117 -0.25 -42.34 26.05
N VAL C 118 0.84 -42.07 25.35
CA VAL C 118 0.82 -42.08 23.89
C VAL C 118 1.64 -43.25 23.35
N PRO C 119 1.02 -44.07 22.50
CA PRO C 119 1.65 -45.24 21.89
C PRO C 119 2.80 -44.84 21.00
N LEU C 120 3.87 -45.62 21.10
CA LEU C 120 5.06 -45.42 20.29
C LEU C 120 4.83 -46.26 19.04
N ASP C 121 5.27 -45.77 17.89
CA ASP C 121 5.12 -46.48 16.62
C ASP C 121 5.48 -47.98 16.78
N GLU C 122 4.55 -48.87 16.42
CA GLU C 122 4.74 -50.31 16.52
C GLU C 122 6.08 -50.76 16.01
N ASP C 123 6.45 -50.28 14.83
CA ASP C 123 7.73 -50.64 14.21
C ASP C 123 9.02 -50.05 14.76
N PHE C 124 8.93 -49.00 15.55
CA PHE C 124 10.14 -48.38 16.10
C PHE C 124 10.46 -48.94 17.46
N ARG C 125 9.51 -49.64 18.06
CA ARG C 125 9.67 -50.20 19.40
C ARG C 125 10.88 -51.06 19.70
N LYS C 126 11.24 -51.95 18.78
CA LYS C 126 12.36 -52.84 19.00
C LYS C 126 13.66 -52.13 19.31
N TYR C 127 13.79 -50.90 18.89
CA TYR C 127 15.01 -50.15 19.12
C TYR C 127 15.11 -49.67 20.54
N THR C 128 13.96 -49.56 21.19
CA THR C 128 13.91 -49.11 22.57
C THR C 128 14.14 -50.25 23.54
N ALA C 129 14.52 -51.41 23.01
CA ALA C 129 14.78 -52.58 23.84
C ALA C 129 15.87 -52.25 24.83
N PHE C 130 15.64 -52.62 26.09
CA PHE C 130 16.63 -52.44 27.14
C PHE C 130 16.73 -53.72 27.97
N THR C 131 17.76 -53.83 28.80
CA THR C 131 17.93 -55.01 29.63
C THR C 131 18.12 -54.66 31.08
N ILE C 132 17.46 -55.38 31.96
CA ILE C 132 17.64 -55.17 33.39
C ILE C 132 18.30 -56.47 33.85
N PRO C 133 19.66 -56.49 33.91
CA PRO C 133 20.51 -57.62 34.30
C PRO C 133 20.06 -58.55 35.42
N SER C 134 20.43 -59.81 35.28
CA SER C 134 20.08 -60.79 36.28
C SER C 134 20.95 -60.58 37.50
N ILE C 135 20.34 -60.80 38.66
CA ILE C 135 20.97 -60.65 39.95
C ILE C 135 22.44 -61.09 39.85
N ASN C 136 22.74 -62.05 38.96
CA ASN C 136 24.10 -62.55 38.78
C ASN C 136 24.56 -62.86 37.35
N ASN C 137 25.54 -63.75 37.23
CA ASN C 137 26.12 -64.16 35.95
C ASN C 137 25.23 -65.26 35.37
N GLU C 138 24.27 -65.68 36.18
CA GLU C 138 23.34 -66.77 35.88
C GLU C 138 22.51 -66.85 34.60
N THR C 139 21.48 -66.03 34.52
CA THR C 139 20.59 -66.05 33.36
C THR C 139 20.60 -64.77 32.57
N PRO C 140 20.32 -64.84 31.25
CA PRO C 140 20.29 -63.62 30.46
C PRO C 140 19.38 -62.67 31.23
N GLY C 141 19.62 -61.36 31.15
CA GLY C 141 18.76 -60.46 31.90
C GLY C 141 17.33 -60.56 31.43
N ILE C 142 16.50 -59.64 31.92
CA ILE C 142 15.09 -59.58 31.52
C ILE C 142 15.05 -58.50 30.42
N ARG C 143 14.62 -58.87 29.22
CA ARG C 143 14.56 -57.90 28.13
C ARG C 143 13.18 -57.26 28.03
N TYR C 144 13.18 -55.97 27.77
CA TYR C 144 11.94 -55.21 27.62
C TYR C 144 12.00 -54.28 26.41
N GLN C 145 10.89 -53.63 26.15
CA GLN C 145 10.81 -52.73 25.05
C GLN C 145 9.67 -51.75 25.37
N TYR C 146 9.76 -50.55 24.81
CA TYR C 146 8.76 -49.52 25.05
C TYR C 146 7.56 -49.61 24.13
N ASN C 147 6.36 -49.36 24.65
CA ASN C 147 5.19 -49.37 23.80
C ASN C 147 4.60 -47.98 23.86
N VAL C 148 5.25 -47.10 24.61
CA VAL C 148 4.80 -45.72 24.71
C VAL C 148 5.99 -44.79 24.46
N LEU C 149 5.78 -43.48 24.61
CA LEU C 149 6.82 -42.48 24.37
C LEU C 149 7.81 -42.46 25.51
N PRO C 150 9.05 -42.91 25.26
CA PRO C 150 10.07 -42.94 26.31
C PRO C 150 10.58 -41.58 26.71
N GLN C 151 10.75 -41.45 28.01
CA GLN C 151 11.28 -40.27 28.67
C GLN C 151 12.72 -40.09 28.20
N GLY C 152 13.06 -38.93 27.64
CA GLY C 152 14.44 -38.74 27.23
C GLY C 152 14.78 -39.22 25.84
N TRP C 153 13.74 -39.52 25.06
CA TRP C 153 13.94 -39.94 23.69
C TRP C 153 13.72 -38.71 22.81
N LYS C 154 14.46 -38.65 21.70
CA LYS C 154 14.40 -37.50 20.81
C LYS C 154 13.03 -37.11 20.27
N GLY C 155 12.16 -38.08 20.06
CA GLY C 155 10.88 -37.72 19.48
C GLY C 155 9.71 -37.54 20.42
N SER C 156 9.87 -37.83 21.69
CA SER C 156 8.74 -37.70 22.58
C SER C 156 8.12 -36.31 22.64
N PRO C 157 8.94 -35.27 22.55
CA PRO C 157 8.26 -33.97 22.62
C PRO C 157 7.44 -33.64 21.38
N ALA C 158 8.05 -33.70 20.21
CA ALA C 158 7.30 -33.40 19.00
C ALA C 158 6.06 -34.30 18.84
N ILE C 159 6.23 -35.59 19.11
CA ILE C 159 5.11 -36.51 18.95
C ILE C 159 3.98 -36.29 19.97
N PHE C 160 4.29 -36.14 21.25
CA PHE C 160 3.19 -35.89 22.22
C PHE C 160 2.46 -34.58 21.85
N GLN C 161 3.24 -33.56 21.48
CA GLN C 161 2.67 -32.28 21.09
C GLN C 161 1.70 -32.46 19.93
N SER C 162 2.14 -33.09 18.83
CA SER C 162 1.22 -33.28 17.70
C SER C 162 0.01 -34.03 18.17
N SER C 163 0.27 -35.12 18.89
CA SER C 163 -0.81 -35.94 19.43
C SER C 163 -1.82 -35.08 20.18
N MET C 164 -1.34 -34.29 21.15
CA MET C 164 -2.24 -33.45 21.93
C MET C 164 -3.05 -32.51 21.03
N THR C 165 -2.43 -32.03 19.96
CA THR C 165 -3.13 -31.13 19.04
C THR C 165 -4.29 -31.85 18.37
N LYS C 166 -4.06 -33.07 17.87
CA LYS C 166 -5.13 -33.85 17.23
C LYS C 166 -6.27 -34.10 18.21
N ILE C 167 -5.90 -34.45 19.42
CA ILE C 167 -6.92 -34.70 20.40
C ILE C 167 -7.79 -33.49 20.70
N LEU C 168 -7.18 -32.34 20.88
CA LEU C 168 -7.97 -31.16 21.17
C LEU C 168 -8.75 -30.72 19.96
N GLU C 169 -8.15 -30.89 18.79
CA GLU C 169 -8.76 -30.51 17.53
C GLU C 169 -10.30 -30.52 17.46
N PRO C 170 -10.95 -31.68 17.62
CA PRO C 170 -12.41 -31.75 17.56
C PRO C 170 -13.10 -30.94 18.65
N PHE C 171 -12.59 -31.03 19.87
CA PHE C 171 -13.20 -30.28 20.97
C PHE C 171 -13.18 -28.79 20.68
N LYS C 172 -12.15 -28.33 19.98
CA LYS C 172 -12.02 -26.92 19.65
C LYS C 172 -12.94 -26.52 18.51
N LYS C 173 -13.19 -27.42 17.56
CA LYS C 173 -14.08 -27.07 16.46
C LYS C 173 -15.49 -26.82 17.03
N GLN C 174 -15.85 -27.56 18.08
CA GLN C 174 -17.16 -27.44 18.71
C GLN C 174 -17.24 -26.41 19.81
N ASN C 175 -16.15 -25.74 20.11
CA ASN C 175 -16.15 -24.72 21.16
C ASN C 175 -15.26 -23.55 20.80
N PRO C 176 -15.37 -23.02 19.57
CA PRO C 176 -14.56 -21.89 19.10
C PRO C 176 -14.47 -20.65 19.97
N ASP C 177 -15.14 -20.63 21.12
CA ASP C 177 -15.06 -19.45 21.97
C ASP C 177 -14.52 -19.76 23.36
N ILE C 178 -13.61 -20.72 23.41
CA ILE C 178 -12.96 -21.14 24.64
C ILE C 178 -11.49 -21.25 24.27
N VAL C 179 -10.67 -20.35 24.78
CA VAL C 179 -9.26 -20.38 24.46
C VAL C 179 -8.55 -21.47 25.20
N ILE C 180 -7.75 -22.25 24.47
CA ILE C 180 -7.01 -23.31 25.11
C ILE C 180 -5.53 -23.19 24.75
N TYR C 181 -4.73 -22.67 25.69
CA TYR C 181 -3.30 -22.54 25.46
C TYR C 181 -2.63 -23.89 25.74
N GLN C 182 -2.31 -24.59 24.65
CA GLN C 182 -1.73 -25.92 24.73
C GLN C 182 -0.22 -25.96 24.71
N TYR C 183 0.37 -26.09 25.89
CA TYR C 183 1.83 -26.17 25.98
C TYR C 183 2.26 -27.54 26.49
N MET C 184 2.72 -28.40 25.60
CA MET C 184 3.11 -29.75 25.97
C MET C 184 1.93 -30.39 26.72
N ASP C 185 2.12 -30.80 27.97
CA ASP C 185 1.04 -31.42 28.73
C ASP C 185 0.31 -30.50 29.70
N ASP C 186 0.39 -29.21 29.46
CA ASP C 186 -0.27 -28.25 30.31
C ASP C 186 -1.32 -27.52 29.52
N LEU C 187 -2.52 -27.40 30.08
CA LEU C 187 -3.57 -26.71 29.36
C LEU C 187 -4.18 -25.50 30.06
N TYR C 188 -3.98 -24.31 29.51
CA TYR C 188 -4.62 -23.15 30.09
C TYR C 188 -5.94 -23.00 29.32
N VAL C 189 -7.05 -23.02 30.04
CA VAL C 189 -8.35 -22.89 29.42
C VAL C 189 -9.11 -21.71 30.00
N GLY C 190 -9.69 -20.89 29.14
CA GLY C 190 -10.44 -19.75 29.59
C GLY C 190 -11.55 -19.44 28.63
N SER C 191 -12.61 -18.80 29.14
CA SER C 191 -13.74 -18.45 28.30
C SER C 191 -14.43 -17.35 29.04
N ASP C 192 -15.46 -16.78 28.42
CA ASP C 192 -16.23 -15.72 29.05
C ASP C 192 -17.61 -16.24 29.44
N LEU C 193 -17.63 -17.49 29.91
CA LEU C 193 -18.86 -18.15 30.36
C LEU C 193 -19.05 -17.92 31.86
N GLU C 194 -20.24 -18.24 32.35
CA GLU C 194 -20.55 -18.08 33.77
C GLU C 194 -19.95 -19.24 34.53
N ILE C 195 -19.30 -18.97 35.66
CA ILE C 195 -18.66 -20.03 36.45
C ILE C 195 -19.32 -21.39 36.30
N GLY C 196 -20.65 -21.39 36.15
CA GLY C 196 -21.37 -22.64 35.96
C GLY C 196 -21.12 -23.15 34.57
N GLN C 197 -21.76 -22.53 33.58
CA GLN C 197 -21.62 -22.91 32.18
C GLN C 197 -20.18 -23.30 31.83
N HIS C 198 -19.22 -22.55 32.41
CA HIS C 198 -17.80 -22.78 32.19
C HIS C 198 -17.41 -24.14 32.75
N ARG C 199 -17.69 -24.37 34.03
CA ARG C 199 -17.33 -25.64 34.62
C ARG C 199 -17.95 -26.81 33.90
N THR C 200 -19.16 -26.62 33.38
CA THR C 200 -19.83 -27.68 32.65
C THR C 200 -19.11 -27.97 31.34
N LYS C 201 -18.23 -27.04 30.95
CA LYS C 201 -17.43 -27.19 29.73
C LYS C 201 -16.08 -27.83 30.10
N ILE C 202 -15.49 -27.36 31.19
CA ILE C 202 -14.21 -27.87 31.68
C ILE C 202 -14.35 -29.35 32.02
N GLU C 203 -15.56 -29.73 32.43
CA GLU C 203 -15.80 -31.12 32.77
C GLU C 203 -15.77 -31.83 31.43
N GLU C 204 -16.68 -31.42 30.55
CA GLU C 204 -16.81 -31.96 29.21
C GLU C 204 -15.44 -32.21 28.57
N LEU C 205 -14.49 -31.31 28.82
CA LEU C 205 -13.15 -31.43 28.24
C LEU C 205 -12.37 -32.55 28.85
N ARG C 206 -12.25 -32.55 30.18
CA ARG C 206 -11.51 -33.59 30.87
C ARG C 206 -12.02 -34.96 30.46
N GLN C 207 -13.33 -35.05 30.25
CA GLN C 207 -13.98 -36.30 29.84
C GLN C 207 -13.47 -36.69 28.49
N HIS C 208 -13.51 -35.74 27.56
CA HIS C 208 -13.04 -35.98 26.20
C HIS C 208 -11.60 -36.50 26.17
N LEU C 209 -10.76 -35.89 27.00
CA LEU C 209 -9.36 -36.27 27.12
C LEU C 209 -9.24 -37.67 27.69
N LEU C 210 -10.02 -37.95 28.71
CA LEU C 210 -10.00 -39.27 29.33
C LEU C 210 -10.31 -40.29 28.26
N ARG C 211 -11.37 -40.02 27.52
CA ARG C 211 -11.76 -40.89 26.44
C ARG C 211 -10.53 -41.16 25.56
N TRP C 212 -9.57 -40.23 25.56
CA TRP C 212 -8.38 -40.37 24.75
C TRP C 212 -7.11 -40.82 25.45
N GLY C 213 -7.23 -41.24 26.69
CA GLY C 213 -6.05 -41.71 27.40
C GLY C 213 -5.40 -40.62 28.18
N LEU C 214 -5.87 -39.38 28.01
CA LEU C 214 -5.29 -38.27 28.74
C LEU C 214 -6.03 -38.01 30.05
N THR C 215 -5.30 -38.26 31.11
CA THR C 215 -5.78 -38.11 32.45
C THR C 215 -5.57 -36.66 32.91
N THR C 216 -6.57 -36.09 33.58
CA THR C 216 -6.43 -34.73 34.08
C THR C 216 -6.55 -34.74 35.59
N PRO C 217 -5.51 -35.23 36.28
CA PRO C 217 -5.39 -35.35 37.74
C PRO C 217 -5.90 -34.14 38.50
N ASP C 218 -6.17 -34.31 39.79
CA ASP C 218 -6.65 -33.19 40.60
C ASP C 218 -5.44 -32.35 41.05
N LYS C 219 -4.75 -31.89 40.03
CA LYS C 219 -3.59 -31.01 40.08
C LYS C 219 -4.04 -30.00 39.02
N LYS C 220 -5.28 -29.56 39.17
CA LYS C 220 -5.88 -28.59 38.29
C LYS C 220 -6.35 -27.41 39.14
N HIS C 221 -6.10 -26.20 38.65
CA HIS C 221 -6.50 -24.99 39.35
C HIS C 221 -7.88 -24.64 38.87
N GLN C 222 -8.84 -24.67 39.79
CA GLN C 222 -10.21 -24.32 39.45
C GLN C 222 -10.48 -23.07 40.25
N LYS C 223 -11.06 -22.05 39.61
CA LYS C 223 -11.39 -20.78 40.30
C LYS C 223 -10.34 -20.51 41.39
N GLU C 224 -9.07 -20.61 40.99
CA GLU C 224 -7.97 -20.45 41.94
C GLU C 224 -6.92 -19.39 41.67
N PRO C 225 -7.31 -18.18 41.27
CA PRO C 225 -6.19 -17.25 41.06
C PRO C 225 -5.50 -17.04 42.40
N PRO C 226 -4.16 -16.98 42.43
CA PRO C 226 -3.17 -17.05 41.35
C PRO C 226 -3.09 -18.36 40.57
N PHE C 227 -3.12 -18.25 39.25
CA PHE C 227 -3.00 -19.40 38.38
C PHE C 227 -1.52 -19.51 38.08
N LEU C 228 -0.92 -20.63 38.47
CA LEU C 228 0.52 -20.87 38.24
C LEU C 228 0.66 -21.46 36.85
N TRP C 229 1.16 -20.67 35.90
CA TRP C 229 1.25 -21.13 34.52
C TRP C 229 2.51 -20.66 33.82
N MET C 230 3.25 -21.60 33.24
CA MET C 230 4.45 -21.29 32.49
C MET C 230 5.47 -20.45 33.24
N GLY C 231 5.44 -20.50 34.56
CA GLY C 231 6.42 -19.73 35.31
C GLY C 231 5.93 -18.39 35.78
N TYR C 232 4.65 -18.14 35.59
CA TYR C 232 4.06 -16.88 36.02
C TYR C 232 2.89 -17.19 36.95
N GLU C 233 2.37 -16.16 37.59
CA GLU C 233 1.22 -16.33 38.46
C GLU C 233 0.23 -15.41 37.81
N LEU C 234 -0.92 -15.95 37.47
CA LEU C 234 -1.91 -15.15 36.79
C LEU C 234 -3.03 -14.70 37.70
N HIS C 235 -3.20 -13.39 37.83
CA HIS C 235 -4.29 -12.85 38.65
C HIS C 235 -5.29 -12.27 37.66
N PRO C 236 -6.54 -12.05 38.11
CA PRO C 236 -7.62 -11.50 37.28
C PRO C 236 -7.33 -10.28 36.42
N ASP C 237 -6.50 -9.39 36.92
CA ASP C 237 -6.19 -8.17 36.18
C ASP C 237 -4.70 -7.90 35.98
N LYS C 238 -3.88 -8.66 36.71
CA LYS C 238 -2.44 -8.53 36.62
C LYS C 238 -1.79 -9.92 36.70
N TRP C 239 -0.58 -10.02 36.17
CA TRP C 239 0.13 -11.28 36.21
C TRP C 239 1.53 -11.01 36.72
N THR C 240 2.12 -11.98 37.39
CA THR C 240 3.47 -11.79 37.90
C THR C 240 4.40 -12.91 37.51
N VAL C 241 5.68 -12.57 37.36
CA VAL C 241 6.66 -13.57 37.05
C VAL C 241 6.95 -14.14 38.42
N GLN C 242 6.98 -15.45 38.54
CA GLN C 242 7.25 -16.05 39.84
C GLN C 242 8.59 -15.50 40.34
N PRO C 243 8.69 -15.23 41.66
CA PRO C 243 9.91 -14.69 42.27
C PRO C 243 11.24 -15.16 41.67
N ILE C 244 12.12 -14.19 41.41
CA ILE C 244 13.44 -14.44 40.81
C ILE C 244 14.58 -13.97 41.72
N VAL C 245 15.21 -14.95 42.35
CA VAL C 245 16.29 -14.68 43.28
C VAL C 245 17.63 -15.05 42.66
N LEU C 246 18.52 -14.07 42.58
CA LEU C 246 19.82 -14.29 41.98
C LEU C 246 20.88 -14.70 43.01
N PRO C 247 21.74 -15.67 42.64
CA PRO C 247 22.79 -16.14 43.53
C PRO C 247 23.65 -14.96 43.96
N GLU C 248 23.49 -14.52 45.20
CA GLU C 248 24.22 -13.38 45.75
C GLU C 248 25.55 -13.81 46.38
N LYS C 249 26.16 -14.83 45.79
CA LYS C 249 27.41 -15.42 46.27
C LYS C 249 28.67 -14.53 46.41
N ASP C 250 29.57 -14.99 47.27
CA ASP C 250 30.85 -14.35 47.62
C ASP C 250 31.80 -14.05 46.44
N SER C 251 32.42 -15.11 45.90
CA SER C 251 33.34 -15.00 44.76
C SER C 251 32.58 -15.25 43.46
N TRP C 252 33.27 -15.08 42.32
CA TRP C 252 32.61 -15.27 41.04
C TRP C 252 33.43 -15.91 39.92
N THR C 253 33.06 -17.14 39.58
CA THR C 253 33.70 -17.87 38.50
C THR C 253 32.84 -17.53 37.28
N VAL C 254 33.46 -17.56 36.10
CA VAL C 254 32.75 -17.23 34.88
C VAL C 254 31.37 -17.86 34.87
N ASN C 255 31.33 -19.17 35.07
CA ASN C 255 30.07 -19.91 35.06
C ASN C 255 29.00 -19.28 35.95
N ASP C 256 29.43 -18.70 37.07
CA ASP C 256 28.50 -18.06 37.99
C ASP C 256 27.89 -16.86 37.27
N ILE C 257 28.71 -16.19 36.47
CA ILE C 257 28.26 -15.01 35.72
C ILE C 257 27.09 -15.38 34.80
N CYS C 258 27.29 -16.42 33.99
CA CYS C 258 26.24 -16.90 33.07
C CYS C 258 24.92 -17.14 33.83
N LYS C 259 25.00 -17.87 34.93
CA LYS C 259 23.82 -18.15 35.73
C LYS C 259 23.17 -16.87 36.28
N LEU C 260 23.94 -15.78 36.28
CA LEU C 260 23.44 -14.51 36.77
C LEU C 260 22.81 -13.71 35.65
N VAL C 261 23.58 -13.51 34.58
CA VAL C 261 23.12 -12.77 33.43
C VAL C 261 21.86 -13.42 32.87
N GLY C 262 21.88 -14.74 32.72
CA GLY C 262 20.71 -15.43 32.20
C GLY C 262 19.49 -15.16 33.05
N LYS C 263 19.66 -15.27 34.36
CA LYS C 263 18.58 -15.03 35.30
C LYS C 263 18.09 -13.61 35.14
N LEU C 264 19.02 -12.67 34.95
CA LEU C 264 18.65 -11.27 34.81
C LEU C 264 17.82 -11.09 33.55
N ASN C 265 18.34 -11.61 32.43
CA ASN C 265 17.63 -11.54 31.14
C ASN C 265 16.20 -12.04 31.32
N TRP C 266 16.06 -13.17 32.00
CA TRP C 266 14.73 -13.71 32.25
C TRP C 266 13.91 -12.59 32.87
N ALA C 267 14.54 -11.80 33.73
CA ALA C 267 13.85 -10.69 34.42
C ALA C 267 13.57 -9.50 33.51
N SER C 268 14.45 -9.27 32.55
CA SER C 268 14.27 -8.17 31.61
C SER C 268 12.87 -8.11 31.02
N GLN C 269 12.14 -9.22 31.10
CA GLN C 269 10.80 -9.30 30.53
C GLN C 269 9.73 -8.55 31.28
N ILE C 270 9.94 -8.29 32.57
CA ILE C 270 8.92 -7.55 33.30
C ILE C 270 9.53 -6.42 34.10
N TYR C 271 10.76 -6.62 34.60
CA TYR C 271 11.44 -5.58 35.38
C TYR C 271 12.04 -4.52 34.46
N PRO C 272 11.38 -3.35 34.40
CA PRO C 272 11.74 -2.19 33.59
C PRO C 272 13.23 -1.91 33.53
N GLY C 273 13.75 -1.87 32.32
CA GLY C 273 15.17 -1.63 32.15
C GLY C 273 16.06 -2.44 33.06
N ILE C 274 16.92 -3.25 32.46
CA ILE C 274 17.86 -4.05 33.23
C ILE C 274 19.09 -3.89 32.37
N LYS C 275 20.20 -3.48 32.97
CA LYS C 275 21.42 -3.33 32.20
C LYS C 275 22.18 -4.60 32.51
N VAL C 276 22.89 -5.12 31.52
CA VAL C 276 23.64 -6.34 31.73
C VAL C 276 24.85 -6.28 30.82
N ARG C 277 24.88 -5.24 29.98
CA ARG C 277 26.00 -4.97 29.06
C ARG C 277 27.28 -4.94 29.90
N GLN C 278 27.10 -4.48 31.14
CA GLN C 278 28.16 -4.34 32.13
C GLN C 278 28.83 -5.65 32.52
N LEU C 279 28.31 -6.32 33.55
CA LEU C 279 28.90 -7.58 34.02
C LEU C 279 29.02 -8.65 32.95
N SER C 280 28.25 -8.52 31.88
CA SER C 280 28.29 -9.49 30.80
C SER C 280 29.65 -9.53 30.09
N LYS C 281 30.29 -8.37 29.98
CA LYS C 281 31.58 -8.31 29.31
C LYS C 281 32.63 -9.17 30.02
N LEU C 282 32.32 -9.62 31.23
CA LEU C 282 33.23 -10.46 32.00
C LEU C 282 33.52 -11.77 31.28
N LEU C 283 32.46 -12.43 30.82
CA LEU C 283 32.54 -13.70 30.12
C LEU C 283 33.56 -13.59 28.99
N ARG C 284 33.59 -12.40 28.40
CA ARG C 284 34.48 -12.10 27.28
C ARG C 284 35.88 -12.53 27.54
N GLY C 285 36.50 -13.03 26.50
CA GLY C 285 37.86 -13.46 26.71
C GLY C 285 37.69 -14.91 27.05
N THR C 286 38.39 -15.71 26.27
CA THR C 286 38.50 -17.17 26.30
C THR C 286 38.63 -17.80 27.71
N LYS C 287 37.61 -17.65 28.54
CA LYS C 287 37.64 -18.19 29.89
C LYS C 287 37.13 -19.64 30.02
N ALA C 288 37.82 -20.46 30.81
CA ALA C 288 37.34 -21.82 31.05
C ALA C 288 36.37 -21.66 32.23
N LEU C 289 35.26 -22.37 32.14
CA LEU C 289 34.14 -22.41 33.09
C LEU C 289 34.22 -22.23 34.62
N THR C 290 35.07 -23.01 35.24
CA THR C 290 35.22 -22.99 36.72
C THR C 290 36.10 -21.85 37.16
N GLU C 291 36.92 -21.38 36.22
CA GLU C 291 37.84 -20.27 36.44
C GLU C 291 37.18 -19.04 37.03
N VAL C 292 37.68 -18.58 38.17
CA VAL C 292 37.12 -17.41 38.81
C VAL C 292 37.58 -16.17 38.05
N ILE C 293 36.84 -15.07 38.18
CA ILE C 293 37.19 -13.81 37.51
C ILE C 293 36.90 -12.59 38.40
N PRO C 294 37.85 -11.64 38.48
CA PRO C 294 37.70 -10.42 39.30
C PRO C 294 36.50 -9.56 38.89
N LEU C 295 35.49 -9.54 39.74
CA LEU C 295 34.26 -8.80 39.46
C LEU C 295 34.41 -7.28 39.35
N THR C 296 34.86 -6.81 38.17
CA THR C 296 35.02 -5.39 37.89
C THR C 296 33.93 -4.57 38.57
N GLU C 297 34.27 -3.37 39.03
CA GLU C 297 33.28 -2.53 39.70
C GLU C 297 32.32 -1.96 38.65
N GLU C 298 32.79 -1.90 37.40
CA GLU C 298 31.96 -1.43 36.31
C GLU C 298 30.82 -2.43 36.35
N ALA C 299 31.19 -3.69 36.58
CA ALA C 299 30.25 -4.80 36.68
C ALA C 299 29.50 -4.70 38.01
N GLU C 300 30.21 -4.30 39.06
CA GLU C 300 29.63 -4.16 40.37
C GLU C 300 28.48 -3.16 40.33
N LEU C 301 28.66 -2.11 39.53
CA LEU C 301 27.63 -1.08 39.38
C LEU C 301 26.36 -1.72 38.84
N GLU C 302 26.50 -2.50 37.77
CA GLU C 302 25.36 -3.19 37.18
C GLU C 302 24.60 -3.91 38.26
N LEU C 303 25.16 -5.04 38.72
CA LEU C 303 24.56 -5.84 39.76
C LEU C 303 23.79 -4.93 40.71
N ALA C 304 24.47 -3.91 41.21
CA ALA C 304 23.86 -2.96 42.14
C ALA C 304 22.55 -2.39 41.60
N GLU C 305 22.63 -1.71 40.45
CA GLU C 305 21.47 -1.11 39.83
C GLU C 305 20.40 -2.20 39.67
N ASN C 306 20.79 -3.29 39.03
CA ASN C 306 19.91 -4.43 38.79
C ASN C 306 19.17 -4.86 40.05
N ARG C 307 19.91 -5.45 41.01
CA ARG C 307 19.31 -5.93 42.24
C ARG C 307 18.33 -4.91 42.77
N GLU C 308 18.71 -3.64 42.73
CA GLU C 308 17.83 -2.60 43.20
C GLU C 308 16.47 -2.76 42.55
N ILE C 309 16.44 -2.87 41.23
CA ILE C 309 15.19 -3.05 40.52
C ILE C 309 14.46 -4.30 40.99
N LEU C 310 15.10 -5.47 40.87
CA LEU C 310 14.48 -6.74 41.29
C LEU C 310 13.86 -6.68 42.68
N LYS C 311 14.34 -5.74 43.51
CA LYS C 311 13.83 -5.57 44.86
C LYS C 311 12.39 -5.06 44.74
N GLU C 312 12.23 -3.98 43.97
CA GLU C 312 10.91 -3.37 43.74
C GLU C 312 9.95 -4.35 43.08
N PRO C 313 8.79 -4.62 43.70
CA PRO C 313 7.87 -5.55 43.06
C PRO C 313 7.07 -4.88 41.94
N VAL C 314 6.95 -5.58 40.81
CA VAL C 314 6.20 -5.07 39.67
C VAL C 314 5.25 -6.13 39.16
N HIS C 315 4.59 -5.82 38.05
CA HIS C 315 3.67 -6.76 37.46
C HIS C 315 3.40 -6.32 36.02
N GLY C 316 2.52 -7.04 35.35
CA GLY C 316 2.18 -6.71 33.98
C GLY C 316 0.69 -6.89 33.86
N VAL C 317 0.13 -6.50 32.74
CA VAL C 317 -1.31 -6.65 32.56
C VAL C 317 -1.64 -7.47 31.32
N TYR C 318 -2.91 -7.77 31.13
CA TYR C 318 -3.33 -8.53 29.99
C TYR C 318 -3.58 -7.60 28.82
N TYR C 319 -3.68 -8.17 27.63
CA TYR C 319 -3.87 -7.40 26.41
C TYR C 319 -5.31 -7.16 26.03
N ASP C 320 -5.62 -5.89 25.75
CA ASP C 320 -6.96 -5.53 25.31
C ASP C 320 -6.82 -5.17 23.84
N PRO C 321 -7.37 -6.03 22.97
CA PRO C 321 -7.36 -5.91 21.51
C PRO C 321 -7.72 -4.55 20.91
N SER C 322 -8.77 -3.92 21.41
CA SER C 322 -9.18 -2.62 20.86
C SER C 322 -8.12 -1.52 21.02
N LYS C 323 -7.55 -1.41 22.21
CA LYS C 323 -6.54 -0.38 22.46
C LYS C 323 -5.18 -0.77 21.89
N ASP C 324 -4.86 -0.26 20.70
CA ASP C 324 -3.58 -0.58 20.05
C ASP C 324 -2.34 -0.58 20.96
N LEU C 325 -1.29 -1.22 20.46
CA LEU C 325 0.00 -1.40 21.11
C LEU C 325 0.94 -0.20 21.10
N ILE C 326 1.57 0.08 22.24
CA ILE C 326 2.53 1.18 22.29
C ILE C 326 3.86 0.66 22.81
N ALA C 327 4.93 0.90 22.06
CA ALA C 327 6.25 0.47 22.47
C ALA C 327 7.13 1.70 22.51
N GLU C 328 7.74 1.95 23.67
CA GLU C 328 8.62 3.10 23.86
C GLU C 328 10.02 2.63 24.16
N ILE C 329 11.00 3.17 23.43
CA ILE C 329 12.41 2.82 23.58
C ILE C 329 13.16 3.86 24.44
N GLN C 330 14.10 3.39 25.25
CA GLN C 330 14.90 4.30 26.08
C GLN C 330 16.35 4.04 25.70
N LYS C 331 17.18 5.08 25.67
CA LYS C 331 18.59 4.90 25.35
C LYS C 331 19.25 4.68 26.69
N GLN C 332 20.09 3.66 26.81
CA GLN C 332 20.78 3.34 28.06
C GLN C 332 22.25 3.57 27.92
N GLY C 333 23.03 2.94 28.78
CA GLY C 333 24.48 3.06 28.69
C GLY C 333 24.89 2.60 27.31
N GLN C 334 25.82 3.31 26.68
CA GLN C 334 26.26 3.00 25.32
C GLN C 334 26.23 1.48 24.97
N GLY C 335 25.44 1.15 23.95
CA GLY C 335 25.28 -0.22 23.49
C GLY C 335 23.90 -0.76 23.86
N GLN C 336 23.50 -0.53 25.11
CA GLN C 336 22.22 -0.98 25.69
C GLN C 336 20.99 -0.18 25.22
N TRP C 337 19.81 -0.77 25.38
CA TRP C 337 18.52 -0.14 25.02
C TRP C 337 17.36 -0.83 25.77
N THR C 338 16.50 -0.05 26.43
CA THR C 338 15.35 -0.64 27.15
C THR C 338 14.06 -0.23 26.46
N TYR C 339 12.97 -0.93 26.76
CA TYR C 339 11.67 -0.61 26.19
C TYR C 339 10.56 -1.20 27.01
N GLN C 340 9.36 -0.62 26.85
CA GLN C 340 8.17 -1.06 27.56
C GLN C 340 7.06 -1.08 26.53
N ILE C 341 6.24 -2.12 26.53
CA ILE C 341 5.12 -2.25 25.61
C ILE C 341 3.84 -2.14 26.42
N TYR C 342 3.05 -1.11 26.16
CA TYR C 342 1.82 -0.89 26.90
C TYR C 342 0.70 -0.40 26.01
N GLN C 343 -0.50 -0.28 26.56
CA GLN C 343 -1.64 0.17 25.78
C GLN C 343 -2.28 1.34 26.49
N GLU C 344 -2.20 1.30 27.81
CA GLU C 344 -2.75 2.34 28.66
C GLU C 344 -1.56 2.75 29.52
N PRO C 345 -0.99 3.94 29.25
CA PRO C 345 0.14 4.67 29.82
C PRO C 345 1.13 4.11 30.84
N PHE C 346 0.74 3.90 32.09
CA PHE C 346 1.71 3.35 33.04
C PHE C 346 1.47 1.91 33.39
N LYS C 347 0.58 1.28 32.62
CA LYS C 347 0.22 -0.12 32.77
C LYS C 347 0.96 -0.96 31.70
N ASN C 348 2.22 -1.30 31.96
CA ASN C 348 3.00 -2.08 31.02
C ASN C 348 2.39 -3.44 30.74
N LEU C 349 2.72 -4.01 29.58
CA LEU C 349 2.26 -5.35 29.22
C LEU C 349 3.51 -6.23 29.39
N LYS C 350 4.62 -5.72 28.87
CA LYS C 350 5.90 -6.40 28.94
C LYS C 350 7.03 -5.38 28.77
N THR C 351 8.19 -5.69 29.30
CA THR C 351 9.35 -4.81 29.18
C THR C 351 10.52 -5.66 28.74
N GLY C 352 11.36 -5.17 27.83
CA GLY C 352 12.48 -5.97 27.39
C GLY C 352 13.70 -5.13 27.16
N LYS C 353 14.71 -5.68 26.49
CA LYS C 353 15.92 -4.92 26.22
C LYS C 353 16.74 -5.45 25.06
N TYR C 354 17.26 -4.53 24.26
CA TYR C 354 18.07 -4.87 23.10
C TYR C 354 19.51 -4.38 23.32
N ALA C 355 20.48 -5.29 23.28
CA ALA C 355 21.86 -4.91 23.54
C ALA C 355 22.93 -5.41 22.58
N ARG C 356 22.54 -6.16 21.57
CA ARG C 356 23.52 -6.68 20.60
C ARG C 356 24.06 -5.52 19.75
N MET C 357 25.25 -5.68 19.20
CA MET C 357 25.81 -4.63 18.36
C MET C 357 26.22 -5.21 17.02
N ARG C 358 25.38 -5.05 16.00
CA ARG C 358 25.70 -5.57 14.66
C ARG C 358 26.80 -4.73 13.99
N GLY C 359 27.93 -5.36 13.70
CA GLY C 359 29.02 -4.66 13.03
C GLY C 359 30.08 -4.06 13.93
N ALA C 360 31.28 -3.91 13.38
CA ALA C 360 32.42 -3.34 14.10
C ALA C 360 32.16 -1.85 14.38
N HIS C 361 31.90 -1.11 13.30
CA HIS C 361 31.62 0.31 13.39
C HIS C 361 30.11 0.48 13.23
N THR C 362 29.47 1.20 14.13
CA THR C 362 28.02 1.39 14.00
C THR C 362 27.64 2.78 14.52
N ASN C 363 26.37 3.01 14.83
CA ASN C 363 25.94 4.30 15.38
C ASN C 363 24.51 4.29 15.92
N ASP C 364 24.27 5.03 16.99
CA ASP C 364 22.96 5.09 17.63
C ASP C 364 21.71 5.22 16.80
N VAL C 365 21.79 5.70 15.57
CA VAL C 365 20.58 5.77 14.76
C VAL C 365 20.29 4.31 14.42
N LYS C 366 21.31 3.64 13.87
CA LYS C 366 21.25 2.22 13.51
C LYS C 366 20.70 1.40 14.69
N GLN C 367 21.45 1.35 15.79
CA GLN C 367 21.00 0.61 16.95
C GLN C 367 19.55 0.92 17.27
N LEU C 368 19.13 2.18 17.15
CA LEU C 368 17.74 2.44 17.47
C LEU C 368 16.88 1.69 16.45
N THR C 369 17.27 1.72 15.18
CA THR C 369 16.52 1.01 14.15
C THR C 369 16.49 -0.46 14.57
N GLU C 370 17.67 -1.04 14.75
CA GLU C 370 17.79 -2.44 15.15
C GLU C 370 16.91 -2.77 16.34
N ALA C 371 16.71 -1.81 17.23
CA ALA C 371 15.87 -2.02 18.41
C ALA C 371 14.42 -2.10 18.01
N VAL C 372 13.99 -1.11 17.23
CA VAL C 372 12.62 -1.04 16.74
C VAL C 372 12.25 -2.28 15.92
N GLN C 373 13.22 -2.83 15.19
CA GLN C 373 12.97 -4.01 14.37
C GLN C 373 12.67 -5.20 15.27
N LYS C 374 13.47 -5.39 16.31
CA LYS C 374 13.26 -6.48 17.24
C LYS C 374 11.90 -6.38 17.90
N ILE C 375 11.59 -5.21 18.46
CA ILE C 375 10.31 -5.02 19.13
C ILE C 375 9.16 -5.39 18.21
N THR C 376 9.26 -4.97 16.95
CA THR C 376 8.22 -5.26 15.97
C THR C 376 7.95 -6.76 15.89
N THR C 377 8.97 -7.51 15.51
CA THR C 377 8.85 -8.96 15.39
C THR C 377 8.30 -9.63 16.67
N GLU C 378 8.84 -9.25 17.82
CA GLU C 378 8.39 -9.79 19.09
C GLU C 378 6.92 -9.52 19.35
N SER C 379 6.40 -8.45 18.76
CA SER C 379 5.01 -8.08 18.95
C SER C 379 4.18 -8.91 18.04
N ILE C 380 4.63 -8.99 16.79
CA ILE C 380 3.93 -9.79 15.79
C ILE C 380 3.77 -11.19 16.36
N VAL C 381 4.75 -11.61 17.14
CA VAL C 381 4.76 -12.93 17.72
C VAL C 381 3.81 -13.13 18.88
N ILE C 382 3.63 -12.10 19.70
CA ILE C 382 2.77 -12.22 20.87
C ILE C 382 1.36 -11.71 20.61
N TRP C 383 1.24 -10.68 19.78
CA TRP C 383 -0.06 -10.07 19.49
C TRP C 383 -0.45 -10.12 18.03
N GLY C 384 0.48 -10.57 17.18
CA GLY C 384 0.23 -10.66 15.76
C GLY C 384 -0.05 -9.32 15.12
N LYS C 385 0.37 -8.26 15.80
CA LYS C 385 0.15 -6.89 15.34
C LYS C 385 1.44 -6.10 15.60
N THR C 386 1.72 -5.10 14.77
CA THR C 386 2.91 -4.28 14.97
C THR C 386 2.53 -3.13 15.87
N PRO C 387 3.46 -2.66 16.69
CA PRO C 387 3.12 -1.54 17.58
C PRO C 387 3.45 -0.10 17.11
N LYS C 388 2.87 0.87 17.81
CA LYS C 388 3.13 2.30 17.55
C LYS C 388 4.29 2.67 18.45
N PHE C 389 5.29 3.33 17.86
CA PHE C 389 6.48 3.68 18.61
C PHE C 389 6.60 5.11 19.10
N LYS C 390 7.28 5.25 20.23
CA LYS C 390 7.58 6.51 20.87
C LYS C 390 9.09 6.39 21.04
N LEU C 391 9.83 7.10 20.19
CA LEU C 391 11.29 7.02 20.19
C LEU C 391 12.02 8.30 20.56
N PRO C 392 13.18 8.19 21.25
CA PRO C 392 14.01 9.32 21.69
C PRO C 392 14.90 9.79 20.55
N ILE C 393 14.28 10.20 19.46
CA ILE C 393 14.99 10.71 18.28
C ILE C 393 13.99 11.59 17.55
N GLN C 394 14.35 12.85 17.34
CA GLN C 394 13.45 13.77 16.70
C GLN C 394 13.25 13.50 15.22
N LYS C 395 12.00 13.66 14.80
CA LYS C 395 11.63 13.42 13.42
C LYS C 395 12.68 13.99 12.50
N GLU C 396 13.25 15.11 12.92
CA GLU C 396 14.28 15.81 12.16
C GLU C 396 15.56 14.96 11.93
N THR C 397 16.08 14.38 13.01
CA THR C 397 17.29 13.58 12.97
C THR C 397 17.05 12.45 12.00
N TRP C 398 15.92 11.76 12.19
CA TRP C 398 15.53 10.65 11.35
C TRP C 398 15.43 11.08 9.90
N GLU C 399 14.70 12.18 9.64
CA GLU C 399 14.54 12.71 8.28
C GLU C 399 15.86 12.79 7.53
N THR C 400 16.87 13.30 8.20
CA THR C 400 18.18 13.46 7.59
C THR C 400 18.85 12.11 7.38
N TRP C 401 18.87 11.30 8.43
CA TRP C 401 19.51 10.00 8.32
C TRP C 401 18.99 9.18 7.15
N TRP C 402 17.74 8.75 7.22
CA TRP C 402 17.17 7.91 6.18
C TRP C 402 17.20 8.54 4.81
N THR C 403 17.16 9.85 4.77
CA THR C 403 17.16 10.55 3.51
C THR C 403 18.53 10.54 2.84
N GLU C 404 19.59 10.53 3.65
CA GLU C 404 20.94 10.55 3.11
C GLU C 404 21.67 9.21 3.07
N TYR C 405 21.22 8.23 3.85
CA TYR C 405 21.90 6.93 3.87
C TYR C 405 21.67 6.20 2.54
N TRP C 406 22.69 5.51 2.03
CA TRP C 406 22.60 4.80 0.75
C TRP C 406 21.85 3.47 0.82
N GLN C 407 21.67 2.98 2.03
CA GLN C 407 20.98 1.74 2.34
C GLN C 407 19.54 2.20 2.50
N ALA C 408 18.59 1.33 2.17
CA ALA C 408 17.19 1.73 2.32
C ALA C 408 16.77 1.47 3.73
N THR C 409 15.91 2.33 4.29
CA THR C 409 15.46 2.12 5.67
C THR C 409 14.14 2.76 6.00
N TRP C 410 13.58 2.33 7.12
CA TRP C 410 12.28 2.82 7.53
C TRP C 410 12.01 2.41 8.95
N ILE C 411 10.94 2.98 9.50
CA ILE C 411 10.45 2.72 10.85
C ILE C 411 8.94 2.85 10.78
N PRO C 412 8.22 1.91 11.40
CA PRO C 412 6.76 1.98 11.37
C PRO C 412 6.33 3.18 12.21
N GLU C 413 5.08 3.60 12.03
CA GLU C 413 4.54 4.73 12.76
C GLU C 413 5.14 4.96 14.14
N TRP C 414 5.54 6.20 14.39
CA TRP C 414 6.13 6.61 15.66
C TRP C 414 6.01 8.12 15.89
N GLU C 415 6.58 8.58 16.99
CA GLU C 415 6.57 10.00 17.33
C GLU C 415 7.74 10.24 18.27
N PHE C 416 8.26 11.46 18.27
CA PHE C 416 9.39 11.76 19.14
C PHE C 416 8.91 11.91 20.59
N VAL C 417 9.68 11.35 21.51
CA VAL C 417 9.36 11.45 22.93
C VAL C 417 10.60 12.09 23.55
N ASN C 418 10.44 13.35 23.95
CA ASN C 418 11.54 14.10 24.54
C ASN C 418 11.88 13.51 25.90
N THR C 419 13.03 12.84 25.97
CA THR C 419 13.48 12.21 27.21
C THR C 419 14.84 11.60 26.99
N PRO C 420 15.89 12.41 27.03
CA PRO C 420 17.27 11.97 26.84
C PRO C 420 17.66 10.79 27.72
N PRO C 421 18.85 10.23 27.48
CA PRO C 421 19.79 10.65 26.44
C PRO C 421 19.28 10.49 25.02
N LEU C 422 18.75 11.57 24.44
CA LEU C 422 18.23 11.51 23.08
C LEU C 422 19.26 11.02 22.05
N VAL C 423 18.75 10.48 20.95
CA VAL C 423 19.59 9.95 19.88
C VAL C 423 19.73 11.02 18.80
N LYS C 424 20.97 11.26 18.39
CA LYS C 424 21.25 12.26 17.35
C LYS C 424 22.55 11.96 16.62
N LEU C 425 22.61 12.30 15.34
CA LEU C 425 23.85 12.11 14.60
C LEU C 425 24.83 13.17 15.13
N TRP C 426 26.00 12.73 15.59
CA TRP C 426 27.00 13.65 16.15
C TRP C 426 27.78 14.51 15.19
N TYR C 427 27.96 14.07 13.97
CA TYR C 427 28.69 14.92 13.08
C TYR C 427 28.08 14.78 11.70
N GLN C 428 28.66 15.43 10.70
CA GLN C 428 28.09 15.31 9.38
C GLN C 428 29.03 15.66 8.26
N LEU C 429 29.38 14.72 7.40
CA LEU C 429 30.27 15.12 6.35
C LEU C 429 29.62 16.17 5.48
N GLU C 430 30.45 17.03 4.91
CA GLU C 430 29.99 18.11 4.04
C GLU C 430 29.55 17.51 2.73
N LYS C 431 28.74 18.25 2.00
CA LYS C 431 28.25 17.77 0.71
C LYS C 431 29.12 18.30 -0.42
N GLU C 432 29.71 19.48 -0.19
CA GLU C 432 30.57 20.14 -1.17
C GLU C 432 31.98 20.50 -0.60
N PRO C 433 33.03 20.46 -1.47
CA PRO C 433 34.38 20.78 -1.02
C PRO C 433 34.40 22.17 -0.43
N ILE C 434 34.61 22.27 0.88
CA ILE C 434 34.62 23.56 1.56
C ILE C 434 35.86 24.39 1.19
N VAL C 435 35.63 25.67 0.90
CA VAL C 435 36.73 26.59 0.55
C VAL C 435 37.08 27.41 1.79
N GLY C 436 38.37 27.47 2.11
CA GLY C 436 38.81 28.18 3.31
C GLY C 436 39.33 27.13 4.28
N ALA C 437 39.88 26.07 3.71
CA ALA C 437 40.45 24.92 4.44
C ALA C 437 41.33 24.14 3.45
N GLU C 438 42.49 23.70 3.93
CA GLU C 438 43.42 22.97 3.09
C GLU C 438 42.79 21.70 2.60
N THR C 439 43.51 20.98 1.76
CA THR C 439 43.01 19.72 1.26
C THR C 439 44.08 18.64 1.44
N PHE C 440 44.10 18.03 2.62
CA PHE C 440 45.05 16.96 2.94
C PHE C 440 44.88 15.70 2.08
N TYR C 441 45.71 15.51 1.07
CA TYR C 441 45.62 14.31 0.26
C TYR C 441 46.23 13.11 1.02
N VAL C 442 45.40 12.40 1.81
CA VAL C 442 45.86 11.24 2.60
C VAL C 442 46.12 9.98 1.78
N ASP C 443 46.81 9.04 2.41
CA ASP C 443 47.12 7.73 1.84
C ASP C 443 47.91 6.89 2.85
N GLY C 444 48.22 5.65 2.48
CA GLY C 444 48.95 4.74 3.35
C GLY C 444 49.29 3.43 2.64
N ALA C 445 50.08 2.58 3.29
CA ALA C 445 50.47 1.31 2.69
C ALA C 445 51.13 0.44 3.74
N ALA C 446 51.51 -0.78 3.33
CA ALA C 446 52.17 -1.75 4.21
C ALA C 446 52.64 -2.93 3.39
N ASN C 447 53.46 -3.78 4.00
CA ASN C 447 53.98 -4.98 3.33
C ASN C 447 53.49 -6.25 4.03
N ARG C 448 52.75 -7.09 3.29
CA ARG C 448 52.19 -8.32 3.85
C ARG C 448 53.20 -9.27 4.45
N GLU C 449 54.46 -9.10 4.06
CA GLU C 449 55.54 -9.95 4.54
C GLU C 449 56.36 -9.31 5.65
N THR C 450 55.87 -8.20 6.22
CA THR C 450 56.63 -7.52 7.28
C THR C 450 55.78 -6.93 8.40
N LYS C 451 54.48 -6.78 8.13
CA LYS C 451 53.49 -6.24 9.07
C LYS C 451 53.61 -4.74 9.34
N LEU C 452 54.55 -4.08 8.67
CA LEU C 452 54.75 -2.64 8.87
C LEU C 452 54.68 -1.77 7.61
N GLY C 453 54.25 -0.52 7.82
CA GLY C 453 54.14 0.43 6.73
C GLY C 453 53.95 1.85 7.21
N LYS C 454 54.12 2.79 6.28
CA LYS C 454 53.98 4.22 6.55
C LYS C 454 52.60 4.71 6.16
N ALA C 455 52.26 5.93 6.54
CA ALA C 455 50.94 6.47 6.23
C ALA C 455 50.77 7.94 6.59
N GLY C 456 50.65 8.79 5.58
CA GLY C 456 50.47 10.20 5.84
C GLY C 456 50.05 11.05 4.65
N TYR C 457 49.68 12.29 4.96
CA TYR C 457 49.20 13.27 3.98
C TYR C 457 50.23 14.17 3.26
N VAL C 458 49.70 14.95 2.31
CA VAL C 458 50.46 15.87 1.49
C VAL C 458 49.53 16.98 0.99
N THR C 459 49.28 17.98 1.84
CA THR C 459 48.40 19.09 1.49
C THR C 459 48.89 19.95 0.31
N ASN C 460 47.97 20.73 -0.26
CA ASN C 460 48.20 21.60 -1.41
C ASN C 460 49.26 22.69 -1.14
N LYS C 461 49.32 23.09 0.12
CA LYS C 461 50.25 24.09 0.64
C LYS C 461 51.60 23.39 0.88
N GLY C 462 52.07 22.66 -0.12
CA GLY C 462 53.34 21.94 -0.06
C GLY C 462 53.67 21.15 1.21
N ARG C 463 52.75 21.10 2.18
CA ARG C 463 52.96 20.37 3.45
C ARG C 463 53.04 18.82 3.35
N GLN C 464 53.68 18.20 4.36
CA GLN C 464 53.88 16.74 4.50
C GLN C 464 53.72 16.31 5.95
N LYS C 465 53.92 15.00 6.13
CA LYS C 465 53.84 14.24 7.39
C LYS C 465 53.88 12.78 6.91
N VAL C 466 54.45 11.86 7.68
CA VAL C 466 54.55 10.46 7.26
C VAL C 466 54.91 9.53 8.41
N VAL C 467 54.02 9.39 9.39
CA VAL C 467 54.26 8.52 10.56
C VAL C 467 54.45 7.04 10.17
N PRO C 468 55.48 6.38 10.74
CA PRO C 468 55.77 4.97 10.43
C PRO C 468 54.96 4.05 11.33
N LEU C 469 54.49 2.95 10.76
CA LEU C 469 53.68 1.99 11.51
C LEU C 469 54.12 0.55 11.36
N THR C 470 53.98 -0.18 12.46
CA THR C 470 54.31 -1.59 12.48
C THR C 470 53.04 -2.31 12.90
N ASN C 471 52.82 -3.50 12.38
CA ASN C 471 51.63 -4.25 12.73
C ASN C 471 50.39 -3.52 12.20
N THR C 472 50.35 -3.28 10.89
CA THR C 472 49.19 -2.64 10.26
C THR C 472 49.07 -3.22 8.87
N THR C 473 48.12 -2.70 8.12
CA THR C 473 47.89 -3.19 6.76
C THR C 473 47.15 -2.14 6.00
N ASN C 474 47.53 -1.96 4.75
CA ASN C 474 46.91 -0.99 3.86
C ASN C 474 45.67 -0.40 4.48
N GLN C 475 44.72 -1.27 4.78
CA GLN C 475 43.46 -0.85 5.38
C GLN C 475 43.68 -0.06 6.66
N LYS C 476 44.52 -0.60 7.54
CA LYS C 476 44.84 0.05 8.80
C LYS C 476 45.47 1.42 8.47
N THR C 477 46.49 1.43 7.61
CA THR C 477 47.16 2.66 7.25
C THR C 477 46.28 3.68 6.52
N GLU C 478 45.63 3.32 5.41
CA GLU C 478 44.81 4.29 4.69
C GLU C 478 43.78 4.88 5.62
N LEU C 479 43.52 4.18 6.71
CA LEU C 479 42.56 4.61 7.70
C LEU C 479 43.31 5.45 8.72
N GLN C 480 44.63 5.25 8.76
CA GLN C 480 45.54 5.95 9.68
C GLN C 480 45.83 7.35 9.10
N ALA C 481 46.14 7.40 7.80
CA ALA C 481 46.38 8.67 7.12
C ALA C 481 45.24 9.62 7.47
N ILE C 482 44.03 9.23 7.11
CA ILE C 482 42.84 10.02 7.40
C ILE C 482 42.79 10.49 8.88
N TYR C 483 43.47 9.78 9.77
CA TYR C 483 43.45 10.20 11.16
C TYR C 483 44.28 11.46 11.39
N LEU C 484 45.49 11.46 10.84
CA LEU C 484 46.42 12.58 10.95
C LEU C 484 45.73 13.83 10.44
N ALA C 485 45.40 13.82 9.15
CA ALA C 485 44.72 14.93 8.55
C ALA C 485 43.62 15.53 9.44
N LEU C 486 43.08 14.74 10.36
CA LEU C 486 42.02 15.22 11.25
C LEU C 486 42.52 15.89 12.54
N GLN C 487 43.81 15.74 12.82
CA GLN C 487 44.39 16.36 14.00
C GLN C 487 45.15 17.60 13.51
N ASP C 488 46.01 17.36 12.51
CA ASP C 488 46.80 18.39 11.85
C ASP C 488 45.85 19.13 10.94
N SER C 489 44.82 19.73 11.53
CA SER C 489 43.85 20.41 10.71
C SER C 489 42.96 21.35 11.51
N GLY C 490 42.50 22.40 10.84
CA GLY C 490 41.63 23.36 11.50
C GLY C 490 40.22 22.84 11.59
N LEU C 491 39.30 23.66 12.06
CA LEU C 491 37.92 23.22 12.20
C LEU C 491 37.20 23.17 10.85
N GLU C 492 37.99 23.07 9.78
CA GLU C 492 37.50 22.98 8.41
C GLU C 492 38.57 22.34 7.55
N VAL C 493 38.22 21.25 6.87
CA VAL C 493 39.17 20.54 6.03
C VAL C 493 38.55 19.68 4.95
N ASN C 494 39.35 19.46 3.91
CA ASN C 494 38.99 18.62 2.79
C ASN C 494 40.00 17.49 2.86
N ILE C 495 39.53 16.24 2.94
CA ILE C 495 40.47 15.14 2.96
C ILE C 495 40.24 14.39 1.66
N VAL C 496 41.22 13.61 1.24
CA VAL C 496 41.07 12.90 -0.03
C VAL C 496 41.76 11.54 -0.04
N THR C 497 40.93 10.48 -0.11
CA THR C 497 41.44 9.10 -0.14
C THR C 497 41.20 8.40 -1.41
N ASP C 498 41.94 7.30 -1.51
CA ASP C 498 41.91 6.39 -2.65
C ASP C 498 41.22 5.09 -2.17
N SER C 499 40.87 5.04 -0.88
CA SER C 499 40.26 3.86 -0.33
C SER C 499 38.77 3.93 0.01
N GLN C 500 38.03 2.99 -0.57
CA GLN C 500 36.60 2.86 -0.37
C GLN C 500 36.40 2.33 1.03
N TYR C 501 37.26 1.40 1.43
CA TYR C 501 37.18 0.82 2.76
C TYR C 501 37.04 1.90 3.83
N ALA C 502 37.98 2.85 3.76
CA ALA C 502 38.03 3.97 4.69
C ALA C 502 36.82 4.86 4.50
N LEU C 503 36.61 5.31 3.26
CA LEU C 503 35.50 6.21 2.95
C LEU C 503 34.17 5.66 3.43
N GLY C 504 33.94 4.38 3.14
CA GLY C 504 32.71 3.73 3.56
C GLY C 504 32.48 3.79 5.06
N ILE C 505 33.48 3.35 5.84
CA ILE C 505 33.32 3.36 7.28
C ILE C 505 32.85 4.72 7.80
N ILE C 506 33.49 5.78 7.30
CA ILE C 506 33.21 7.17 7.68
C ILE C 506 31.81 7.68 7.34
N GLN C 507 31.45 7.62 6.05
CA GLN C 507 30.16 8.08 5.61
C GLN C 507 28.99 7.56 6.46
N ALA C 508 29.06 6.31 6.88
CA ALA C 508 28.03 5.69 7.73
C ALA C 508 27.73 6.53 8.97
N GLN C 509 28.47 7.63 9.15
CA GLN C 509 28.30 8.51 10.30
C GLN C 509 28.41 7.76 11.63
N PRO C 510 29.39 6.85 11.73
CA PRO C 510 29.61 6.05 12.94
C PRO C 510 29.82 6.89 14.17
N ASP C 511 29.31 6.41 15.29
CA ASP C 511 29.46 7.14 16.52
C ASP C 511 29.93 6.21 17.64
N LYS C 512 30.57 5.12 17.24
CA LYS C 512 31.12 4.10 18.15
C LYS C 512 31.73 3.00 17.30
N SER C 513 32.76 2.34 17.81
CA SER C 513 33.41 1.29 17.06
C SER C 513 34.11 0.28 17.93
N GLU C 514 34.61 -0.75 17.29
CA GLU C 514 35.32 -1.84 17.94
C GLU C 514 36.78 -1.45 18.10
N SER C 515 37.33 -0.73 17.11
CA SER C 515 38.74 -0.29 17.11
C SER C 515 38.88 1.16 17.53
N GLU C 516 39.89 1.42 18.36
CA GLU C 516 40.12 2.78 18.83
C GLU C 516 40.41 3.76 17.71
N LEU C 517 41.36 3.40 16.85
CA LEU C 517 41.75 4.21 15.72
C LEU C 517 40.52 4.93 15.13
N VAL C 518 39.43 4.19 14.98
CA VAL C 518 38.20 4.74 14.43
C VAL C 518 37.42 5.51 15.47
N ASN C 519 37.49 5.11 16.74
CA ASN C 519 36.79 5.87 17.78
C ASN C 519 37.47 7.22 17.88
N GLN C 520 38.77 7.22 17.61
CA GLN C 520 39.55 8.44 17.64
C GLN C 520 39.25 9.25 16.39
N ILE C 521 39.00 8.57 15.27
CA ILE C 521 38.66 9.30 14.05
C ILE C 521 37.26 9.90 14.18
N ILE C 522 36.39 9.21 14.88
CA ILE C 522 35.04 9.71 15.08
C ILE C 522 35.16 10.93 15.98
N GLU C 523 36.09 10.83 16.91
CA GLU C 523 36.40 11.89 17.87
C GLU C 523 36.82 13.18 17.14
N GLN C 524 37.70 13.02 16.16
CA GLN C 524 38.20 14.14 15.37
C GLN C 524 37.07 14.72 14.52
N LEU C 525 36.13 13.88 14.10
CA LEU C 525 35.01 14.33 13.27
C LEU C 525 33.96 15.11 14.05
N ILE C 526 33.60 14.63 15.23
CA ILE C 526 32.62 15.33 16.02
C ILE C 526 33.23 16.65 16.50
N LYS C 527 34.55 16.77 16.36
CA LYS C 527 35.29 17.95 16.79
C LYS C 527 35.53 19.08 15.76
N LYS C 528 35.46 18.77 14.47
CA LYS C 528 35.65 19.80 13.47
C LYS C 528 34.42 20.67 13.38
N GLU C 529 34.18 21.21 12.19
CA GLU C 529 33.03 22.07 11.91
C GLU C 529 32.76 21.99 10.43
N LYS C 530 33.67 21.36 9.71
CA LYS C 530 33.49 21.19 8.28
C LYS C 530 34.47 20.21 7.65
N VAL C 531 34.16 18.93 7.79
CA VAL C 531 34.99 17.90 7.21
C VAL C 531 34.34 17.56 5.89
N TYR C 532 35.15 17.25 4.90
CA TYR C 532 34.62 16.87 3.61
C TYR C 532 35.62 15.93 2.92
N LEU C 533 35.19 14.69 2.64
CA LEU C 533 36.05 13.71 1.97
C LEU C 533 35.58 13.49 0.54
N ALA C 534 36.55 13.30 -0.34
CA ALA C 534 36.32 13.04 -1.73
C ALA C 534 37.15 11.78 -1.98
N TRP C 535 36.78 11.04 -3.01
CA TRP C 535 37.48 9.80 -3.28
C TRP C 535 38.14 9.93 -4.63
N VAL C 536 39.17 9.12 -4.84
CA VAL C 536 39.91 9.10 -6.08
C VAL C 536 40.48 7.70 -6.27
N PRO C 537 40.32 7.18 -7.49
CA PRO C 537 40.80 5.85 -7.88
C PRO C 537 42.31 5.70 -7.77
N ALA C 538 42.78 5.34 -6.58
CA ALA C 538 44.24 5.17 -6.37
C ALA C 538 44.95 4.54 -7.57
N HIS C 539 46.23 4.83 -7.72
CA HIS C 539 47.04 4.28 -8.82
C HIS C 539 46.67 4.80 -10.21
N LYS C 540 46.16 6.03 -10.28
CA LYS C 540 45.81 6.61 -11.58
C LYS C 540 46.61 7.89 -11.85
N GLY C 541 47.04 8.58 -10.80
CA GLY C 541 47.82 9.78 -10.96
C GLY C 541 47.09 11.05 -10.56
N ILE C 542 45.82 10.92 -10.22
CA ILE C 542 45.04 12.08 -9.84
C ILE C 542 45.77 12.95 -8.83
N GLY C 543 45.65 14.26 -9.06
CA GLY C 543 46.24 15.29 -8.23
C GLY C 543 47.17 14.89 -7.11
N GLY C 544 46.90 15.44 -5.93
CA GLY C 544 47.76 15.17 -4.79
C GLY C 544 47.77 13.75 -4.30
N ASN C 545 47.47 12.81 -5.19
CA ASN C 545 47.48 11.44 -4.78
C ASN C 545 48.85 10.85 -5.05
N GLU C 546 49.36 10.99 -6.27
CA GLU C 546 50.70 10.48 -6.59
C GLU C 546 51.60 10.90 -5.42
N GLN C 547 51.48 12.18 -5.04
CA GLN C 547 52.24 12.76 -3.94
C GLN C 547 52.32 11.79 -2.78
N VAL C 548 51.25 11.73 -2.00
CA VAL C 548 51.20 10.84 -0.85
C VAL C 548 51.51 9.40 -1.17
N ASP C 549 51.23 8.97 -2.40
CA ASP C 549 51.48 7.57 -2.75
C ASP C 549 52.95 7.31 -2.57
N LYS C 550 53.78 7.88 -3.45
CA LYS C 550 55.21 7.66 -3.39
C LYS C 550 55.73 7.92 -1.99
N LEU C 551 55.22 8.96 -1.35
CA LEU C 551 55.65 9.30 0.00
C LEU C 551 55.41 8.18 1.02
N VAL C 552 54.37 7.38 0.83
CA VAL C 552 54.09 6.29 1.77
C VAL C 552 54.55 4.92 1.24
N SER C 553 54.56 4.76 -0.08
CA SER C 553 55.03 3.53 -0.73
C SER C 553 56.55 3.51 -0.66
N ALA C 554 57.11 4.41 0.15
CA ALA C 554 58.56 4.52 0.31
C ALA C 554 59.10 3.22 0.89
N GLY C 555 59.65 2.39 0.00
CA GLY C 555 60.15 1.09 0.42
C GLY C 555 59.04 0.07 0.32
N ILE C 556 58.33 0.09 -0.82
CA ILE C 556 57.21 -0.81 -1.15
C ILE C 556 56.76 -0.61 -2.63
N ARG C 557 57.10 0.52 -3.24
CA ARG C 557 56.69 0.75 -4.63
C ARG C 557 57.64 1.58 -5.47
N LYS C 558 57.15 2.06 -6.61
CA LYS C 558 57.93 2.87 -7.54
C LYS C 558 57.09 4.00 -8.11
N PRO D 1 -8.45 -37.29 -4.35
CA PRO D 1 -8.25 -37.63 -5.80
C PRO D 1 -8.72 -36.54 -6.79
N ILE D 2 -7.86 -36.20 -7.75
CA ILE D 2 -8.20 -35.17 -8.72
C ILE D 2 -8.01 -35.51 -10.18
N SER D 3 -6.97 -36.24 -10.55
CA SER D 3 -6.75 -36.62 -11.96
C SER D 3 -6.20 -38.03 -12.19
N PRO D 4 -6.89 -38.84 -13.03
CA PRO D 4 -6.49 -40.22 -13.32
C PRO D 4 -5.10 -40.24 -13.90
N ILE D 5 -4.63 -39.05 -14.27
CA ILE D 5 -3.31 -38.85 -14.85
C ILE D 5 -2.18 -39.45 -14.02
N GLU D 6 -1.17 -40.01 -14.69
CA GLU D 6 -0.02 -40.61 -13.98
C GLU D 6 0.94 -39.49 -13.63
N THR D 7 1.41 -39.52 -12.38
CA THR D 7 2.31 -38.50 -11.86
C THR D 7 3.72 -38.62 -12.38
N VAL D 8 4.29 -37.47 -12.80
CA VAL D 8 5.66 -37.48 -13.30
C VAL D 8 6.55 -37.33 -12.08
N PRO D 9 7.50 -38.28 -11.90
CA PRO D 9 8.50 -38.39 -10.82
C PRO D 9 9.53 -37.28 -10.88
N VAL D 10 9.85 -36.77 -9.70
CA VAL D 10 10.80 -35.69 -9.61
C VAL D 10 11.79 -36.04 -8.53
N LYS D 11 13.06 -35.87 -8.83
CA LYS D 11 14.07 -36.16 -7.83
C LYS D 11 15.01 -34.96 -7.59
N LEU D 12 15.19 -34.60 -6.32
CA LEU D 12 16.06 -33.50 -5.93
C LEU D 12 17.43 -33.65 -6.56
N LYS D 13 18.12 -32.53 -6.76
CA LYS D 13 19.48 -32.52 -7.34
C LYS D 13 20.26 -33.49 -6.46
N PRO D 14 20.98 -34.46 -7.07
CA PRO D 14 21.76 -35.44 -6.29
C PRO D 14 22.62 -34.85 -5.16
N GLY D 15 22.59 -35.52 -4.01
CA GLY D 15 23.38 -35.05 -2.88
C GLY D 15 22.79 -33.90 -2.10
N MET D 16 21.64 -33.40 -2.51
CA MET D 16 20.97 -32.32 -1.78
C MET D 16 19.70 -32.91 -1.16
N ASP D 17 19.31 -32.41 0.01
CA ASP D 17 18.09 -32.93 0.63
C ASP D 17 16.96 -31.91 0.48
N GLY D 18 15.80 -32.21 1.03
CA GLY D 18 14.72 -31.26 0.90
C GLY D 18 14.93 -30.06 1.81
N PRO D 19 14.08 -29.04 1.66
CA PRO D 19 14.15 -27.83 2.45
C PRO D 19 13.86 -28.07 3.92
N LYS D 20 14.64 -27.44 4.80
CA LYS D 20 14.41 -27.54 6.24
C LYS D 20 14.47 -26.09 6.74
N VAL D 21 13.74 -25.22 6.06
CA VAL D 21 13.67 -23.80 6.39
C VAL D 21 12.57 -23.53 7.38
N LYS D 22 12.88 -22.80 8.45
CA LYS D 22 11.94 -22.49 9.52
C LYS D 22 10.85 -21.45 9.19
N GLN D 23 9.69 -21.61 9.83
CA GLN D 23 8.54 -20.73 9.60
C GLN D 23 8.66 -19.43 10.34
N TRP D 24 8.62 -18.32 9.62
CA TRP D 24 8.73 -17.04 10.31
C TRP D 24 7.42 -16.54 10.89
N PRO D 25 7.47 -15.52 11.77
CA PRO D 25 6.27 -14.99 12.39
C PRO D 25 5.27 -14.51 11.36
N LEU D 26 3.99 -14.44 11.77
CA LEU D 26 2.92 -13.98 10.88
C LEU D 26 1.91 -13.15 11.64
N THR D 27 1.46 -12.07 11.01
CA THR D 27 0.48 -11.20 11.65
C THR D 27 -0.84 -11.92 11.69
N GLU D 28 -1.61 -11.69 12.74
CA GLU D 28 -2.91 -12.34 12.90
C GLU D 28 -3.65 -12.40 11.57
N GLU D 29 -3.77 -11.23 10.98
CA GLU D 29 -4.41 -11.01 9.70
C GLU D 29 -4.07 -12.10 8.66
N LYS D 30 -2.79 -12.37 8.49
CA LYS D 30 -2.33 -13.36 7.53
C LYS D 30 -2.60 -14.78 8.01
N ILE D 31 -2.38 -15.04 9.27
CA ILE D 31 -2.62 -16.39 9.81
C ILE D 31 -4.08 -16.76 9.54
N LYS D 32 -4.97 -15.89 10.01
CA LYS D 32 -6.40 -16.09 9.85
C LYS D 32 -6.66 -16.45 8.37
N ALA D 33 -6.13 -15.67 7.44
CA ALA D 33 -6.36 -15.97 6.03
C ALA D 33 -5.68 -17.28 5.66
N LEU D 34 -4.50 -17.52 6.22
CA LEU D 34 -3.77 -18.73 5.91
C LEU D 34 -4.50 -19.96 6.41
N VAL D 35 -5.07 -19.83 7.62
CA VAL D 35 -5.87 -20.89 8.23
C VAL D 35 -7.06 -21.23 7.34
N GLU D 36 -7.82 -20.19 6.97
CA GLU D 36 -8.99 -20.38 6.12
C GLU D 36 -8.65 -21.03 4.77
N ILE D 37 -7.63 -20.53 4.08
CA ILE D 37 -7.24 -21.09 2.79
C ILE D 37 -6.77 -22.55 2.94
N CYS D 38 -6.15 -22.86 4.07
CA CYS D 38 -5.65 -24.20 4.29
C CYS D 38 -6.73 -25.19 4.71
N THR D 39 -7.67 -24.74 5.54
CA THR D 39 -8.76 -25.61 5.96
C THR D 39 -9.53 -26.08 4.75
N GLU D 40 -9.85 -25.15 3.84
CA GLU D 40 -10.60 -25.52 2.67
C GLU D 40 -9.80 -26.27 1.64
N MET D 41 -8.50 -26.03 1.58
CA MET D 41 -7.65 -26.75 0.63
C MET D 41 -7.52 -28.21 1.09
N GLU D 42 -7.71 -28.37 2.38
CA GLU D 42 -7.66 -29.64 3.09
C GLU D 42 -8.94 -30.45 2.75
N LYS D 43 -10.10 -29.80 2.90
CA LYS D 43 -11.35 -30.44 2.62
C LYS D 43 -11.28 -31.02 1.22
N GLU D 44 -11.09 -30.15 0.22
CA GLU D 44 -10.99 -30.59 -1.17
C GLU D 44 -9.82 -31.54 -1.39
N GLY D 45 -9.09 -31.87 -0.32
CA GLY D 45 -7.97 -32.80 -0.43
C GLY D 45 -6.74 -32.46 -1.30
N LYS D 46 -6.36 -31.18 -1.32
CA LYS D 46 -5.23 -30.73 -2.09
C LYS D 46 -3.96 -30.81 -1.27
N ILE D 47 -4.12 -30.63 0.05
CA ILE D 47 -3.01 -30.75 0.99
C ILE D 47 -3.50 -31.79 2.00
N SER D 48 -2.63 -32.19 2.91
CA SER D 48 -2.98 -33.19 3.92
C SER D 48 -2.32 -32.87 5.23
N LYS D 49 -3.04 -33.05 6.34
CA LYS D 49 -2.39 -32.81 7.63
C LYS D 49 -1.21 -33.78 7.73
N ILE D 50 -0.15 -33.38 8.43
CA ILE D 50 1.05 -34.22 8.64
C ILE D 50 1.64 -33.73 9.92
N GLY D 51 2.49 -34.55 10.55
CA GLY D 51 3.13 -34.19 11.82
C GLY D 51 4.66 -34.08 11.81
N PRO D 52 5.32 -34.27 12.96
CA PRO D 52 6.77 -34.18 13.10
C PRO D 52 7.56 -35.22 12.34
N GLU D 53 6.91 -36.32 11.96
CA GLU D 53 7.65 -37.36 11.22
C GLU D 53 8.28 -36.82 9.93
N ASN D 54 7.68 -35.78 9.34
CA ASN D 54 8.20 -35.17 8.12
C ASN D 54 9.17 -34.05 8.53
N PRO D 55 10.50 -34.30 8.40
CA PRO D 55 11.63 -33.45 8.71
C PRO D 55 11.90 -32.29 7.76
N TYR D 56 10.97 -31.99 6.87
CA TYR D 56 11.14 -30.89 5.94
C TYR D 56 10.17 -29.76 6.21
N ASN D 57 10.51 -28.60 5.70
CA ASN D 57 9.65 -27.45 5.87
C ASN D 57 10.04 -26.32 4.94
N THR D 58 9.03 -25.50 4.62
CA THR D 58 9.18 -24.34 3.78
C THR D 58 8.27 -23.31 4.43
N PRO D 59 8.66 -22.05 4.41
CA PRO D 59 7.73 -21.15 5.09
C PRO D 59 6.52 -20.69 4.28
N VAL D 60 5.48 -20.26 5.00
CA VAL D 60 4.30 -19.77 4.32
C VAL D 60 3.88 -18.47 4.88
N PHE D 61 3.24 -17.69 4.02
CA PHE D 61 2.68 -16.43 4.39
C PHE D 61 1.63 -16.19 3.30
N ALA D 62 0.84 -15.12 3.47
CA ALA D 62 -0.20 -14.76 2.51
C ALA D 62 -0.11 -13.26 2.25
N ILE D 63 -0.56 -12.84 1.07
CA ILE D 63 -0.58 -11.44 0.69
C ILE D 63 -2.00 -11.07 0.28
N LYS D 64 -2.54 -9.96 0.76
CA LYS D 64 -3.89 -9.57 0.34
C LYS D 64 -3.68 -8.76 -0.93
N LYS D 65 -3.92 -9.39 -2.07
CA LYS D 65 -3.70 -8.70 -3.33
C LYS D 65 -4.55 -7.46 -3.59
N LYS D 66 -3.87 -6.32 -3.79
CA LYS D 66 -4.51 -5.04 -4.08
C LYS D 66 -5.19 -5.30 -5.41
N ASP D 67 -4.65 -6.29 -6.09
CA ASP D 67 -5.16 -6.72 -7.37
C ASP D 67 -6.65 -7.03 -7.28
N SER D 68 -6.99 -8.06 -6.52
CA SER D 68 -8.36 -8.54 -6.38
C SER D 68 -9.00 -8.50 -5.00
N THR D 69 -8.33 -7.91 -4.02
CA THR D 69 -8.86 -7.85 -2.64
C THR D 69 -8.86 -9.21 -1.93
N LYS D 70 -8.76 -10.29 -2.69
CA LYS D 70 -8.77 -11.63 -2.11
C LYS D 70 -7.38 -12.06 -1.68
N TRP D 71 -7.29 -12.67 -0.50
CA TRP D 71 -6.03 -13.16 -0.01
C TRP D 71 -5.47 -14.24 -0.92
N ARG D 72 -4.16 -14.41 -0.85
CA ARG D 72 -3.48 -15.39 -1.67
C ARG D 72 -2.45 -16.09 -0.78
N LYS D 73 -2.52 -17.41 -0.68
CA LYS D 73 -1.53 -18.11 0.12
C LYS D 73 -0.29 -18.01 -0.73
N LEU D 74 0.86 -17.99 -0.05
CA LEU D 74 2.16 -17.92 -0.70
C LEU D 74 3.16 -18.80 0.09
N VAL D 75 3.75 -19.76 -0.61
CA VAL D 75 4.70 -20.64 0.04
C VAL D 75 6.01 -20.29 -0.61
N ASP D 76 6.96 -19.85 0.20
CA ASP D 76 8.28 -19.47 -0.30
C ASP D 76 9.09 -20.71 -0.66
N PHE D 77 8.87 -21.20 -1.88
CA PHE D 77 9.53 -22.41 -2.33
C PHE D 77 10.88 -22.22 -3.03
N ARG D 78 11.60 -21.14 -2.69
CA ARG D 78 12.90 -20.87 -3.32
C ARG D 78 13.95 -21.97 -3.05
N GLU D 79 13.99 -22.48 -1.83
CA GLU D 79 14.93 -23.54 -1.54
C GLU D 79 14.61 -24.73 -2.43
N LEU D 80 13.38 -25.20 -2.33
CA LEU D 80 12.93 -26.36 -3.08
C LEU D 80 13.14 -26.18 -4.55
N ASN D 81 12.90 -24.97 -5.05
CA ASN D 81 13.10 -24.74 -6.49
C ASN D 81 14.56 -24.92 -6.85
N LYS D 82 15.43 -24.44 -5.97
CA LYS D 82 16.86 -24.54 -6.18
C LYS D 82 17.26 -26.02 -6.11
N ARG D 83 16.74 -26.73 -5.12
CA ARG D 83 17.06 -28.14 -4.95
C ARG D 83 16.52 -29.06 -6.04
N THR D 84 15.71 -28.54 -6.97
CA THR D 84 15.14 -29.36 -8.06
C THR D 84 15.24 -28.64 -9.41
N GLN D 85 16.38 -28.00 -9.67
CA GLN D 85 16.63 -27.22 -10.90
C GLN D 85 16.90 -27.97 -12.22
N ASP D 86 17.19 -29.26 -12.16
CA ASP D 86 17.45 -30.03 -13.36
C ASP D 86 16.10 -30.34 -13.99
N PHE D 87 15.11 -30.58 -13.14
CA PHE D 87 13.76 -30.92 -13.57
C PHE D 87 12.99 -29.87 -14.39
N TRP D 88 12.74 -28.73 -13.77
CA TRP D 88 11.99 -27.67 -14.41
C TRP D 88 12.76 -26.75 -15.37
N GLU D 89 14.09 -26.83 -15.40
CA GLU D 89 14.90 -25.96 -16.27
C GLU D 89 15.55 -26.64 -17.48
N VAL D 90 16.33 -27.69 -17.22
CA VAL D 90 17.05 -28.44 -18.25
C VAL D 90 16.16 -29.43 -18.99
N GLN D 91 15.45 -30.24 -18.22
CA GLN D 91 14.58 -31.27 -18.77
C GLN D 91 13.27 -30.78 -19.38
N LEU D 92 12.40 -30.20 -18.56
CA LEU D 92 11.10 -29.72 -19.03
C LEU D 92 10.99 -28.20 -19.01
N GLY D 93 12.02 -27.52 -19.49
CA GLY D 93 11.99 -26.07 -19.48
C GLY D 93 11.02 -25.52 -20.51
N ILE D 94 10.24 -24.53 -20.11
CA ILE D 94 9.28 -23.91 -21.02
C ILE D 94 9.92 -22.74 -21.79
N PRO D 95 10.04 -22.85 -23.13
CA PRO D 95 10.61 -21.89 -24.10
C PRO D 95 10.14 -20.45 -23.91
N HIS D 96 10.97 -19.50 -24.28
CA HIS D 96 10.61 -18.10 -24.09
C HIS D 96 10.30 -17.36 -25.40
N PRO D 97 9.24 -16.56 -25.41
CA PRO D 97 8.87 -15.82 -26.62
C PRO D 97 9.68 -14.55 -26.76
N ALA D 98 10.55 -14.51 -27.77
CA ALA D 98 11.33 -13.32 -27.96
C ALA D 98 10.33 -12.17 -28.08
N GLY D 99 9.33 -12.37 -28.94
CA GLY D 99 8.32 -11.35 -29.18
C GLY D 99 7.51 -10.80 -28.02
N LEU D 100 7.52 -11.44 -26.87
CA LEU D 100 6.70 -10.93 -25.80
C LEU D 100 7.14 -9.53 -25.36
N LYS D 101 8.45 -9.26 -25.45
CA LYS D 101 9.01 -7.95 -25.06
C LYS D 101 8.48 -6.87 -25.99
N LYS D 102 8.24 -7.27 -27.25
CA LYS D 102 7.75 -6.39 -28.31
C LYS D 102 6.26 -6.00 -28.37
N LYS D 103 5.38 -6.57 -27.55
CA LYS D 103 3.97 -6.16 -27.62
C LYS D 103 3.77 -4.79 -26.98
N LYS D 104 2.66 -4.12 -27.28
CA LYS D 104 2.44 -2.80 -26.69
C LYS D 104 1.76 -2.91 -25.35
N SER D 105 0.97 -3.97 -25.21
CA SER D 105 0.29 -4.24 -23.96
C SER D 105 0.46 -5.70 -23.66
N VAL D 106 0.70 -6.01 -22.38
CA VAL D 106 0.87 -7.41 -21.93
C VAL D 106 0.25 -7.49 -20.54
N THR D 107 -0.75 -8.37 -20.39
CA THR D 107 -1.44 -8.56 -19.10
C THR D 107 -0.95 -9.85 -18.46
N VAL D 108 -1.05 -9.88 -17.13
CA VAL D 108 -0.66 -11.04 -16.37
C VAL D 108 -1.89 -11.67 -15.71
N LEU D 109 -2.04 -12.96 -15.91
CA LEU D 109 -3.15 -13.72 -15.32
C LEU D 109 -2.54 -14.69 -14.30
N ASP D 110 -3.14 -14.72 -13.10
CA ASP D 110 -2.65 -15.63 -12.07
C ASP D 110 -3.33 -16.99 -12.26
N VAL D 111 -2.65 -17.92 -12.89
CA VAL D 111 -3.32 -19.20 -13.12
C VAL D 111 -2.80 -20.36 -12.28
N GLY D 112 -2.62 -20.09 -10.98
CA GLY D 112 -2.15 -21.10 -10.04
C GLY D 112 -3.08 -22.29 -9.92
N ASP D 113 -4.36 -21.99 -9.80
CA ASP D 113 -5.41 -22.99 -9.65
C ASP D 113 -5.24 -24.13 -10.61
N ALA D 114 -4.88 -23.83 -11.84
CA ALA D 114 -4.74 -24.89 -12.82
C ALA D 114 -3.99 -26.07 -12.19
N TYR D 115 -3.07 -25.75 -11.30
CA TYR D 115 -2.26 -26.76 -10.64
C TYR D 115 -2.96 -27.74 -9.72
N PHE D 116 -3.95 -27.28 -8.96
CA PHE D 116 -4.67 -28.15 -8.03
C PHE D 116 -5.41 -29.32 -8.68
N SER D 117 -5.20 -29.52 -9.96
CA SER D 117 -5.89 -30.59 -10.66
C SER D 117 -4.92 -31.56 -11.28
N VAL D 118 -3.78 -31.74 -10.63
CA VAL D 118 -2.78 -32.68 -11.11
C VAL D 118 -2.12 -33.28 -9.92
N PRO D 119 -2.07 -34.61 -9.88
CA PRO D 119 -1.42 -35.21 -8.72
C PRO D 119 0.10 -34.97 -8.74
N LEU D 120 0.64 -34.74 -7.55
CA LEU D 120 2.06 -34.51 -7.36
C LEU D 120 2.71 -35.86 -7.04
N ASP D 121 3.82 -36.16 -7.71
CA ASP D 121 4.52 -37.42 -7.49
C ASP D 121 4.53 -37.77 -6.01
N GLU D 122 3.89 -38.88 -5.71
CA GLU D 122 3.72 -39.36 -4.36
C GLU D 122 4.93 -39.34 -3.48
N ASP D 123 6.10 -39.62 -4.02
CA ASP D 123 7.29 -39.60 -3.18
C ASP D 123 7.71 -38.20 -2.88
N PHE D 124 7.69 -37.37 -3.91
CA PHE D 124 8.11 -35.98 -3.79
C PHE D 124 7.35 -35.12 -2.81
N ARG D 125 6.16 -35.55 -2.42
CA ARG D 125 5.34 -34.78 -1.51
C ARG D 125 5.86 -34.36 -0.18
N LYS D 126 6.70 -35.17 0.46
CA LYS D 126 7.22 -34.81 1.78
C LYS D 126 8.01 -33.50 1.74
N TYR D 127 8.55 -33.17 0.56
CA TYR D 127 9.31 -31.95 0.41
C TYR D 127 8.53 -30.65 0.38
N THR D 128 7.21 -30.73 0.24
CA THR D 128 6.42 -29.50 0.16
C THR D 128 5.73 -29.14 1.46
N ALA D 129 6.17 -29.77 2.54
CA ALA D 129 5.60 -29.50 3.85
C ALA D 129 5.72 -28.04 4.29
N PHE D 130 4.72 -27.57 5.05
CA PHE D 130 4.76 -26.22 5.61
C PHE D 130 4.05 -26.15 6.95
N THR D 131 4.31 -25.12 7.74
CA THR D 131 3.72 -25.03 9.07
C THR D 131 2.98 -23.74 9.32
N ILE D 132 1.89 -23.77 10.07
CA ILE D 132 1.15 -22.55 10.34
C ILE D 132 1.38 -22.19 11.80
N PRO D 133 1.89 -20.98 12.05
CA PRO D 133 2.20 -20.44 13.37
C PRO D 133 0.95 -19.99 14.04
N SER D 134 1.03 -19.76 15.35
CA SER D 134 -0.15 -19.32 16.08
C SER D 134 0.17 -18.15 17.01
N ILE D 135 -0.65 -17.08 16.93
CA ILE D 135 -0.46 -15.88 17.75
C ILE D 135 -0.13 -16.26 19.17
N ASN D 136 0.91 -15.64 19.68
CA ASN D 136 1.37 -15.92 21.03
C ASN D 136 1.61 -17.42 21.32
N ASN D 137 1.85 -18.18 20.26
CA ASN D 137 2.14 -19.59 20.43
C ASN D 137 1.17 -20.25 21.36
N GLU D 138 -0.11 -20.14 21.03
CA GLU D 138 -1.17 -20.72 21.84
C GLU D 138 -1.22 -22.24 21.65
N THR D 139 -0.71 -22.70 20.51
CA THR D 139 -0.70 -24.15 20.19
C THR D 139 0.51 -24.47 19.32
N PRO D 140 0.81 -25.75 19.15
CA PRO D 140 1.97 -26.00 18.28
C PRO D 140 1.60 -25.66 16.83
N GLY D 141 2.57 -25.78 15.93
CA GLY D 141 2.28 -25.44 14.55
C GLY D 141 1.45 -26.52 13.91
N ILE D 142 0.66 -26.15 12.91
CA ILE D 142 -0.20 -27.08 12.17
C ILE D 142 0.53 -27.34 10.85
N ARG D 143 0.86 -28.58 10.57
CA ARG D 143 1.60 -28.83 9.36
C ARG D 143 0.78 -29.48 8.26
N TYR D 144 1.27 -29.38 7.02
CA TYR D 144 0.59 -29.92 5.84
C TYR D 144 1.60 -30.20 4.76
N GLN D 145 1.12 -30.79 3.68
CA GLN D 145 1.92 -31.01 2.49
C GLN D 145 0.98 -31.19 1.31
N TYR D 146 1.53 -31.09 0.11
CA TYR D 146 0.71 -31.13 -1.10
C TYR D 146 0.50 -32.52 -1.69
N ASN D 147 -0.57 -32.68 -2.47
CA ASN D 147 -0.84 -33.93 -3.19
C ASN D 147 -0.98 -33.52 -4.66
N VAL D 148 -1.46 -32.31 -4.86
CA VAL D 148 -1.55 -31.74 -6.20
C VAL D 148 -0.27 -30.90 -6.41
N LEU D 149 -0.03 -30.44 -7.64
CA LEU D 149 1.14 -29.62 -7.91
C LEU D 149 0.98 -28.35 -7.06
N PRO D 150 2.03 -27.96 -6.32
CA PRO D 150 1.87 -26.75 -5.50
C PRO D 150 2.13 -25.48 -6.32
N GLN D 151 1.55 -24.35 -5.90
CA GLN D 151 1.72 -23.09 -6.61
C GLN D 151 3.05 -22.52 -6.17
N GLY D 152 3.81 -21.93 -7.09
CA GLY D 152 5.06 -21.38 -6.65
C GLY D 152 6.21 -22.37 -6.67
N TRP D 153 5.95 -23.60 -7.09
CA TRP D 153 7.02 -24.54 -7.20
C TRP D 153 7.30 -24.60 -8.67
N LYS D 154 8.56 -24.42 -9.04
CA LYS D 154 8.95 -24.40 -10.44
C LYS D 154 8.60 -25.69 -11.17
N GLY D 155 8.35 -26.76 -10.44
CA GLY D 155 8.00 -28.02 -11.09
C GLY D 155 6.62 -28.04 -11.78
N SER D 156 5.65 -27.41 -11.12
CA SER D 156 4.29 -27.34 -11.60
C SER D 156 4.12 -26.87 -13.04
N PRO D 157 4.53 -25.63 -13.32
CA PRO D 157 4.37 -25.14 -14.69
C PRO D 157 5.03 -26.07 -15.71
N ALA D 158 6.08 -26.76 -15.27
CA ALA D 158 6.84 -27.67 -16.12
C ALA D 158 6.04 -28.90 -16.46
N ILE D 159 5.39 -29.44 -15.44
CA ILE D 159 4.57 -30.63 -15.56
C ILE D 159 3.28 -30.32 -16.30
N PHE D 160 2.53 -29.33 -15.77
CA PHE D 160 1.24 -28.88 -16.30
C PHE D 160 1.29 -28.29 -17.69
N GLN D 161 2.50 -28.15 -18.21
CA GLN D 161 2.75 -27.60 -19.51
C GLN D 161 2.03 -28.34 -20.66
N SER D 162 1.98 -29.66 -20.63
CA SER D 162 1.30 -30.36 -21.72
C SER D 162 -0.16 -30.02 -21.70
N SER D 163 -0.74 -30.02 -20.52
CA SER D 163 -2.14 -29.66 -20.33
C SER D 163 -2.35 -28.20 -20.76
N MET D 164 -1.43 -27.32 -20.37
CA MET D 164 -1.57 -25.90 -20.72
C MET D 164 -1.56 -25.70 -22.23
N THR D 165 -0.56 -26.26 -22.91
CA THR D 165 -0.46 -26.15 -24.36
C THR D 165 -1.80 -26.58 -24.96
N LYS D 166 -2.32 -27.71 -24.49
CA LYS D 166 -3.59 -28.18 -24.99
C LYS D 166 -4.60 -27.06 -24.74
N ILE D 167 -4.91 -26.77 -23.49
CA ILE D 167 -5.87 -25.71 -23.18
C ILE D 167 -5.81 -24.46 -24.07
N LEU D 168 -4.62 -24.07 -24.50
CA LEU D 168 -4.47 -22.86 -25.32
C LEU D 168 -4.51 -23.00 -26.84
N GLU D 169 -4.51 -24.23 -27.35
CA GLU D 169 -4.54 -24.47 -28.81
C GLU D 169 -5.64 -23.65 -29.49
N PRO D 170 -6.88 -23.73 -28.97
CA PRO D 170 -8.03 -22.98 -29.52
C PRO D 170 -7.71 -21.50 -29.64
N PHE D 171 -7.77 -20.82 -28.50
CA PHE D 171 -7.51 -19.37 -28.37
C PHE D 171 -6.30 -18.86 -29.12
N LYS D 172 -5.21 -19.62 -29.14
CA LYS D 172 -4.03 -19.19 -29.83
C LYS D 172 -4.14 -19.25 -31.35
N LYS D 173 -4.94 -20.18 -31.87
CA LYS D 173 -5.06 -20.28 -33.34
C LYS D 173 -6.07 -19.25 -33.89
N GLN D 174 -6.94 -18.74 -33.02
CA GLN D 174 -7.93 -17.73 -33.39
C GLN D 174 -7.43 -16.34 -32.95
N ASN D 175 -6.11 -16.24 -32.77
CA ASN D 175 -5.43 -15.01 -32.38
C ASN D 175 -3.94 -15.09 -32.57
N PRO D 176 -3.50 -15.68 -33.70
CA PRO D 176 -2.09 -15.85 -34.06
C PRO D 176 -1.21 -14.63 -33.83
N ASP D 177 -1.79 -13.57 -33.29
CA ASP D 177 -1.02 -12.35 -33.04
C ASP D 177 -0.81 -12.06 -31.57
N ILE D 178 -1.56 -12.77 -30.71
CA ILE D 178 -1.41 -12.57 -29.30
C ILE D 178 -0.28 -13.47 -28.88
N VAL D 179 0.41 -13.08 -27.81
CA VAL D 179 1.52 -13.89 -27.32
C VAL D 179 1.26 -14.28 -25.89
N ILE D 180 1.46 -15.57 -25.63
CA ILE D 180 1.25 -16.11 -24.31
C ILE D 180 2.52 -16.84 -23.81
N TYR D 181 2.88 -16.54 -22.55
CA TYR D 181 4.05 -17.13 -21.94
C TYR D 181 3.69 -17.47 -20.52
N GLN D 182 4.02 -18.70 -20.13
CA GLN D 182 3.79 -19.16 -18.77
C GLN D 182 5.07 -19.09 -17.93
N TYR D 183 5.02 -18.34 -16.83
CA TYR D 183 6.18 -18.29 -15.96
C TYR D 183 5.60 -18.58 -14.59
N MET D 184 5.84 -19.79 -14.08
CA MET D 184 5.30 -20.22 -12.78
C MET D 184 3.77 -20.13 -12.65
N ASP D 185 3.25 -19.41 -11.65
CA ASP D 185 1.80 -19.27 -11.51
C ASP D 185 1.15 -18.19 -12.43
N ASP D 186 1.89 -17.65 -13.39
CA ASP D 186 1.35 -16.60 -14.22
C ASP D 186 1.32 -16.83 -15.73
N LEU D 187 0.44 -16.10 -16.40
CA LEU D 187 0.33 -16.18 -17.83
C LEU D 187 0.51 -14.77 -18.38
N TYR D 188 1.58 -14.58 -19.15
CA TYR D 188 1.88 -13.28 -19.73
C TYR D 188 1.24 -13.22 -21.11
N VAL D 189 0.21 -12.38 -21.23
CA VAL D 189 -0.54 -12.23 -22.48
C VAL D 189 -0.28 -10.87 -23.09
N GLY D 190 0.24 -10.86 -24.32
CA GLY D 190 0.52 -9.58 -24.95
C GLY D 190 -0.04 -9.39 -26.34
N SER D 191 -0.63 -8.21 -26.58
CA SER D 191 -1.20 -7.88 -27.88
C SER D 191 -0.83 -6.50 -28.34
N ASP D 192 -1.08 -6.28 -29.62
CA ASP D 192 -0.84 -4.98 -30.21
C ASP D 192 -2.18 -4.30 -30.47
N LEU D 193 -3.25 -4.89 -29.95
CA LEU D 193 -4.57 -4.33 -30.12
C LEU D 193 -4.64 -3.04 -29.34
N GLU D 194 -5.61 -2.20 -29.70
CA GLU D 194 -5.86 -0.95 -29.00
C GLU D 194 -6.04 -1.43 -27.55
N ILE D 195 -5.77 -0.58 -26.57
CA ILE D 195 -5.92 -1.05 -25.21
C ILE D 195 -7.32 -1.66 -25.00
N GLY D 196 -8.38 -0.90 -25.27
CA GLY D 196 -9.73 -1.41 -25.09
C GLY D 196 -9.99 -2.76 -25.72
N GLN D 197 -9.41 -3.02 -26.89
CA GLN D 197 -9.60 -4.30 -27.55
C GLN D 197 -8.74 -5.35 -26.86
N HIS D 198 -7.62 -4.90 -26.31
CA HIS D 198 -6.74 -5.79 -25.58
C HIS D 198 -7.50 -6.22 -24.34
N ARG D 199 -7.84 -5.24 -23.50
CA ARG D 199 -8.59 -5.49 -22.28
C ARG D 199 -9.72 -6.47 -22.57
N THR D 200 -10.24 -6.44 -23.79
CA THR D 200 -11.32 -7.35 -24.14
C THR D 200 -10.81 -8.76 -24.39
N LYS D 201 -9.88 -8.92 -25.32
CA LYS D 201 -9.30 -10.23 -25.63
C LYS D 201 -8.86 -10.94 -24.34
N ILE D 202 -8.47 -10.18 -23.32
CA ILE D 202 -8.07 -10.78 -22.06
C ILE D 202 -9.29 -11.45 -21.46
N GLU D 203 -10.37 -10.68 -21.28
CA GLU D 203 -11.58 -11.28 -20.75
C GLU D 203 -11.98 -12.49 -21.58
N GLU D 204 -11.71 -12.44 -22.88
CA GLU D 204 -12.03 -13.55 -23.74
C GLU D 204 -11.17 -14.74 -23.40
N LEU D 205 -9.91 -14.50 -23.04
CA LEU D 205 -9.01 -15.61 -22.68
C LEU D 205 -9.49 -16.14 -21.37
N ARG D 206 -9.83 -15.22 -20.47
CA ARG D 206 -10.33 -15.59 -19.16
C ARG D 206 -11.51 -16.56 -19.30
N GLN D 207 -12.30 -16.33 -20.33
CA GLN D 207 -13.48 -17.14 -20.65
C GLN D 207 -13.09 -18.54 -21.11
N HIS D 208 -12.27 -18.59 -22.15
CA HIS D 208 -11.81 -19.83 -22.71
C HIS D 208 -11.21 -20.72 -21.63
N LEU D 209 -10.50 -20.10 -20.70
CA LEU D 209 -9.87 -20.85 -19.63
C LEU D 209 -10.95 -21.43 -18.75
N LEU D 210 -11.97 -20.63 -18.48
CA LEU D 210 -13.06 -21.07 -17.63
C LEU D 210 -13.77 -22.25 -18.26
N ARG D 211 -14.09 -22.10 -19.55
CA ARG D 211 -14.75 -23.17 -20.32
C ARG D 211 -13.72 -24.33 -20.40
N TRP D 212 -12.99 -24.58 -19.32
CA TRP D 212 -12.01 -25.65 -19.37
C TRP D 212 -11.47 -26.01 -17.99
N GLY D 213 -12.04 -25.37 -16.96
CA GLY D 213 -11.65 -25.62 -15.58
C GLY D 213 -10.90 -24.47 -14.90
N LEU D 214 -9.95 -23.90 -15.60
CA LEU D 214 -9.15 -22.82 -15.06
C LEU D 214 -9.84 -21.54 -14.65
N THR D 215 -9.91 -21.29 -13.35
CA THR D 215 -10.47 -20.03 -12.89
C THR D 215 -9.27 -19.10 -12.72
N THR D 216 -9.45 -17.79 -12.88
CA THR D 216 -8.39 -16.78 -12.68
C THR D 216 -9.04 -15.64 -11.93
N PRO D 217 -8.36 -15.08 -10.93
CA PRO D 217 -8.82 -13.97 -10.09
C PRO D 217 -9.59 -12.80 -10.74
N ASP D 218 -10.61 -12.30 -10.04
CA ASP D 218 -11.39 -11.17 -10.52
C ASP D 218 -10.70 -9.90 -10.08
N LYS D 219 -10.11 -9.18 -11.03
CA LYS D 219 -9.41 -7.97 -10.68
C LYS D 219 -10.42 -6.82 -10.54
N LYS D 220 -10.27 -6.02 -9.48
CA LYS D 220 -11.12 -4.86 -9.18
C LYS D 220 -10.83 -3.73 -10.16
N HIS D 221 -11.79 -2.85 -10.37
CA HIS D 221 -11.65 -1.71 -11.29
C HIS D 221 -12.42 -0.61 -10.59
N GLN D 222 -11.85 0.05 -9.57
CA GLN D 222 -12.65 1.06 -8.87
C GLN D 222 -12.95 2.26 -9.74
N LYS D 223 -14.09 2.84 -9.40
CA LYS D 223 -14.67 3.97 -10.08
C LYS D 223 -14.23 5.29 -9.47
N GLU D 224 -13.64 5.22 -8.28
CA GLU D 224 -13.12 6.41 -7.62
C GLU D 224 -11.64 6.39 -7.93
N PRO D 225 -11.01 7.56 -7.97
CA PRO D 225 -9.57 7.71 -8.27
C PRO D 225 -8.63 7.44 -7.07
N PRO D 226 -7.39 7.00 -7.34
CA PRO D 226 -6.77 6.73 -8.64
C PRO D 226 -7.25 5.45 -9.31
N PHE D 227 -7.47 5.52 -10.62
CA PHE D 227 -7.91 4.36 -11.37
C PHE D 227 -6.70 3.47 -11.59
N LEU D 228 -6.21 2.93 -10.48
CA LEU D 228 -5.03 2.07 -10.44
C LEU D 228 -5.13 0.95 -11.44
N TRP D 229 -6.33 0.37 -11.57
CA TRP D 229 -6.53 -0.72 -12.50
C TRP D 229 -6.04 -0.42 -13.94
N MET D 230 -5.74 0.84 -14.22
CA MET D 230 -5.27 1.24 -15.55
C MET D 230 -3.84 0.78 -15.79
N GLY D 231 -3.18 0.34 -14.70
CA GLY D 231 -1.80 -0.12 -14.77
C GLY D 231 -1.70 -1.60 -15.06
N TYR D 232 -2.78 -2.33 -14.79
CA TYR D 232 -2.78 -3.77 -15.04
C TYR D 232 -1.94 -4.12 -16.25
N GLU D 233 -2.18 -3.47 -17.39
CA GLU D 233 -1.38 -3.81 -18.56
C GLU D 233 0.06 -3.34 -18.44
N LEU D 234 0.98 -4.11 -19.02
CA LEU D 234 2.39 -3.77 -19.04
C LEU D 234 2.63 -3.27 -20.46
N HIS D 235 3.49 -2.26 -20.60
CA HIS D 235 3.79 -1.74 -21.93
C HIS D 235 5.29 -1.73 -22.23
N PRO D 236 5.85 -2.91 -22.61
CA PRO D 236 7.25 -3.19 -22.94
C PRO D 236 7.96 -2.23 -23.92
N ASP D 237 7.42 -1.02 -24.09
CA ASP D 237 8.00 -0.01 -24.99
C ASP D 237 8.44 1.19 -24.17
N LYS D 238 7.64 1.59 -23.18
CA LYS D 238 8.03 2.69 -22.30
C LYS D 238 9.18 2.10 -21.46
N TRP D 239 9.68 0.95 -21.91
CA TRP D 239 10.76 0.25 -21.25
C TRP D 239 12.07 0.67 -21.93
N THR D 240 12.71 1.70 -21.38
CA THR D 240 13.95 2.22 -21.95
C THR D 240 15.14 2.11 -21.02
N VAL D 241 16.32 2.12 -21.62
CA VAL D 241 17.57 2.03 -20.90
C VAL D 241 18.00 3.40 -20.36
N GLN D 242 18.79 3.39 -19.29
CA GLN D 242 19.29 4.60 -18.63
C GLN D 242 20.82 4.63 -18.75
N PRO D 243 21.37 5.20 -19.85
CA PRO D 243 22.83 5.23 -19.98
C PRO D 243 23.43 6.14 -18.94
N ILE D 244 24.76 6.12 -18.85
CA ILE D 244 25.46 6.97 -17.90
C ILE D 244 25.77 8.28 -18.60
N VAL D 245 25.72 9.38 -17.86
CA VAL D 245 26.00 10.66 -18.46
C VAL D 245 26.97 11.52 -17.67
N LEU D 246 27.95 12.07 -18.39
CA LEU D 246 28.97 12.94 -17.82
C LEU D 246 28.36 14.34 -17.71
N PRO D 247 28.45 14.96 -16.52
CA PRO D 247 27.89 16.29 -16.29
C PRO D 247 28.28 17.36 -17.29
N GLU D 248 27.88 18.58 -16.98
CA GLU D 248 28.16 19.76 -17.79
C GLU D 248 28.13 20.97 -16.90
N LYS D 249 29.31 21.24 -16.33
CA LYS D 249 29.51 22.37 -15.45
C LYS D 249 29.94 23.56 -16.32
N ASP D 250 29.69 24.75 -15.77
CA ASP D 250 30.05 26.03 -16.37
C ASP D 250 31.60 26.11 -16.33
N SER D 251 32.12 26.12 -15.10
CA SER D 251 33.56 26.12 -14.82
C SER D 251 33.79 24.87 -13.96
N TRP D 252 34.89 24.15 -14.20
CA TRP D 252 35.16 22.92 -13.46
C TRP D 252 36.25 23.00 -12.39
N THR D 253 35.86 23.10 -11.12
CA THR D 253 36.84 23.16 -10.05
C THR D 253 37.64 21.88 -10.04
N VAL D 254 38.59 21.78 -9.11
CA VAL D 254 39.42 20.58 -8.98
C VAL D 254 38.45 19.45 -8.68
N ASN D 255 37.70 19.62 -7.60
CA ASN D 255 36.71 18.64 -7.14
C ASN D 255 35.97 17.97 -8.31
N ASP D 256 35.32 18.79 -9.14
CA ASP D 256 34.58 18.27 -10.28
C ASP D 256 35.47 17.43 -11.18
N ILE D 257 36.64 17.94 -11.51
CA ILE D 257 37.50 17.20 -12.42
C ILE D 257 37.82 15.85 -11.80
N GLN D 258 38.07 15.82 -10.50
CA GLN D 258 38.39 14.57 -9.82
C GLN D 258 37.24 13.61 -10.04
N LYS D 259 36.08 13.95 -9.48
CA LYS D 259 34.91 13.12 -9.61
C LYS D 259 34.72 12.70 -11.09
N LEU D 260 34.79 13.64 -12.01
CA LEU D 260 34.62 13.26 -13.41
C LEU D 260 35.65 12.23 -13.81
N VAL D 261 36.75 12.12 -13.08
CA VAL D 261 37.76 11.15 -13.45
C VAL D 261 37.47 9.78 -12.88
N GLY D 262 37.05 9.74 -11.62
CA GLY D 262 36.72 8.46 -11.01
C GLY D 262 35.65 7.75 -11.84
N LYS D 263 34.55 8.45 -12.08
CA LYS D 263 33.44 7.91 -12.88
C LYS D 263 33.93 7.55 -14.27
N LEU D 264 34.46 8.51 -15.00
CA LEU D 264 34.95 8.19 -16.33
C LEU D 264 35.88 6.96 -16.25
N ASN D 265 36.50 6.79 -15.09
CA ASN D 265 37.42 5.68 -14.89
C ASN D 265 36.61 4.40 -14.74
N TRP D 266 35.67 4.45 -13.81
CA TRP D 266 34.79 3.32 -13.54
C TRP D 266 34.28 2.82 -14.87
N ALA D 267 33.55 3.72 -15.54
CA ALA D 267 32.97 3.46 -16.83
C ALA D 267 33.94 2.79 -17.80
N SER D 268 35.23 3.08 -17.67
CA SER D 268 36.20 2.48 -18.59
C SER D 268 36.13 0.95 -18.63
N GLN D 269 35.57 0.33 -17.57
CA GLN D 269 35.45 -1.13 -17.48
C GLN D 269 34.26 -1.64 -18.30
N ILE D 270 33.25 -0.79 -18.40
CA ILE D 270 32.06 -1.11 -19.16
C ILE D 270 32.37 -0.80 -20.62
N TYR D 271 32.51 0.49 -20.94
CA TYR D 271 32.81 0.96 -22.29
C TYR D 271 34.31 0.88 -22.62
N PRO D 272 34.63 0.59 -23.90
CA PRO D 272 35.98 0.43 -24.44
C PRO D 272 36.97 1.58 -24.26
N GLY D 273 36.87 2.54 -25.18
CA GLY D 273 37.77 3.67 -25.20
C GLY D 273 37.48 4.88 -24.35
N ILE D 274 37.31 4.68 -23.06
CA ILE D 274 37.11 5.84 -22.20
C ILE D 274 38.56 6.15 -21.84
N LYS D 275 39.05 7.31 -22.28
CA LYS D 275 40.42 7.73 -21.98
C LYS D 275 40.35 8.85 -20.95
N VAL D 276 41.27 8.84 -19.99
CA VAL D 276 41.24 9.86 -18.97
C VAL D 276 42.56 10.61 -18.77
N ARG D 277 43.62 10.15 -19.41
CA ARG D 277 44.90 10.82 -19.23
C ARG D 277 44.80 12.33 -19.49
N GLN D 278 44.47 12.66 -20.73
CA GLN D 278 44.33 14.06 -21.14
C GLN D 278 43.63 14.93 -20.10
N LEU D 279 42.53 14.42 -19.57
CA LEU D 279 41.71 15.16 -18.61
C LEU D 279 42.20 15.16 -17.18
N SER D 280 43.04 14.20 -16.81
CA SER D 280 43.54 14.16 -15.44
C SER D 280 44.71 15.13 -15.32
N LYS D 281 45.45 15.28 -16.42
CA LYS D 281 46.60 16.18 -16.49
C LYS D 281 46.21 17.49 -15.81
N LEU D 282 45.01 17.98 -16.11
CA LEU D 282 44.52 19.23 -15.51
C LEU D 282 44.63 19.20 -13.98
N LEU D 283 44.81 18.00 -13.42
CA LEU D 283 44.99 17.84 -11.99
C LEU D 283 46.33 17.12 -11.89
N ARG D 284 47.39 17.88 -12.18
CA ARG D 284 48.73 17.33 -12.21
C ARG D 284 49.54 17.51 -10.94
N GLY D 285 49.17 18.46 -10.09
CA GLY D 285 49.95 18.64 -8.87
C GLY D 285 49.06 18.77 -7.65
N THR D 286 49.64 18.71 -6.46
CA THR D 286 48.87 18.81 -5.21
C THR D 286 48.00 20.08 -5.01
N LYS D 287 46.99 20.25 -5.87
CA LYS D 287 46.08 21.41 -5.82
C LYS D 287 44.95 21.38 -4.79
N ALA D 288 44.42 22.55 -4.42
CA ALA D 288 43.32 22.62 -3.47
C ALA D 288 42.06 22.30 -4.25
N LEU D 289 41.13 21.60 -3.62
CA LEU D 289 39.89 21.19 -4.27
C LEU D 289 39.05 22.22 -5.00
N THR D 290 38.82 23.37 -4.36
CA THR D 290 37.99 24.42 -4.94
C THR D 290 38.59 25.24 -6.11
N GLU D 291 39.81 24.91 -6.55
CA GLU D 291 40.47 25.65 -7.63
C GLU D 291 39.91 25.45 -9.04
N VAL D 292 39.16 26.45 -9.50
CA VAL D 292 38.54 26.44 -10.82
C VAL D 292 39.42 26.12 -12.05
N ILE D 293 40.08 24.96 -12.06
CA ILE D 293 40.91 24.58 -13.21
C ILE D 293 40.18 24.81 -14.52
N PRO D 294 40.75 25.65 -15.40
CA PRO D 294 40.09 25.89 -16.70
C PRO D 294 40.31 24.72 -17.64
N LEU D 295 39.22 24.24 -18.21
CA LEU D 295 39.32 23.10 -19.08
C LEU D 295 40.22 23.32 -20.29
N THR D 296 41.16 22.41 -20.49
CA THR D 296 42.06 22.47 -21.61
C THR D 296 41.24 22.28 -22.88
N GLU D 297 41.79 22.67 -24.01
CA GLU D 297 41.12 22.49 -25.29
C GLU D 297 41.54 21.10 -25.73
N GLU D 298 42.64 20.64 -25.14
CA GLU D 298 43.17 19.32 -25.42
C GLU D 298 42.29 18.33 -24.66
N ALA D 299 41.96 18.71 -23.42
CA ALA D 299 41.11 17.89 -22.55
C ALA D 299 39.68 17.93 -23.07
N GLU D 300 39.05 19.11 -23.01
CA GLU D 300 37.69 19.30 -23.48
C GLU D 300 37.46 18.45 -24.73
N LEU D 301 38.49 18.33 -25.56
CA LEU D 301 38.40 17.52 -26.76
C LEU D 301 37.81 16.16 -26.44
N GLU D 302 38.24 15.58 -25.33
CA GLU D 302 37.75 14.24 -24.94
C GLU D 302 36.60 14.16 -23.96
N LEU D 303 36.47 15.12 -23.06
CA LEU D 303 35.33 15.11 -22.14
C LEU D 303 34.10 15.01 -23.02
N ALA D 304 33.93 16.01 -23.88
CA ALA D 304 32.80 16.06 -24.78
C ALA D 304 32.85 14.95 -25.85
N GLU D 305 33.82 14.04 -25.72
CA GLU D 305 33.94 12.92 -26.67
C GLU D 305 33.60 11.59 -26.00
N ASN D 306 34.22 11.32 -24.86
CA ASN D 306 33.93 10.08 -24.14
C ASN D 306 32.41 9.99 -24.07
N ARG D 307 31.78 11.11 -23.70
CA ARG D 307 30.32 11.18 -23.57
C ARG D 307 29.60 10.68 -24.83
N GLU D 308 30.31 10.69 -25.96
CA GLU D 308 29.73 10.20 -27.19
C GLU D 308 29.79 8.68 -27.18
N ILE D 309 30.72 8.15 -26.39
CA ILE D 309 30.88 6.71 -26.25
C ILE D 309 29.84 6.24 -25.22
N LEU D 310 29.45 7.16 -24.34
CA LEU D 310 28.47 6.87 -23.29
C LEU D 310 27.02 7.00 -23.72
N LYS D 311 26.77 7.11 -25.02
CA LYS D 311 25.40 7.25 -25.49
C LYS D 311 24.85 5.99 -26.15
N GLU D 312 25.68 4.95 -26.26
CA GLU D 312 25.25 3.68 -26.87
C GLU D 312 25.47 2.44 -25.99
N PRO D 313 24.40 1.62 -25.79
CA PRO D 313 24.43 0.40 -24.97
C PRO D 313 25.69 -0.47 -25.07
N VAL D 314 26.28 -0.78 -23.92
CA VAL D 314 27.48 -1.62 -23.82
C VAL D 314 27.48 -2.55 -25.03
N HIS D 315 28.46 -2.39 -25.93
CA HIS D 315 28.49 -3.23 -27.13
C HIS D 315 29.24 -4.56 -26.96
N GLY D 316 28.63 -5.63 -27.47
CA GLY D 316 29.19 -6.96 -27.37
C GLY D 316 28.62 -7.73 -26.17
N VAL D 317 27.41 -7.36 -25.77
CA VAL D 317 26.77 -8.00 -24.64
C VAL D 317 25.78 -9.03 -25.11
N TYR D 318 26.10 -10.30 -24.86
CA TYR D 318 25.20 -11.38 -25.24
C TYR D 318 24.47 -11.90 -24.02
N TYR D 319 23.26 -12.39 -24.23
CA TYR D 319 22.49 -12.95 -23.15
C TYR D 319 22.59 -14.45 -23.31
N ASP D 320 23.34 -15.07 -22.41
CA ASP D 320 23.49 -16.51 -22.43
C ASP D 320 22.33 -17.01 -21.56
N PRO D 321 21.41 -17.80 -22.13
CA PRO D 321 20.26 -18.32 -21.38
C PRO D 321 20.68 -19.40 -20.42
N SER D 322 21.88 -19.92 -20.63
CA SER D 322 22.40 -20.97 -19.79
C SER D 322 22.89 -20.43 -18.44
N LYS D 323 23.12 -19.12 -18.36
CA LYS D 323 23.62 -18.48 -17.12
C LYS D 323 22.58 -17.77 -16.24
N ASP D 324 23.02 -17.36 -15.06
CA ASP D 324 22.16 -16.66 -14.12
C ASP D 324 22.00 -15.19 -14.45
N LEU D 325 21.16 -14.54 -13.66
CA LEU D 325 20.91 -13.14 -13.86
C LEU D 325 21.00 -12.49 -12.52
N ILE D 326 21.86 -11.47 -12.44
CA ILE D 326 22.04 -10.69 -11.23
C ILE D 326 21.52 -9.29 -11.52
N ALA D 327 21.01 -8.64 -10.47
CA ALA D 327 20.51 -7.28 -10.57
C ALA D 327 20.94 -6.49 -9.35
N GLU D 328 21.38 -5.25 -9.57
CA GLU D 328 21.79 -4.40 -8.47
C GLU D 328 20.90 -3.17 -8.50
N ILE D 329 20.61 -2.66 -7.32
CA ILE D 329 19.76 -1.51 -7.18
C ILE D 329 20.53 -0.50 -6.34
N GLN D 330 20.44 0.78 -6.73
CA GLN D 330 21.12 1.81 -5.97
C GLN D 330 20.05 2.79 -5.56
N LYS D 331 19.99 3.08 -4.26
CA LYS D 331 19.02 4.03 -3.75
C LYS D 331 19.50 5.43 -4.08
N GLN D 332 19.10 5.94 -5.24
CA GLN D 332 19.51 7.27 -5.65
C GLN D 332 18.84 8.42 -4.90
N GLY D 333 17.95 8.13 -3.95
CA GLY D 333 17.32 9.20 -3.22
C GLY D 333 16.26 9.97 -4.00
N GLN D 334 15.36 10.63 -3.27
CA GLN D 334 14.27 11.38 -3.90
C GLN D 334 13.34 10.35 -4.56
N GLY D 335 13.13 9.24 -3.86
CA GLY D 335 12.28 8.19 -4.40
C GLY D 335 12.86 7.59 -5.67
N GLN D 336 14.09 7.97 -5.99
CA GLN D 336 14.75 7.47 -7.20
C GLN D 336 15.47 6.15 -6.92
N TRP D 337 15.51 5.26 -7.92
CA TRP D 337 16.16 3.95 -7.80
C TRP D 337 16.65 3.54 -9.18
N THR D 338 17.89 3.09 -9.31
CA THR D 338 18.38 2.69 -10.63
C THR D 338 18.78 1.21 -10.55
N TYR D 339 18.88 0.56 -11.70
CA TYR D 339 19.19 -0.86 -11.66
C TYR D 339 19.88 -1.40 -12.93
N GLN D 340 20.74 -2.40 -12.73
CA GLN D 340 21.43 -3.01 -13.86
C GLN D 340 21.23 -4.51 -13.74
N ILE D 341 21.01 -5.16 -14.88
CA ILE D 341 20.81 -6.59 -14.92
C ILE D 341 21.89 -7.11 -15.85
N TYR D 342 22.71 -8.04 -15.34
CA TYR D 342 23.80 -8.64 -16.11
C TYR D 342 23.97 -10.09 -15.71
N GLN D 343 24.83 -10.79 -16.43
CA GLN D 343 25.11 -12.18 -16.11
C GLN D 343 26.56 -12.23 -15.67
N GLU D 344 27.41 -11.54 -16.43
CA GLU D 344 28.84 -11.41 -16.15
C GLU D 344 29.03 -9.98 -15.65
N PRO D 345 30.13 -9.70 -14.92
CA PRO D 345 30.31 -8.33 -14.43
C PRO D 345 30.74 -7.30 -15.47
N PHE D 346 30.07 -6.16 -15.44
CA PHE D 346 30.31 -5.02 -16.33
C PHE D 346 29.81 -5.18 -17.76
N LYS D 347 29.22 -6.34 -18.03
CA LYS D 347 28.62 -6.64 -19.33
C LYS D 347 27.11 -6.60 -19.08
N ASN D 348 26.58 -5.43 -18.70
CA ASN D 348 25.16 -5.32 -18.41
C ASN D 348 24.32 -5.66 -19.60
N LEU D 349 23.16 -6.28 -19.35
CA LEU D 349 22.22 -6.64 -20.41
C LEU D 349 21.13 -5.59 -20.44
N LYS D 350 20.96 -4.90 -19.31
CA LYS D 350 19.97 -3.82 -19.23
C LYS D 350 20.26 -2.92 -18.05
N THR D 351 19.97 -1.64 -18.24
CA THR D 351 20.13 -0.62 -17.21
C THR D 351 18.87 0.21 -17.29
N GLY D 352 18.33 0.62 -16.15
CA GLY D 352 17.14 1.43 -16.19
C GLY D 352 16.92 2.09 -14.86
N LYS D 353 15.87 2.89 -14.78
CA LYS D 353 15.56 3.55 -13.54
C LYS D 353 14.09 3.46 -13.22
N TYR D 354 13.76 2.72 -12.16
CA TYR D 354 12.38 2.61 -11.70
C TYR D 354 12.17 3.98 -11.03
N ALA D 355 11.24 4.79 -11.58
CA ALA D 355 10.94 6.12 -11.03
C ALA D 355 10.41 6.00 -9.61
N ARG D 356 9.11 6.23 -9.41
CA ARG D 356 8.51 6.10 -8.09
C ARG D 356 7.00 6.20 -8.04
N MET D 357 6.36 5.13 -7.59
CA MET D 357 4.92 5.11 -7.46
C MET D 357 4.57 6.23 -6.47
N ARG D 358 3.51 6.99 -6.76
CA ARG D 358 3.09 8.09 -5.88
C ARG D 358 2.71 7.53 -4.50
N GLY D 359 2.45 6.23 -4.46
CA GLY D 359 2.12 5.56 -3.21
C GLY D 359 3.38 4.98 -2.58
N ALA D 360 4.42 5.81 -2.51
CA ALA D 360 5.71 5.41 -1.93
C ALA D 360 5.70 5.72 -0.44
N HIS D 361 4.87 6.69 -0.06
CA HIS D 361 4.70 7.08 1.33
C HIS D 361 5.99 7.40 2.10
N THR D 362 7.06 7.77 1.39
CA THR D 362 8.37 8.06 2.03
C THR D 362 8.83 6.82 2.85
N ASN D 363 8.64 5.66 2.23
CA ASN D 363 9.00 4.36 2.79
C ASN D 363 9.94 3.66 1.79
N ASP D 364 11.25 3.72 2.07
CA ASP D 364 12.24 3.11 1.18
C ASP D 364 11.97 1.62 1.00
N VAL D 365 11.69 0.94 2.11
CA VAL D 365 11.44 -0.50 2.11
C VAL D 365 10.33 -0.82 1.12
N LYS D 366 9.21 -0.15 1.28
CA LYS D 366 8.08 -0.35 0.39
C LYS D 366 8.46 -0.16 -1.08
N GLN D 367 9.24 0.89 -1.35
CA GLN D 367 9.67 1.21 -2.72
C GLN D 367 10.66 0.22 -3.32
N LEU D 368 11.52 -0.31 -2.47
CA LEU D 368 12.50 -1.26 -2.93
C LEU D 368 11.78 -2.53 -3.31
N THR D 369 10.94 -3.05 -2.40
CA THR D 369 10.23 -4.27 -2.71
C THR D 369 9.48 -4.05 -4.03
N GLU D 370 8.88 -2.88 -4.21
CA GLU D 370 8.16 -2.57 -5.45
C GLU D 370 9.09 -2.53 -6.66
N ALA D 371 10.31 -2.04 -6.44
CA ALA D 371 11.32 -1.97 -7.50
C ALA D 371 11.74 -3.39 -7.87
N VAL D 372 11.96 -4.23 -6.86
CA VAL D 372 12.36 -5.62 -7.04
C VAL D 372 11.32 -6.42 -7.82
N GLN D 373 10.04 -6.13 -7.60
CA GLN D 373 8.96 -6.81 -8.30
C GLN D 373 8.98 -6.33 -9.75
N LYS D 374 9.05 -5.00 -9.90
CA LYS D 374 9.07 -4.39 -11.23
C LYS D 374 10.18 -5.01 -12.09
N ILE D 375 11.41 -4.96 -11.59
CA ILE D 375 12.55 -5.49 -12.32
C ILE D 375 12.39 -6.99 -12.59
N THR D 376 11.79 -7.72 -11.63
CA THR D 376 11.58 -9.16 -11.82
C THR D 376 10.62 -9.37 -13.01
N THR D 377 9.52 -8.63 -12.98
CA THR D 377 8.55 -8.71 -14.06
C THR D 377 9.23 -8.44 -15.41
N GLU D 378 10.01 -7.35 -15.46
CA GLU D 378 10.71 -7.01 -16.70
C GLU D 378 11.58 -8.19 -17.16
N SER D 379 12.26 -8.82 -16.21
CA SER D 379 13.16 -9.94 -16.51
C SER D 379 12.47 -11.12 -17.15
N ILE D 380 11.32 -11.47 -16.58
CA ILE D 380 10.51 -12.59 -17.06
C ILE D 380 10.04 -12.27 -18.50
N VAL D 381 9.49 -11.08 -18.69
CA VAL D 381 9.03 -10.62 -19.98
C VAL D 381 10.16 -10.67 -21.01
N ILE D 382 11.28 -10.04 -20.68
CA ILE D 382 12.40 -9.96 -21.62
C ILE D 382 13.24 -11.19 -21.90
N TRP D 383 13.55 -11.98 -20.86
CA TRP D 383 14.41 -13.19 -21.02
C TRP D 383 13.76 -14.45 -20.44
N GLY D 384 12.71 -14.25 -19.65
CA GLY D 384 12.01 -15.39 -19.07
C GLY D 384 12.86 -16.06 -18.02
N LYS D 385 13.37 -15.25 -17.11
CA LYS D 385 14.21 -15.73 -16.04
C LYS D 385 14.25 -14.69 -14.92
N THR D 386 14.31 -15.16 -13.68
CA THR D 386 14.34 -14.23 -12.57
C THR D 386 15.76 -13.91 -12.13
N PRO D 387 16.03 -12.62 -11.87
CA PRO D 387 17.39 -12.31 -11.44
C PRO D 387 17.57 -12.50 -9.93
N LYS D 388 18.84 -12.61 -9.50
CA LYS D 388 19.17 -12.73 -8.09
C LYS D 388 19.44 -11.28 -7.69
N PHE D 389 18.86 -10.81 -6.60
CA PHE D 389 19.05 -9.43 -6.24
C PHE D 389 20.09 -9.07 -5.20
N LYS D 390 21.01 -8.18 -5.57
CA LYS D 390 22.01 -7.69 -4.64
C LYS D 390 21.21 -6.49 -4.15
N LEU D 391 20.64 -6.61 -2.95
CA LEU D 391 19.77 -5.58 -2.39
C LEU D 391 20.41 -4.57 -1.47
N PRO D 392 20.28 -3.27 -1.80
CA PRO D 392 20.85 -2.19 -0.98
C PRO D 392 20.14 -1.99 0.34
N ILE D 393 20.13 -3.01 1.18
CA ILE D 393 19.47 -2.89 2.49
C ILE D 393 20.07 -3.86 3.51
N GLN D 394 19.73 -3.67 4.78
CA GLN D 394 20.23 -4.55 5.83
C GLN D 394 19.32 -5.76 5.96
N LYS D 395 19.85 -6.94 5.67
CA LYS D 395 19.06 -8.16 5.76
C LYS D 395 17.95 -8.13 6.80
N GLU D 396 18.32 -8.02 8.07
CA GLU D 396 17.32 -8.01 9.14
C GLU D 396 16.27 -6.88 9.09
N THR D 397 16.44 -5.88 8.24
CA THR D 397 15.46 -4.79 8.14
C THR D 397 14.45 -5.16 7.07
N TRP D 398 14.98 -5.67 5.96
CA TRP D 398 14.20 -6.11 4.83
C TRP D 398 13.31 -7.28 5.22
N GLU D 399 13.86 -8.18 6.01
CA GLU D 399 13.10 -9.34 6.43
C GLU D 399 11.98 -9.00 7.38
N THR D 400 11.97 -7.79 7.93
CA THR D 400 10.87 -7.44 8.83
C THR D 400 9.67 -6.85 8.07
N TRP D 401 9.84 -6.40 6.82
CA TRP D 401 8.67 -5.81 6.16
C TRP D 401 8.36 -6.15 4.70
N TRP D 402 9.32 -6.69 3.97
CA TRP D 402 9.06 -6.98 2.57
C TRP D 402 7.71 -7.66 2.25
N THR D 403 7.23 -8.57 3.09
CA THR D 403 5.96 -9.24 2.78
C THR D 403 4.82 -8.21 2.79
N GLU D 404 4.88 -7.27 3.71
CA GLU D 404 3.87 -6.23 3.80
C GLU D 404 3.69 -5.47 2.49
N TYR D 405 4.66 -5.53 1.57
CA TYR D 405 4.51 -4.80 0.33
C TYR D 405 4.55 -5.74 -0.86
N TRP D 406 4.78 -7.02 -0.59
CA TRP D 406 4.87 -7.97 -1.69
C TRP D 406 3.49 -8.17 -2.25
N GLN D 407 3.45 -8.30 -3.57
CA GLN D 407 2.21 -8.46 -4.29
C GLN D 407 2.43 -9.37 -5.51
N ALA D 408 3.37 -10.30 -5.42
CA ALA D 408 3.62 -11.19 -6.56
C ALA D 408 3.46 -12.67 -6.17
N THR D 409 3.26 -13.52 -7.16
CA THR D 409 3.06 -14.94 -6.86
C THR D 409 4.41 -15.62 -6.70
N TRP D 410 5.43 -15.06 -7.35
CA TRP D 410 6.77 -15.62 -7.23
C TRP D 410 7.62 -14.83 -6.21
N ILE D 411 8.83 -15.31 -5.99
CA ILE D 411 9.77 -14.65 -5.10
C ILE D 411 11.14 -14.87 -5.75
N PRO D 412 11.89 -13.77 -5.98
CA PRO D 412 13.21 -13.86 -6.59
C PRO D 412 14.25 -14.09 -5.51
N GLU D 413 15.44 -14.54 -5.93
CA GLU D 413 16.52 -14.79 -4.99
C GLU D 413 17.21 -13.47 -4.69
N TRP D 414 17.64 -13.31 -3.45
CA TRP D 414 18.27 -12.06 -3.04
C TRP D 414 19.30 -12.18 -1.93
N GLU D 415 20.26 -11.25 -1.92
CA GLU D 415 21.30 -11.16 -0.89
C GLU D 415 21.42 -9.70 -0.55
N PHE D 416 22.07 -9.41 0.58
CA PHE D 416 22.23 -8.03 1.01
C PHE D 416 23.65 -7.46 0.82
N VAL D 417 23.72 -6.17 0.53
CA VAL D 417 24.99 -5.52 0.28
C VAL D 417 25.03 -4.16 0.95
N ASN D 418 26.22 -3.71 1.33
CA ASN D 418 26.37 -2.38 1.94
C ASN D 418 27.54 -1.67 1.27
N THR D 419 27.30 -1.24 0.03
CA THR D 419 28.30 -0.53 -0.72
C THR D 419 27.92 0.94 -0.77
N PRO D 420 28.77 1.82 -0.23
CA PRO D 420 28.45 3.25 -0.26
C PRO D 420 28.45 3.83 -1.68
N PRO D 421 27.97 5.09 -1.81
CA PRO D 421 27.89 5.82 -3.09
C PRO D 421 29.24 6.23 -3.65
N LEU D 422 30.10 5.23 -3.82
CA LEU D 422 31.46 5.40 -4.36
C LEU D 422 31.48 6.51 -5.41
N VAL D 423 30.99 6.18 -6.59
CA VAL D 423 30.87 7.10 -7.72
C VAL D 423 29.41 6.90 -8.17
N LYS D 424 28.76 7.98 -8.59
CA LYS D 424 27.40 7.85 -9.08
C LYS D 424 27.53 7.34 -10.49
N LEU D 425 28.25 6.23 -10.66
CA LEU D 425 28.44 5.63 -11.97
C LEU D 425 27.09 5.69 -12.65
N TRP D 426 26.03 5.60 -11.84
CA TRP D 426 24.66 5.58 -12.33
C TRP D 426 23.70 6.72 -11.94
N TYR D 427 24.06 7.97 -12.16
CA TYR D 427 23.09 8.98 -11.80
C TYR D 427 23.22 10.32 -12.52
N GLN D 428 22.30 11.22 -12.20
CA GLN D 428 22.23 12.54 -12.82
C GLN D 428 22.26 13.80 -11.92
N LEU D 429 21.48 14.79 -12.38
CA LEU D 429 21.29 16.10 -11.76
C LEU D 429 20.11 16.72 -12.51
N ASP E 1 -20.93 13.72 -2.06
CA ASP E 1 -21.33 14.65 -0.96
C ASP E 1 -20.27 15.66 -0.59
N ILE E 2 -19.26 15.76 -1.43
CA ILE E 2 -18.20 16.73 -1.27
C ILE E 2 -18.89 17.96 -1.88
N GLN E 3 -19.41 18.89 -1.07
CA GLN E 3 -20.04 20.04 -1.68
C GLN E 3 -19.06 20.94 -2.42
N MET E 4 -19.43 21.32 -3.64
CA MET E 4 -18.60 22.19 -4.47
C MET E 4 -19.13 23.60 -4.52
N THR E 5 -18.24 24.57 -4.32
CA THR E 5 -18.64 25.95 -4.33
C THR E 5 -17.85 26.87 -5.24
N GLN E 6 -18.63 27.61 -6.02
CA GLN E 6 -18.18 28.61 -6.95
C GLN E 6 -18.90 29.77 -6.30
N THR E 7 -18.15 30.69 -5.67
CA THR E 7 -18.79 31.81 -4.97
C THR E 7 -19.33 32.88 -5.90
N THR E 8 -18.49 33.32 -6.82
CA THR E 8 -18.90 34.31 -7.78
C THR E 8 -19.83 33.54 -8.73
N SER E 9 -21.09 33.95 -8.79
CA SER E 9 -22.04 33.28 -9.64
C SER E 9 -22.37 34.03 -10.93
N SER E 10 -22.52 35.36 -10.82
CA SER E 10 -22.82 36.24 -11.97
C SER E 10 -21.59 37.14 -12.13
N LEU E 11 -21.00 37.18 -13.31
CA LEU E 11 -19.79 37.97 -13.50
C LEU E 11 -19.74 38.68 -14.86
N SER E 12 -19.70 40.01 -14.88
CA SER E 12 -19.65 40.73 -16.16
C SER E 12 -18.23 41.15 -16.52
N ALA E 13 -17.86 40.95 -17.80
CA ALA E 13 -16.53 41.25 -18.34
C ALA E 13 -16.61 41.75 -19.80
N SER E 14 -15.49 41.77 -20.50
CA SER E 14 -15.50 42.25 -21.88
C SER E 14 -14.55 41.52 -22.79
N LEU E 15 -14.88 41.51 -24.07
CA LEU E 15 -14.05 40.82 -25.03
C LEU E 15 -12.68 41.33 -24.74
N GLY E 16 -11.66 40.49 -24.97
CA GLY E 16 -10.29 40.88 -24.69
C GLY E 16 -9.88 40.55 -23.26
N ASP E 17 -10.76 40.78 -22.29
CA ASP E 17 -10.49 40.49 -20.89
C ASP E 17 -9.97 39.09 -20.59
N ARG E 18 -9.34 38.98 -19.43
CA ARG E 18 -8.82 37.71 -18.93
C ARG E 18 -9.67 37.49 -17.69
N VAL E 19 -10.32 36.33 -17.59
CA VAL E 19 -11.16 36.08 -16.44
C VAL E 19 -10.76 34.81 -15.71
N THR E 20 -11.10 34.78 -14.41
CA THR E 20 -10.85 33.63 -13.53
C THR E 20 -12.03 33.32 -12.61
N ILE E 21 -12.51 32.08 -12.70
CA ILE E 21 -13.63 31.64 -11.88
C ILE E 21 -13.17 30.67 -10.82
N SER E 22 -13.72 30.83 -9.62
CA SER E 22 -13.35 30.02 -8.48
C SER E 22 -14.22 28.78 -8.23
N CYS E 23 -13.56 27.68 -7.88
CA CYS E 23 -14.25 26.44 -7.52
C CYS E 23 -13.50 25.88 -6.33
N SER E 24 -14.16 25.84 -5.18
CA SER E 24 -13.52 25.31 -4.00
C SER E 24 -14.30 24.09 -3.55
N ALA E 25 -13.58 23.12 -3.00
CA ALA E 25 -14.16 21.87 -2.51
C ALA E 25 -14.42 21.86 -0.99
N SER E 26 -15.13 20.85 -0.50
CA SER E 26 -15.40 20.71 0.93
C SER E 26 -14.27 19.92 1.55
N GLN E 27 -13.41 19.38 0.68
CA GLN E 27 -12.29 18.57 1.11
C GLN E 27 -11.39 18.17 -0.02
N ASP E 28 -10.10 18.32 0.19
CA ASP E 28 -9.09 17.97 -0.80
C ASP E 28 -9.55 16.91 -1.81
N ILE E 29 -9.83 17.32 -3.05
CA ILE E 29 -10.28 16.37 -4.05
C ILE E 29 -9.15 15.96 -4.97
N SER E 30 -7.94 16.25 -4.50
CA SER E 30 -6.70 15.89 -5.20
C SER E 30 -6.66 16.05 -6.70
N SER E 31 -7.12 17.22 -7.17
CA SER E 31 -7.10 17.54 -8.59
C SER E 31 -8.03 16.68 -9.47
N TYR E 32 -9.07 16.14 -8.85
CA TYR E 32 -10.04 15.32 -9.57
C TYR E 32 -11.28 16.20 -9.71
N LEU E 33 -11.09 17.26 -10.48
CA LEU E 33 -12.15 18.20 -10.75
C LEU E 33 -12.05 18.51 -12.23
N ASN E 34 -13.21 18.70 -12.85
CA ASN E 34 -13.33 18.99 -14.28
C ASN E 34 -14.15 20.26 -14.46
N TRP E 35 -13.99 20.87 -15.63
CA TRP E 35 -14.68 22.09 -15.99
C TRP E 35 -15.60 21.90 -17.19
N TYR E 36 -16.85 22.34 -17.02
CA TYR E 36 -17.82 22.23 -18.10
C TYR E 36 -18.35 23.60 -18.51
N GLN E 37 -18.53 23.80 -19.82
CA GLN E 37 -19.07 25.05 -20.36
C GLN E 37 -20.49 24.81 -20.89
N GLN E 38 -21.42 25.68 -20.51
CA GLN E 38 -22.78 25.53 -21.00
C GLN E 38 -23.23 26.84 -21.66
N LYS E 39 -23.22 26.85 -22.99
CA LYS E 39 -23.62 28.01 -23.77
C LYS E 39 -25.02 28.47 -23.35
N PRO E 40 -25.40 29.71 -23.70
CA PRO E 40 -26.73 30.22 -23.34
C PRO E 40 -27.85 29.32 -23.86
N GLU E 41 -27.61 28.69 -25.00
CA GLU E 41 -28.57 27.77 -25.63
C GLU E 41 -28.82 26.62 -24.66
N GLY E 42 -27.74 26.05 -24.15
CA GLY E 42 -27.87 24.96 -23.21
C GLY E 42 -26.99 23.79 -23.55
N THR E 43 -26.43 23.75 -24.75
CA THR E 43 -25.58 22.63 -25.11
C THR E 43 -24.44 22.69 -24.09
N VAL E 44 -24.01 21.55 -23.56
CA VAL E 44 -22.93 21.48 -22.57
C VAL E 44 -21.68 20.79 -23.11
N LYS E 45 -20.53 21.42 -22.96
CA LYS E 45 -19.27 20.87 -23.44
C LYS E 45 -18.24 20.71 -22.30
N LEU E 46 -17.18 19.93 -22.55
CA LEU E 46 -16.13 19.74 -21.56
C LEU E 46 -14.95 20.64 -21.92
N LEU E 47 -14.49 21.45 -20.98
CA LEU E 47 -13.34 22.33 -21.26
C LEU E 47 -12.07 21.71 -20.77
N ILE E 48 -12.05 21.48 -19.46
CA ILE E 48 -10.88 20.91 -18.79
C ILE E 48 -11.18 19.68 -17.94
N TYR E 49 -10.29 18.68 -18.02
CA TYR E 49 -10.45 17.45 -17.25
C TYR E 49 -9.22 17.26 -16.38
N TYR E 50 -9.43 17.02 -15.09
CA TYR E 50 -8.31 16.81 -14.18
C TYR E 50 -7.56 18.12 -13.86
N THR E 51 -8.31 18.99 -13.19
CA THR E 51 -7.82 20.26 -12.72
C THR E 51 -7.30 21.24 -13.71
N SER E 52 -6.66 20.74 -14.77
CA SER E 52 -6.09 21.65 -15.74
C SER E 52 -5.67 21.07 -17.08
N SER E 53 -6.24 19.94 -17.47
CA SER E 53 -5.91 19.36 -18.76
C SER E 53 -6.94 19.81 -19.82
N LEU E 54 -6.42 20.29 -20.95
CA LEU E 54 -7.26 20.82 -22.02
C LEU E 54 -7.94 19.80 -22.93
N HIS E 55 -9.25 19.63 -22.76
CA HIS E 55 -9.99 18.67 -23.57
C HIS E 55 -9.72 18.97 -25.01
N SER E 56 -9.65 17.95 -25.85
CA SER E 56 -9.37 18.18 -27.26
C SER E 56 -10.37 19.06 -27.99
N GLY E 57 -9.87 19.83 -28.93
CA GLY E 57 -10.73 20.73 -29.68
C GLY E 57 -11.08 21.97 -28.88
N VAL E 58 -10.71 22.05 -27.61
CA VAL E 58 -11.01 23.24 -26.82
C VAL E 58 -9.97 24.33 -27.11
N PRO E 59 -10.42 25.58 -27.32
CA PRO E 59 -9.55 26.73 -27.63
C PRO E 59 -8.39 26.80 -26.65
N SER E 60 -7.20 26.99 -27.21
CA SER E 60 -5.96 27.07 -26.46
C SER E 60 -5.88 28.30 -25.52
N ARG E 61 -6.99 28.95 -25.24
CA ARG E 61 -6.96 30.11 -24.34
C ARG E 61 -7.65 29.83 -23.02
N PHE E 62 -7.92 28.55 -22.79
CA PHE E 62 -8.55 28.09 -21.55
C PHE E 62 -7.48 27.42 -20.67
N SER E 63 -7.54 27.69 -19.36
CA SER E 63 -6.56 27.12 -18.44
C SER E 63 -7.21 26.75 -17.13
N GLY E 64 -6.78 25.60 -16.63
CA GLY E 64 -7.28 25.10 -15.38
C GLY E 64 -6.13 25.27 -14.42
N SER E 65 -6.43 25.75 -13.23
CA SER E 65 -5.40 25.97 -12.23
C SER E 65 -6.01 25.60 -10.90
N GLY E 66 -5.22 24.95 -10.04
CA GLY E 66 -5.77 24.60 -8.74
C GLY E 66 -5.20 23.40 -8.04
N SER E 67 -5.60 23.26 -6.78
CA SER E 67 -5.16 22.14 -5.95
C SER E 67 -5.82 22.00 -4.57
N GLY E 68 -5.75 20.79 -4.03
CA GLY E 68 -6.33 20.55 -2.73
C GLY E 68 -7.79 20.93 -2.64
N THR E 69 -8.07 22.09 -2.02
CA THR E 69 -9.44 22.56 -1.86
C THR E 69 -9.86 23.63 -2.85
N ASP E 70 -8.88 24.38 -3.36
CA ASP E 70 -9.19 25.47 -4.27
C ASP E 70 -8.73 25.31 -5.72
N TYR E 71 -9.64 25.60 -6.64
CA TYR E 71 -9.36 25.50 -8.07
C TYR E 71 -9.95 26.69 -8.87
N SER E 72 -9.25 27.05 -9.95
CA SER E 72 -9.65 28.17 -10.80
C SER E 72 -9.60 27.93 -12.30
N LEU E 73 -10.68 28.34 -12.97
CA LEU E 73 -10.70 28.24 -14.43
C LEU E 73 -10.26 29.63 -14.89
N THR E 74 -9.46 29.69 -15.94
CA THR E 74 -9.00 30.98 -16.43
C THR E 74 -9.09 31.17 -17.96
N ILE E 75 -10.08 31.97 -18.39
CA ILE E 75 -10.26 32.25 -19.80
C ILE E 75 -9.28 33.37 -20.21
N SER E 76 -8.25 32.97 -20.97
CA SER E 76 -7.20 33.86 -21.45
C SER E 76 -7.76 35.22 -21.77
N ASN E 77 -8.26 35.40 -22.99
CA ASN E 77 -8.86 36.68 -23.36
C ASN E 77 -10.14 36.57 -24.17
N LEU E 78 -11.24 36.78 -23.45
CA LEU E 78 -12.58 36.71 -23.96
C LEU E 78 -12.88 36.98 -25.42
N GLU E 79 -13.71 36.08 -25.95
CA GLU E 79 -14.23 36.10 -27.31
C GLU E 79 -15.71 36.09 -27.02
N PRO E 80 -16.56 36.38 -28.03
CA PRO E 80 -18.00 36.39 -27.78
C PRO E 80 -18.68 35.07 -27.40
N GLU E 81 -18.08 33.93 -27.74
CA GLU E 81 -18.68 32.65 -27.39
C GLU E 81 -18.57 32.43 -25.90
N ASP E 82 -17.34 32.61 -25.42
CA ASP E 82 -16.97 32.41 -24.02
C ASP E 82 -17.97 32.98 -23.02
N ILE E 83 -18.68 34.02 -23.39
CA ILE E 83 -19.62 34.57 -22.45
C ILE E 83 -20.74 33.51 -22.27
N ALA E 84 -20.56 32.64 -21.27
CA ALA E 84 -21.49 31.54 -20.95
C ALA E 84 -21.52 31.20 -19.46
N THR E 85 -22.19 30.11 -19.10
CA THR E 85 -22.22 29.68 -17.71
C THR E 85 -21.16 28.56 -17.57
N TYR E 86 -20.44 28.57 -16.45
CA TYR E 86 -19.36 27.60 -16.24
C TYR E 86 -19.57 26.70 -15.04
N TYR E 87 -19.23 25.42 -15.22
CA TYR E 87 -19.40 24.46 -14.15
C TYR E 87 -18.17 23.64 -13.83
N CYS E 88 -18.04 23.35 -12.54
CA CYS E 88 -16.94 22.52 -12.05
C CYS E 88 -17.53 21.28 -11.40
N GLN E 89 -17.00 20.13 -11.82
CA GLN E 89 -17.45 18.85 -11.32
C GLN E 89 -16.25 18.16 -10.70
N GLN E 90 -16.52 17.55 -9.56
CA GLN E 90 -15.56 16.85 -8.74
C GLN E 90 -15.78 15.35 -8.92
N TYR E 91 -14.70 14.57 -9.06
CA TYR E 91 -14.89 13.14 -9.23
C TYR E 91 -13.92 12.31 -8.37
N SER E 92 -13.64 12.85 -7.20
CA SER E 92 -12.75 12.21 -6.25
C SER E 92 -13.53 11.09 -5.55
N LYS E 93 -14.80 11.38 -5.30
CA LYS E 93 -15.71 10.48 -4.63
C LYS E 93 -17.13 10.58 -5.21
N PHE E 94 -17.83 9.45 -5.36
CA PHE E 94 -19.23 9.43 -5.79
C PHE E 94 -19.95 9.74 -4.47
N PRO E 95 -21.06 10.46 -4.48
CA PRO E 95 -21.73 11.04 -5.64
C PRO E 95 -20.96 12.19 -6.23
N TRP E 96 -20.84 12.17 -7.56
CA TRP E 96 -20.17 13.23 -8.31
C TRP E 96 -20.94 14.51 -8.00
N THR E 97 -20.23 15.63 -7.91
CA THR E 97 -20.92 16.89 -7.62
C THR E 97 -20.41 18.04 -8.48
N PHE E 98 -21.30 18.99 -8.75
CA PHE E 98 -20.99 20.16 -9.58
C PHE E 98 -21.02 21.44 -8.75
N GLY E 99 -20.31 22.47 -9.21
CA GLY E 99 -20.39 23.74 -8.52
C GLY E 99 -21.80 24.31 -8.72
N GLY E 100 -22.00 25.58 -8.42
CA GLY E 100 -23.31 26.18 -8.59
C GLY E 100 -23.35 26.83 -9.96
N GLY E 101 -22.16 26.99 -10.53
CA GLY E 101 -22.02 27.59 -11.84
C GLY E 101 -21.81 29.08 -11.81
N THR E 102 -20.92 29.57 -12.66
CA THR E 102 -20.68 30.99 -12.74
C THR E 102 -21.02 31.51 -14.14
N LYS E 103 -22.08 32.31 -14.21
CA LYS E 103 -22.54 32.92 -15.46
C LYS E 103 -21.61 34.08 -15.79
N LEU E 104 -20.93 33.99 -16.93
CA LEU E 104 -20.01 35.02 -17.40
C LEU E 104 -20.80 35.89 -18.37
N GLU E 105 -20.92 37.19 -18.07
CA GLU E 105 -21.69 38.10 -18.92
C GLU E 105 -20.95 39.19 -19.70
N ILE E 106 -21.68 40.20 -20.17
CA ILE E 106 -21.05 41.26 -20.94
C ILE E 106 -21.29 42.63 -20.36
N LYS E 107 -20.18 43.31 -20.05
CA LYS E 107 -20.21 44.65 -19.46
C LYS E 107 -20.74 45.64 -20.49
N ARG E 108 -21.73 46.42 -20.06
CA ARG E 108 -22.38 47.44 -20.91
C ARG E 108 -22.66 48.72 -20.09
N ALA E 109 -22.56 49.90 -20.71
CA ALA E 109 -22.86 51.13 -19.97
C ALA E 109 -24.22 50.96 -19.28
N ASP E 110 -24.43 51.58 -18.13
CA ASP E 110 -25.71 51.44 -17.44
C ASP E 110 -26.87 51.96 -18.25
N ALA E 111 -28.07 51.58 -17.87
CA ALA E 111 -29.23 52.03 -18.62
C ALA E 111 -30.49 51.87 -17.79
N ALA E 112 -31.33 52.90 -17.79
CA ALA E 112 -32.54 52.81 -16.98
C ALA E 112 -33.64 52.02 -17.65
N PRO E 113 -34.43 51.31 -16.85
CA PRO E 113 -35.52 50.49 -17.37
C PRO E 113 -36.64 51.35 -17.99
N THR E 114 -37.07 50.99 -19.20
CA THR E 114 -38.14 51.72 -19.86
C THR E 114 -39.48 51.14 -19.40
N VAL E 115 -39.99 51.67 -18.29
CA VAL E 115 -41.24 51.21 -17.68
C VAL E 115 -42.50 51.52 -18.49
N SER E 116 -43.45 50.61 -18.45
CA SER E 116 -44.72 50.74 -19.17
C SER E 116 -45.73 49.86 -18.45
N ILE E 117 -46.88 50.41 -18.10
CA ILE E 117 -47.89 49.62 -17.39
C ILE E 117 -49.17 49.49 -18.20
N PHE E 118 -49.83 48.34 -18.13
CA PHE E 118 -51.04 48.12 -18.91
C PHE E 118 -52.29 47.72 -18.17
N PRO E 119 -53.39 48.41 -18.45
CA PRO E 119 -54.68 48.12 -17.81
C PRO E 119 -55.08 46.70 -18.18
N PRO E 120 -56.09 46.13 -17.50
CA PRO E 120 -56.54 44.78 -17.80
C PRO E 120 -57.33 44.79 -19.09
N SER E 121 -56.79 44.15 -20.12
CA SER E 121 -57.45 44.07 -21.43
C SER E 121 -58.97 44.05 -21.30
N SER E 122 -59.65 44.45 -22.35
CA SER E 122 -61.10 44.44 -22.27
C SER E 122 -61.58 42.99 -22.20
N GLU E 123 -61.02 42.14 -23.08
CA GLU E 123 -61.37 40.72 -23.15
C GLU E 123 -61.14 40.01 -21.84
N GLN E 124 -60.00 40.27 -21.22
CA GLN E 124 -59.71 39.63 -19.94
C GLN E 124 -60.78 39.99 -18.92
N LEU E 125 -61.17 41.26 -18.92
CA LEU E 125 -62.20 41.73 -18.00
C LEU E 125 -63.57 41.12 -18.30
N THR E 126 -63.86 40.92 -19.58
CA THR E 126 -65.13 40.31 -19.99
C THR E 126 -65.31 38.92 -19.38
N SER E 127 -64.20 38.18 -19.28
CA SER E 127 -64.20 36.83 -18.76
C SER E 127 -64.26 36.75 -17.24
N GLY E 128 -63.87 37.83 -16.57
CA GLY E 128 -63.94 37.81 -15.12
C GLY E 128 -62.61 37.87 -14.40
N GLY E 129 -61.55 38.23 -15.12
CA GLY E 129 -60.23 38.32 -14.49
C GLY E 129 -59.55 39.65 -14.77
N ALA E 130 -58.45 39.90 -14.09
CA ALA E 130 -57.76 41.16 -14.34
C ALA E 130 -56.30 41.09 -13.99
N SER E 131 -55.47 41.22 -15.02
CA SER E 131 -54.03 41.20 -14.86
C SER E 131 -53.49 42.58 -15.25
N VAL E 132 -52.55 43.08 -14.48
CA VAL E 132 -51.97 44.37 -14.78
C VAL E 132 -50.50 44.12 -15.11
N VAL E 133 -50.17 44.25 -16.39
CA VAL E 133 -48.81 44.02 -16.86
C VAL E 133 -47.94 45.26 -16.75
N CYS E 134 -46.66 45.06 -16.46
CA CYS E 134 -45.72 46.17 -16.38
C CYS E 134 -44.37 45.70 -16.90
N PHE E 135 -43.92 46.27 -18.01
CA PHE E 135 -42.63 45.89 -18.61
C PHE E 135 -41.50 46.81 -18.13
N LEU E 136 -40.35 46.22 -17.82
CA LEU E 136 -39.22 47.01 -17.40
C LEU E 136 -38.21 46.65 -18.45
N ASN E 137 -38.13 47.43 -19.51
CA ASN E 137 -37.24 47.04 -20.58
C ASN E 137 -35.84 47.60 -20.74
N ASN E 138 -35.03 46.80 -21.40
CA ASN E 138 -33.63 47.07 -21.71
C ASN E 138 -32.90 47.90 -20.70
N PHE E 139 -32.61 47.33 -19.54
CA PHE E 139 -31.93 48.08 -18.51
C PHE E 139 -30.65 47.37 -18.12
N TYR E 140 -29.76 48.09 -17.44
CA TYR E 140 -28.50 47.48 -17.02
C TYR E 140 -28.00 48.11 -15.70
N PRO E 141 -27.45 47.28 -14.80
CA PRO E 141 -27.27 45.83 -14.93
C PRO E 141 -28.52 45.06 -14.55
N LYS E 142 -28.40 43.74 -14.44
CA LYS E 142 -29.53 42.89 -14.12
C LYS E 142 -30.28 43.28 -12.86
N ASP E 143 -29.56 43.45 -11.76
CA ASP E 143 -30.16 43.80 -10.46
C ASP E 143 -31.18 44.92 -10.48
N ILE E 144 -32.46 44.59 -10.60
CA ILE E 144 -33.50 45.60 -10.58
C ILE E 144 -34.55 45.20 -9.58
N ASN E 145 -35.44 46.11 -9.23
CA ASN E 145 -36.46 45.76 -8.27
C ASN E 145 -37.81 46.45 -8.52
N VAL E 146 -38.87 45.66 -8.51
CA VAL E 146 -40.19 46.22 -8.76
C VAL E 146 -41.01 46.27 -7.50
N LYS E 147 -42.13 46.99 -7.56
CA LYS E 147 -42.99 47.16 -6.41
C LYS E 147 -44.37 47.62 -6.87
N TRP E 148 -45.40 46.85 -6.54
CA TRP E 148 -46.73 47.25 -6.92
C TRP E 148 -47.34 48.07 -5.79
N LYS E 149 -48.37 48.85 -6.11
CA LYS E 149 -49.08 49.70 -5.15
C LYS E 149 -50.45 50.00 -5.69
N ILE E 150 -51.48 49.80 -4.89
CA ILE E 150 -52.83 50.07 -5.33
C ILE E 150 -53.44 51.18 -4.48
N ASP E 151 -53.71 52.32 -5.11
CA ASP E 151 -54.22 53.47 -4.40
C ASP E 151 -53.20 53.67 -3.30
N GLY E 152 -51.96 53.94 -3.71
CA GLY E 152 -50.87 54.14 -2.77
C GLY E 152 -50.49 52.91 -1.96
N SER E 153 -51.49 52.12 -1.57
CA SER E 153 -51.26 50.92 -0.79
C SER E 153 -50.43 49.89 -1.56
N GLU E 154 -49.35 49.41 -0.97
CA GLU E 154 -48.51 48.43 -1.64
C GLU E 154 -49.09 47.01 -1.59
N ARG E 155 -49.11 46.35 -2.75
CA ARG E 155 -49.64 44.99 -2.91
C ARG E 155 -48.59 43.98 -3.36
N GLN E 156 -48.68 42.74 -2.86
CA GLN E 156 -47.71 41.71 -3.24
C GLN E 156 -48.41 40.42 -3.58
N ASN E 157 -49.72 40.41 -3.42
CA ASN E 157 -50.52 39.22 -3.71
C ASN E 157 -51.05 39.20 -5.14
N GLY E 158 -50.40 38.40 -6.00
CA GLY E 158 -50.82 38.28 -7.39
C GLY E 158 -49.71 38.67 -8.35
N VAL E 159 -48.61 39.14 -7.78
CA VAL E 159 -47.49 39.56 -8.59
C VAL E 159 -46.58 38.43 -9.01
N LEU E 160 -46.58 38.15 -10.31
CA LEU E 160 -45.71 37.13 -10.87
C LEU E 160 -44.69 37.87 -11.71
N ASN E 161 -43.43 37.45 -11.66
CA ASN E 161 -42.38 38.12 -12.43
C ASN E 161 -41.59 37.21 -13.37
N SER E 162 -40.88 37.82 -14.33
CA SER E 162 -40.08 37.07 -15.27
C SER E 162 -38.92 37.89 -15.79
N TRP E 163 -37.71 37.42 -15.55
CA TRP E 163 -36.52 38.12 -16.01
C TRP E 163 -35.95 37.43 -17.24
N THR E 164 -35.39 38.21 -18.15
CA THR E 164 -34.83 37.65 -19.37
C THR E 164 -33.37 37.49 -19.18
N ASP E 165 -32.72 36.92 -20.19
CA ASP E 165 -31.28 36.73 -20.15
C ASP E 165 -30.71 37.91 -20.84
N GLN E 166 -29.48 38.22 -20.51
CA GLN E 166 -28.81 39.34 -21.12
C GLN E 166 -29.12 39.16 -22.61
N ASP E 167 -29.58 40.23 -23.23
CA ASP E 167 -29.88 40.22 -24.64
C ASP E 167 -28.54 40.03 -25.33
N SER E 168 -28.53 39.29 -26.42
CA SER E 168 -27.26 39.01 -27.11
C SER E 168 -26.58 40.16 -27.85
N LYS E 169 -27.39 41.00 -28.49
CA LYS E 169 -26.90 42.12 -29.28
C LYS E 169 -26.71 43.44 -28.53
N ASP E 170 -27.65 43.80 -27.66
CA ASP E 170 -27.52 45.05 -26.93
C ASP E 170 -27.08 44.92 -25.46
N SER E 171 -26.76 43.69 -25.05
CA SER E 171 -26.32 43.37 -23.69
C SER E 171 -27.15 43.91 -22.53
N THR E 172 -28.45 44.03 -22.67
CA THR E 172 -29.25 44.53 -21.57
C THR E 172 -30.16 43.44 -21.00
N TYR E 173 -31.21 43.86 -20.27
CA TYR E 173 -32.19 42.94 -19.67
C TYR E 173 -33.59 43.48 -19.82
N SER E 174 -34.54 42.75 -19.26
CA SER E 174 -35.94 43.11 -19.33
C SER E 174 -36.67 42.32 -18.28
N MET E 175 -37.86 42.79 -17.90
CA MET E 175 -38.62 42.15 -16.86
C MET E 175 -40.11 42.42 -16.95
N SER E 176 -40.88 41.33 -16.98
CA SER E 176 -42.33 41.45 -17.04
C SER E 176 -42.70 41.25 -15.58
N SER E 177 -43.86 41.75 -15.17
CA SER E 177 -44.32 41.59 -13.80
C SER E 177 -45.81 41.73 -13.95
N THR E 178 -46.55 40.78 -13.40
CA THR E 178 -47.99 40.81 -13.55
C THR E 178 -48.76 40.60 -12.25
N LEU E 179 -49.54 41.62 -11.89
CA LEU E 179 -50.38 41.64 -10.69
C LEU E 179 -51.76 41.13 -11.08
N THR E 180 -52.09 39.92 -10.64
CA THR E 180 -53.38 39.32 -10.99
C THR E 180 -54.43 39.43 -9.88
N LEU E 181 -55.48 40.21 -10.15
CA LEU E 181 -56.56 40.41 -9.19
C LEU E 181 -57.82 39.85 -9.80
N THR E 182 -58.91 39.85 -9.04
CA THR E 182 -60.17 39.37 -9.57
C THR E 182 -60.75 40.54 -10.35
N LYS E 183 -61.70 40.28 -11.23
CA LYS E 183 -62.31 41.36 -12.02
C LYS E 183 -62.93 42.44 -11.14
N ASP E 184 -63.49 42.04 -10.01
CA ASP E 184 -64.09 43.01 -9.10
C ASP E 184 -63.04 43.67 -8.21
N GLU E 185 -62.06 42.93 -7.71
CA GLU E 185 -61.04 43.56 -6.87
C GLU E 185 -60.32 44.63 -7.68
N TYR E 186 -60.31 44.45 -8.99
CA TYR E 186 -59.70 45.42 -9.88
C TYR E 186 -60.67 46.59 -9.91
N GLU E 187 -61.95 46.30 -10.18
CA GLU E 187 -62.98 47.32 -10.22
C GLU E 187 -63.41 47.84 -8.84
N ARG E 188 -62.59 47.55 -7.82
CA ARG E 188 -62.85 47.98 -6.45
C ARG E 188 -61.69 48.86 -5.99
N HIS E 189 -61.12 49.57 -6.95
CA HIS E 189 -60.02 50.47 -6.69
C HIS E 189 -59.87 51.39 -7.91
N ASN E 190 -58.86 52.24 -7.91
CA ASN E 190 -58.67 53.12 -9.03
C ASN E 190 -57.20 53.27 -9.39
N SER E 191 -56.36 53.34 -8.36
CA SER E 191 -54.91 53.52 -8.54
C SER E 191 -54.06 52.23 -8.61
N TYR E 192 -53.30 52.11 -9.68
CA TYR E 192 -52.41 50.99 -9.90
C TYR E 192 -51.05 51.55 -10.26
N THR E 193 -50.08 51.35 -9.38
CA THR E 193 -48.74 51.88 -9.61
C THR E 193 -47.64 50.83 -9.71
N CYS E 194 -46.82 50.98 -10.75
CA CYS E 194 -45.71 50.07 -10.94
C CYS E 194 -44.47 50.91 -10.62
N GLU E 195 -43.65 50.45 -9.68
CA GLU E 195 -42.45 51.18 -9.29
C GLU E 195 -41.20 50.38 -9.54
N ALA E 196 -40.27 50.96 -10.28
CA ALA E 196 -39.05 50.26 -10.59
C ALA E 196 -37.89 50.97 -9.96
N THR E 197 -37.18 50.25 -9.09
CA THR E 197 -36.02 50.84 -8.44
C THR E 197 -34.81 50.20 -9.11
N HIS E 198 -33.99 51.00 -9.78
CA HIS E 198 -32.82 50.44 -10.45
C HIS E 198 -31.62 51.26 -10.03
N LYS E 199 -30.43 50.64 -10.01
CA LYS E 199 -29.22 51.35 -9.61
C LYS E 199 -28.85 52.48 -10.56
N THR E 200 -29.83 53.19 -11.09
CA THR E 200 -29.52 54.29 -11.98
C THR E 200 -30.10 55.55 -11.38
N SER E 201 -31.35 55.48 -10.96
CA SER E 201 -31.99 56.64 -10.37
C SER E 201 -32.38 56.39 -8.92
N THR E 202 -31.83 57.23 -8.05
CA THR E 202 -32.07 57.20 -6.61
C THR E 202 -33.57 57.34 -6.35
N SER E 203 -34.29 57.65 -7.42
CA SER E 203 -35.74 57.78 -7.35
C SER E 203 -36.37 56.67 -8.19
N PRO E 204 -37.37 55.98 -7.62
CA PRO E 204 -38.02 54.91 -8.37
C PRO E 204 -38.76 55.45 -9.61
N ILE E 205 -38.57 54.78 -10.74
CA ILE E 205 -39.28 55.16 -11.97
C ILE E 205 -40.68 54.58 -11.77
N VAL E 206 -41.68 55.43 -11.86
CA VAL E 206 -43.05 55.00 -11.64
C VAL E 206 -43.89 55.22 -12.88
N LYS E 207 -44.98 54.46 -13.00
CA LYS E 207 -45.92 54.59 -14.11
C LYS E 207 -47.19 54.04 -13.52
N SER E 208 -48.31 54.72 -13.74
CA SER E 208 -49.58 54.27 -13.17
C SER E 208 -50.77 54.65 -14.04
N PHE E 209 -51.94 54.19 -13.65
CA PHE E 209 -53.17 54.50 -14.38
C PHE E 209 -54.40 54.42 -13.47
N ASN E 210 -55.53 54.95 -13.94
CA ASN E 210 -56.77 54.93 -13.15
C ASN E 210 -57.98 54.50 -13.97
N ARG E 211 -58.41 53.27 -13.73
CA ARG E 211 -59.54 52.65 -14.42
C ARG E 211 -60.71 53.60 -14.67
N GLN F 1 -17.08 11.84 -33.91
CA GLN F 1 -18.16 10.95 -34.42
C GLN F 1 -19.00 10.33 -33.25
N ILE F 2 -18.82 10.84 -32.03
CA ILE F 2 -19.59 10.35 -30.90
C ILE F 2 -20.77 11.27 -30.66
N THR F 3 -21.94 10.65 -30.46
CA THR F 3 -23.17 11.41 -30.27
C THR F 3 -24.06 10.71 -29.29
N LEU F 4 -24.89 11.49 -28.63
CA LEU F 4 -25.84 10.95 -27.67
C LEU F 4 -27.16 11.70 -27.83
N LYS F 5 -28.28 11.00 -27.68
CA LYS F 5 -29.55 11.68 -27.79
C LYS F 5 -30.51 11.18 -26.75
N GLU F 6 -31.00 12.07 -25.90
CA GLU F 6 -31.94 11.68 -24.86
C GLU F 6 -33.31 11.62 -25.51
N SER F 7 -34.18 10.73 -25.02
CA SER F 7 -35.58 10.60 -25.47
C SER F 7 -36.39 10.24 -24.22
N GLY F 8 -37.65 10.66 -24.18
CA GLY F 8 -38.47 10.37 -23.00
C GLY F 8 -39.90 10.79 -23.21
N PRO F 9 -40.67 11.02 -22.16
CA PRO F 9 -42.05 11.41 -22.41
C PRO F 9 -42.34 12.92 -22.35
N GLY F 10 -41.32 13.70 -22.00
CA GLY F 10 -41.53 15.14 -21.92
C GLY F 10 -42.55 15.66 -20.90
N ILE F 11 -43.62 14.91 -20.68
CA ILE F 11 -44.64 15.31 -19.71
C ILE F 11 -45.12 14.06 -19.00
N VAL F 12 -45.08 14.09 -17.69
CA VAL F 12 -45.43 12.95 -16.84
C VAL F 12 -46.35 13.23 -15.65
N GLN F 13 -47.38 12.40 -15.52
CA GLN F 13 -48.33 12.50 -14.45
C GLN F 13 -47.56 12.33 -13.14
N PRO F 14 -47.91 13.09 -12.11
CA PRO F 14 -47.20 12.96 -10.82
C PRO F 14 -47.41 11.57 -10.21
N SER F 15 -46.43 11.09 -9.45
CA SER F 15 -46.49 9.76 -8.82
C SER F 15 -46.27 8.61 -9.82
N GLN F 16 -46.36 8.93 -11.10
CA GLN F 16 -46.14 7.96 -12.16
C GLN F 16 -44.64 7.86 -12.44
N PRO F 17 -44.24 6.89 -13.25
CA PRO F 17 -42.82 6.73 -13.57
C PRO F 17 -42.56 7.18 -14.99
N PHE F 18 -41.29 7.33 -15.32
CA PHE F 18 -40.94 7.71 -16.68
C PHE F 18 -39.66 6.97 -16.97
N ARG F 19 -39.39 6.73 -18.24
CA ARG F 19 -38.19 6.02 -18.64
C ARG F 19 -37.46 6.77 -19.74
N LEU F 20 -36.29 7.31 -19.44
CA LEU F 20 -35.49 8.02 -20.44
C LEU F 20 -34.55 7.10 -21.16
N THR F 21 -34.38 7.34 -22.46
CA THR F 21 -33.47 6.54 -23.25
C THR F 21 -32.40 7.40 -23.90
N CYS F 22 -31.16 6.95 -23.73
CA CYS F 22 -30.02 7.63 -24.31
C CYS F 22 -29.58 6.71 -25.42
N THR F 23 -29.58 7.21 -26.65
CA THR F 23 -29.13 6.41 -27.77
C THR F 23 -27.85 7.07 -28.20
N PHE F 24 -26.79 6.28 -28.29
CA PHE F 24 -25.46 6.76 -28.64
C PHE F 24 -24.78 5.96 -29.71
N SER F 25 -23.85 6.62 -30.40
CA SER F 25 -23.07 5.94 -31.43
C SER F 25 -21.66 6.50 -31.28
N GLY F 26 -20.68 5.74 -31.75
CA GLY F 26 -19.32 6.19 -31.67
C GLY F 26 -18.50 5.47 -30.61
N PHE F 27 -19.16 4.78 -29.70
CA PHE F 27 -18.43 4.04 -28.68
C PHE F 27 -19.30 2.92 -28.18
N SER F 28 -18.74 2.03 -27.38
CA SER F 28 -19.55 0.93 -26.89
C SER F 28 -19.59 0.94 -25.37
N LEU F 29 -20.71 0.49 -24.79
CA LEU F 29 -20.81 0.42 -23.34
C LEU F 29 -20.11 -0.88 -22.89
N SER F 30 -19.40 -1.50 -23.82
CA SER F 30 -18.67 -2.73 -23.57
C SER F 30 -17.17 -2.48 -23.34
N THR F 31 -16.67 -1.39 -23.94
CA THR F 31 -15.27 -1.01 -23.84
C THR F 31 -14.93 -0.56 -22.43
N SER F 32 -14.08 -1.32 -21.76
CA SER F 32 -13.67 -1.01 -20.41
C SER F 32 -13.39 0.47 -20.19
N GLY F 33 -13.85 0.97 -19.04
CA GLY F 33 -13.64 2.38 -18.70
C GLY F 33 -14.81 3.30 -19.05
N ILE F 34 -15.51 2.97 -20.14
CA ILE F 34 -16.62 3.75 -20.60
C ILE F 34 -17.85 3.53 -19.74
N GLY F 35 -18.78 4.47 -19.82
CA GLY F 35 -20.00 4.36 -19.04
C GLY F 35 -20.86 5.55 -19.45
N VAL F 36 -22.14 5.51 -19.16
CA VAL F 36 -22.97 6.61 -19.54
C VAL F 36 -23.47 7.22 -18.27
N THR F 37 -23.49 8.55 -18.20
CA THR F 37 -23.96 9.26 -17.01
C THR F 37 -25.22 10.05 -17.31
N TRP F 38 -26.11 10.14 -16.33
CA TRP F 38 -27.34 10.89 -16.51
C TRP F 38 -27.20 12.10 -15.62
N ILE F 39 -27.46 13.28 -16.20
CA ILE F 39 -27.37 14.54 -15.47
C ILE F 39 -28.73 15.18 -15.53
N ARG F 40 -29.00 16.09 -14.62
CA ARG F 40 -30.27 16.74 -14.59
C ARG F 40 -30.08 18.25 -14.34
N GLN F 41 -30.99 19.06 -14.87
CA GLN F 41 -30.89 20.51 -14.68
C GLN F 41 -32.27 21.15 -14.60
N PRO F 42 -32.81 21.27 -13.38
CA PRO F 42 -34.13 21.88 -13.18
C PRO F 42 -34.18 23.20 -13.92
N SER F 43 -35.38 23.63 -14.23
CA SER F 43 -35.59 24.88 -14.95
C SER F 43 -34.95 26.09 -14.23
N GLY F 44 -33.85 26.59 -14.80
CA GLY F 44 -33.16 27.73 -14.22
C GLY F 44 -32.06 27.41 -13.22
N LYS F 45 -32.08 26.20 -12.64
CA LYS F 45 -31.07 25.78 -11.67
C LYS F 45 -29.83 25.16 -12.34
N GLY F 46 -28.86 24.73 -11.52
CA GLY F 46 -27.64 24.16 -12.06
C GLY F 46 -27.63 22.65 -12.23
N LEU F 47 -26.52 22.12 -12.73
CA LEU F 47 -26.36 20.69 -12.97
C LEU F 47 -26.41 19.79 -11.73
N GLU F 48 -27.08 18.64 -11.85
CA GLU F 48 -27.25 17.65 -10.78
C GLU F 48 -26.94 16.27 -11.31
N TRP F 49 -25.99 15.58 -10.68
CA TRP F 49 -25.61 14.24 -11.10
C TRP F 49 -26.73 13.29 -10.65
N LEU F 50 -27.16 12.39 -11.53
CA LEU F 50 -28.22 11.44 -11.20
C LEU F 50 -27.70 10.03 -10.97
N ALA F 51 -26.95 9.51 -11.94
CA ALA F 51 -26.38 8.16 -11.82
C ALA F 51 -25.44 7.88 -12.96
N THR F 52 -24.58 6.88 -12.81
CA THR F 52 -23.67 6.51 -13.89
C THR F 52 -23.69 5.00 -14.05
N ILE F 53 -23.93 4.51 -15.26
CA ILE F 53 -23.94 3.08 -15.50
C ILE F 53 -22.63 2.72 -16.16
N TRP F 54 -21.87 1.82 -15.55
CA TRP F 54 -20.59 1.47 -16.14
C TRP F 54 -20.55 0.23 -17.02
N TRP F 55 -19.49 0.13 -17.81
CA TRP F 55 -19.31 -0.98 -18.74
C TRP F 55 -19.37 -2.31 -18.02
N ASP F 56 -19.19 -2.30 -16.71
CA ASP F 56 -19.24 -3.53 -15.92
C ASP F 56 -20.40 -3.50 -14.90
N ASP F 57 -21.50 -2.88 -15.29
CA ASP F 57 -22.68 -2.76 -14.46
C ASP F 57 -22.45 -2.42 -12.99
N ASP F 58 -21.28 -1.84 -12.71
CA ASP F 58 -20.94 -1.41 -11.36
C ASP F 58 -21.43 0.03 -11.23
N ASN F 59 -22.74 0.20 -11.38
CA ASN F 59 -23.40 1.49 -11.36
C ASN F 59 -23.34 2.27 -10.06
N ARG F 60 -23.50 3.61 -10.15
CA ARG F 60 -23.47 4.52 -8.99
C ARG F 60 -24.66 5.44 -9.05
N TYR F 61 -25.37 5.57 -7.93
CA TYR F 61 -26.56 6.40 -7.82
C TYR F 61 -26.44 7.56 -6.85
N ASN F 62 -27.10 8.66 -7.17
CA ASN F 62 -27.08 9.81 -6.29
C ASN F 62 -27.93 9.41 -5.08
N PRO F 63 -27.32 9.39 -3.89
CA PRO F 63 -27.93 9.05 -2.60
C PRO F 63 -29.33 9.56 -2.41
N SER F 64 -29.52 10.85 -2.64
CA SER F 64 -30.84 11.45 -2.46
C SER F 64 -31.91 10.76 -3.26
N LEU F 65 -31.52 10.21 -4.40
CA LEU F 65 -32.50 9.56 -5.28
C LEU F 65 -32.37 8.06 -5.59
N LYS F 66 -31.33 7.38 -5.09
CA LYS F 66 -31.14 5.95 -5.38
C LYS F 66 -32.43 5.15 -5.22
N SER F 67 -33.27 5.64 -4.32
CA SER F 67 -34.55 5.01 -4.05
C SER F 67 -35.53 4.91 -5.23
N ARG F 68 -35.57 5.93 -6.07
CA ARG F 68 -36.48 5.94 -7.22
C ARG F 68 -35.76 5.91 -8.56
N LEU F 69 -34.50 5.57 -8.54
CA LEU F 69 -33.74 5.55 -9.77
C LEU F 69 -33.26 4.16 -10.14
N THR F 70 -33.15 3.91 -11.42
CA THR F 70 -32.63 2.65 -11.88
C THR F 70 -31.99 2.88 -13.23
N VAL F 71 -30.72 2.58 -13.31
CA VAL F 71 -30.03 2.80 -14.56
C VAL F 71 -29.93 1.47 -15.24
N SER F 72 -29.80 1.45 -16.56
CA SER F 72 -29.70 0.21 -17.31
C SER F 72 -29.21 0.38 -18.74
N LYS F 73 -28.93 -0.72 -19.42
CA LYS F 73 -28.43 -0.61 -20.77
C LYS F 73 -28.79 -1.79 -21.64
N ASP F 74 -28.61 -1.64 -22.94
CA ASP F 74 -28.85 -2.68 -23.94
C ASP F 74 -27.64 -2.44 -24.84
N THR F 75 -26.51 -2.98 -24.39
CA THR F 75 -25.24 -2.84 -25.08
C THR F 75 -25.26 -3.10 -26.58
N SER F 76 -26.04 -4.06 -27.00
CA SER F 76 -26.13 -4.40 -28.41
C SER F 76 -26.81 -3.34 -29.25
N ASN F 77 -27.53 -2.44 -28.59
CA ASN F 77 -28.22 -1.40 -29.32
C ASN F 77 -27.77 -0.02 -28.99
N ASN F 78 -26.69 0.07 -28.24
CA ASN F 78 -26.12 1.34 -27.83
C ASN F 78 -27.14 2.25 -27.20
N GLN F 79 -27.90 1.73 -26.25
CA GLN F 79 -28.89 2.54 -25.57
C GLN F 79 -28.65 2.39 -24.10
N ALA F 80 -28.99 3.42 -23.35
CA ALA F 80 -28.85 3.38 -21.91
C ALA F 80 -30.19 3.94 -21.42
N PHE F 81 -30.64 3.51 -20.27
CA PHE F 81 -31.92 4.00 -19.83
C PHE F 81 -31.84 4.45 -18.41
N LEU F 82 -32.80 5.28 -18.04
CA LEU F 82 -32.89 5.79 -16.70
C LEU F 82 -34.35 5.68 -16.33
N ASN F 83 -34.68 4.91 -15.33
CA ASN F 83 -36.07 4.80 -14.90
C ASN F 83 -36.14 5.70 -13.68
N MET F 84 -37.28 6.32 -13.46
CA MET F 84 -37.46 7.19 -12.30
C MET F 84 -38.84 6.84 -11.81
N MET F 85 -38.91 6.31 -10.60
CA MET F 85 -40.20 5.92 -10.04
C MET F 85 -40.83 7.08 -9.31
N THR F 86 -42.15 7.02 -9.13
CA THR F 86 -42.90 8.06 -8.41
C THR F 86 -42.36 9.48 -8.56
N VAL F 87 -42.49 10.06 -9.76
CA VAL F 87 -41.99 11.40 -9.98
C VAL F 87 -42.87 12.45 -9.34
N GLU F 88 -42.24 13.55 -8.95
CA GLU F 88 -42.92 14.66 -8.33
C GLU F 88 -42.60 15.91 -9.16
N THR F 89 -43.35 16.98 -8.95
CA THR F 89 -43.11 18.21 -9.70
C THR F 89 -41.64 18.64 -9.63
N ALA F 90 -40.99 18.41 -8.49
CA ALA F 90 -39.58 18.78 -8.37
C ALA F 90 -38.67 18.06 -9.37
N ASP F 91 -39.22 17.09 -10.08
CA ASP F 91 -38.48 16.28 -11.06
C ASP F 91 -38.57 16.90 -12.44
N THR F 92 -39.28 18.02 -12.50
CA THR F 92 -39.42 18.72 -13.74
C THR F 92 -38.06 19.36 -14.03
N ALA F 93 -37.38 18.87 -15.07
CA ALA F 93 -36.08 19.41 -15.46
C ALA F 93 -35.63 18.88 -16.82
N ILE F 94 -34.45 19.29 -17.27
CA ILE F 94 -33.91 18.77 -18.53
C ILE F 94 -32.98 17.66 -18.11
N TYR F 95 -33.06 16.52 -18.80
CA TYR F 95 -32.22 15.39 -18.47
C TYR F 95 -31.20 15.12 -19.54
N TYR F 96 -29.93 15.16 -19.17
CA TYR F 96 -28.91 14.88 -20.17
C TYR F 96 -28.30 13.53 -19.90
N CYS F 97 -27.71 12.95 -20.94
CA CYS F 97 -26.95 11.73 -20.76
C CYS F 97 -25.64 12.13 -21.37
N ALA F 98 -24.55 11.58 -20.86
CA ALA F 98 -23.25 11.96 -21.38
C ALA F 98 -22.31 10.78 -21.35
N GLN F 99 -21.52 10.63 -22.41
CA GLN F 99 -20.56 9.54 -22.41
C GLN F 99 -19.55 9.91 -21.39
N SER F 100 -19.38 9.04 -20.40
CA SER F 100 -18.42 9.27 -19.36
C SER F 100 -17.29 8.25 -19.59
N ALA F 101 -16.04 8.62 -19.38
CA ALA F 101 -14.97 7.64 -19.60
C ALA F 101 -13.65 7.80 -18.81
N ILE F 102 -13.26 6.70 -18.16
CA ILE F 102 -12.03 6.59 -17.36
C ILE F 102 -10.95 6.21 -18.37
N THR F 103 -10.02 7.14 -18.57
CA THR F 103 -8.95 6.99 -19.55
C THR F 103 -7.55 6.70 -19.04
N SER F 104 -7.22 7.23 -17.86
CA SER F 104 -5.89 7.04 -17.27
C SER F 104 -6.08 6.78 -15.80
N VAL F 105 -4.99 6.74 -15.07
CA VAL F 105 -5.08 6.54 -13.66
C VAL F 105 -5.70 7.77 -13.01
N THR F 106 -5.80 8.87 -13.76
CA THR F 106 -6.36 10.12 -13.22
C THR F 106 -7.54 10.73 -13.94
N ASP F 107 -7.57 10.53 -15.25
CA ASP F 107 -8.62 11.09 -16.10
C ASP F 107 -9.97 10.33 -16.13
N SER F 108 -11.02 11.05 -15.76
CA SER F 108 -12.38 10.52 -15.77
C SER F 108 -13.28 11.74 -15.85
N ALA F 109 -13.82 11.96 -17.05
CA ALA F 109 -14.71 13.09 -17.26
C ALA F 109 -15.87 12.66 -18.17
N MET F 110 -16.87 13.52 -18.26
CA MET F 110 -18.03 13.28 -19.11
C MET F 110 -17.68 14.00 -20.42
N ASP F 111 -16.98 13.27 -21.27
CA ASP F 111 -16.49 13.76 -22.55
C ASP F 111 -17.47 14.40 -23.54
N HIS F 112 -18.64 13.79 -23.78
CA HIS F 112 -19.61 14.35 -24.74
C HIS F 112 -21.01 14.32 -24.16
N TRP F 113 -21.77 15.38 -24.42
CA TRP F 113 -23.13 15.47 -23.89
C TRP F 113 -24.24 15.40 -24.93
N GLY F 114 -25.46 15.19 -24.48
CA GLY F 114 -26.58 15.16 -25.41
C GLY F 114 -27.27 16.50 -25.22
N GLN F 115 -28.27 16.82 -26.04
CA GLN F 115 -28.92 18.10 -25.89
C GLN F 115 -29.94 18.11 -24.76
N GLY F 116 -30.30 16.94 -24.25
CA GLY F 116 -31.27 16.87 -23.18
C GLY F 116 -32.65 16.42 -23.63
N THR F 117 -33.58 16.29 -22.69
CA THR F 117 -34.97 15.92 -22.95
C THR F 117 -35.64 16.73 -21.86
N SER F 118 -36.78 17.31 -22.15
CA SER F 118 -37.45 18.06 -21.10
C SER F 118 -38.52 17.21 -20.45
N VAL F 119 -38.32 16.84 -19.20
CA VAL F 119 -39.34 16.08 -18.53
C VAL F 119 -40.07 17.08 -17.64
N THR F 120 -41.38 17.12 -17.80
CA THR F 120 -42.22 18.00 -17.01
C THR F 120 -43.19 17.18 -16.19
N VAL F 121 -43.25 17.44 -14.90
CA VAL F 121 -44.17 16.70 -14.04
C VAL F 121 -45.37 17.57 -13.72
N SER F 122 -46.51 17.25 -14.32
CA SER F 122 -47.72 18.01 -14.09
C SER F 122 -48.99 17.25 -14.37
N SER F 123 -49.93 17.33 -13.45
CA SER F 123 -51.20 16.68 -13.64
C SER F 123 -52.06 17.49 -14.61
N ALA F 124 -51.53 18.64 -15.03
CA ALA F 124 -52.25 19.51 -15.93
C ALA F 124 -52.69 18.80 -17.21
N LYS F 125 -53.75 19.32 -17.81
CA LYS F 125 -54.30 18.79 -19.05
C LYS F 125 -54.07 19.84 -20.12
N THR F 126 -53.73 19.41 -21.32
CA THR F 126 -53.48 20.35 -22.40
C THR F 126 -54.56 21.45 -22.63
N THR F 127 -54.15 22.69 -22.41
CA THR F 127 -55.01 23.86 -22.54
C THR F 127 -54.40 24.95 -23.43
N PRO F 128 -55.17 25.44 -24.41
CA PRO F 128 -54.79 26.48 -25.36
C PRO F 128 -54.77 27.80 -24.64
N PRO F 129 -53.83 28.69 -25.00
CA PRO F 129 -53.70 30.00 -24.36
C PRO F 129 -54.82 30.99 -24.65
N SER F 130 -55.07 31.86 -23.67
CA SER F 130 -56.07 32.92 -23.80
C SER F 130 -55.25 34.17 -24.09
N VAL F 131 -55.42 34.75 -25.27
CA VAL F 131 -54.64 35.93 -25.62
C VAL F 131 -55.32 37.29 -25.46
N TYR F 132 -54.67 38.18 -24.70
CA TYR F 132 -55.20 39.51 -24.46
C TYR F 132 -54.18 40.55 -24.90
N PRO F 133 -54.63 41.55 -25.65
CA PRO F 133 -53.77 42.64 -26.15
C PRO F 133 -53.30 43.56 -25.01
N LEU F 134 -52.37 44.45 -25.31
CA LEU F 134 -51.91 45.38 -24.30
C LEU F 134 -51.63 46.73 -24.97
N ALA F 135 -52.53 47.69 -24.78
CA ALA F 135 -52.35 49.01 -25.37
C ALA F 135 -52.43 50.05 -24.27
N PRO F 136 -51.47 50.99 -24.24
CA PRO F 136 -51.50 52.03 -23.19
C PRO F 136 -52.86 52.74 -23.12
N GLY F 137 -53.23 53.23 -21.94
CA GLY F 137 -54.52 53.90 -21.78
C GLY F 137 -54.58 55.41 -21.59
N SER F 138 -54.58 55.84 -20.32
CA SER F 138 -54.63 57.28 -19.95
C SER F 138 -53.51 58.10 -20.57
N ALA F 139 -52.30 57.53 -20.63
CA ALA F 139 -51.13 58.20 -21.21
C ALA F 139 -51.10 58.00 -22.74
N ALA F 140 -52.07 58.65 -23.42
CA ALA F 140 -52.19 58.58 -24.88
C ALA F 140 -50.83 58.77 -25.55
N GLN F 141 -50.65 58.17 -26.72
CA GLN F 141 -49.40 58.24 -27.47
C GLN F 141 -48.82 59.65 -27.73
N THR F 142 -47.49 59.74 -27.70
CA THR F 142 -46.76 60.98 -27.95
C THR F 142 -45.81 60.72 -29.14
N ASN F 143 -45.29 61.79 -29.77
CA ASN F 143 -44.38 61.67 -30.94
C ASN F 143 -43.00 61.04 -30.72
N SER F 144 -42.98 59.98 -29.92
CA SER F 144 -41.76 59.26 -29.58
C SER F 144 -41.90 57.77 -29.94
N MET F 145 -41.63 56.91 -28.97
CA MET F 145 -41.73 55.48 -29.13
C MET F 145 -42.85 54.98 -28.23
N VAL F 146 -43.64 54.05 -28.72
CA VAL F 146 -44.72 53.50 -27.93
C VAL F 146 -44.40 52.02 -27.76
N THR F 147 -44.91 51.41 -26.70
CA THR F 147 -44.65 49.99 -26.46
C THR F 147 -45.97 49.22 -26.22
N LEU F 148 -46.29 48.36 -27.18
CA LEU F 148 -47.50 47.55 -27.10
C LEU F 148 -47.09 46.19 -26.55
N GLY F 149 -48.05 45.46 -26.00
CA GLY F 149 -47.73 44.15 -25.46
C GLY F 149 -48.77 43.11 -25.76
N CYS F 150 -48.51 41.88 -25.32
CA CYS F 150 -49.42 40.77 -25.52
C CYS F 150 -49.30 39.85 -24.31
N LEU F 151 -50.42 39.28 -23.88
CA LEU F 151 -50.45 38.40 -22.71
C LEU F 151 -50.97 36.99 -23.04
N VAL F 152 -50.08 36.00 -22.99
CA VAL F 152 -50.52 34.63 -23.25
C VAL F 152 -50.69 33.99 -21.88
N LYS F 153 -51.95 33.85 -21.46
CA LYS F 153 -52.27 33.35 -20.13
C LYS F 153 -52.94 32.00 -20.05
N GLY F 154 -52.54 31.25 -19.01
CA GLY F 154 -53.07 29.94 -18.67
C GLY F 154 -53.15 28.84 -19.71
N TYR F 155 -52.00 28.47 -20.26
CA TYR F 155 -51.93 27.42 -21.26
C TYR F 155 -51.08 26.24 -20.74
N PHE F 156 -51.11 25.12 -21.46
CA PHE F 156 -50.34 23.94 -21.09
C PHE F 156 -50.38 22.93 -22.22
N PRO F 157 -49.24 22.34 -22.58
CA PRO F 157 -47.91 22.54 -21.99
C PRO F 157 -47.17 23.60 -22.78
N GLU F 158 -45.86 23.64 -22.59
CA GLU F 158 -45.03 24.57 -23.34
C GLU F 158 -44.70 23.88 -24.67
N PRO F 159 -44.31 24.63 -25.70
CA PRO F 159 -44.15 26.09 -25.67
C PRO F 159 -45.26 26.77 -26.45
N VAL F 160 -45.11 28.08 -26.54
CA VAL F 160 -46.01 28.94 -27.31
C VAL F 160 -45.01 29.73 -28.14
N THR F 161 -45.45 30.12 -29.34
CA THR F 161 -44.62 30.90 -30.24
C THR F 161 -45.25 32.27 -30.44
N VAL F 162 -44.57 33.31 -29.97
CA VAL F 162 -45.10 34.65 -30.12
C VAL F 162 -44.26 35.51 -31.02
N THR F 163 -44.93 36.04 -32.05
CA THR F 163 -44.32 36.92 -33.04
C THR F 163 -45.24 38.09 -33.28
N TRP F 164 -44.67 39.19 -33.75
CA TRP F 164 -45.46 40.37 -34.01
C TRP F 164 -45.59 40.69 -35.49
N ASN F 165 -46.83 40.91 -35.90
CA ASN F 165 -47.12 41.19 -37.29
C ASN F 165 -46.54 40.09 -38.15
N SER F 166 -46.97 38.87 -37.87
CA SER F 166 -46.54 37.66 -38.58
C SER F 166 -45.07 37.62 -38.97
N GLY F 167 -44.20 38.05 -38.04
CA GLY F 167 -42.76 38.05 -38.30
C GLY F 167 -42.16 39.35 -38.77
N SER F 168 -43.01 40.29 -39.16
CA SER F 168 -42.58 41.59 -39.65
C SER F 168 -41.81 42.37 -38.62
N LEU F 169 -42.30 42.35 -37.39
CA LEU F 169 -41.64 43.06 -36.32
C LEU F 169 -40.78 42.11 -35.55
N SER F 170 -39.54 42.53 -35.30
CA SER F 170 -38.58 41.72 -34.56
C SER F 170 -37.45 42.51 -33.88
N SER F 171 -37.48 43.83 -33.97
CA SER F 171 -36.42 44.63 -33.35
C SER F 171 -36.67 45.03 -31.91
N GLY F 172 -37.87 45.53 -31.64
CA GLY F 172 -38.18 45.96 -30.29
C GLY F 172 -39.07 44.95 -29.63
N VAL F 173 -38.81 43.67 -29.88
CA VAL F 173 -39.63 42.62 -29.29
C VAL F 173 -38.91 41.96 -28.13
N HIS F 174 -39.69 41.59 -27.11
CA HIS F 174 -39.25 40.89 -25.89
C HIS F 174 -40.35 39.94 -25.46
N THR F 175 -40.08 38.65 -25.60
CA THR F 175 -41.06 37.66 -25.16
C THR F 175 -40.46 37.07 -23.91
N PHE F 176 -41.08 37.31 -22.78
CA PHE F 176 -40.53 36.82 -21.52
C PHE F 176 -40.84 35.36 -21.27
N PRO F 177 -39.95 34.68 -20.55
CA PRO F 177 -40.13 33.27 -20.22
C PRO F 177 -41.38 33.11 -19.36
N ALA F 178 -42.12 32.02 -19.59
CA ALA F 178 -43.37 31.77 -18.89
C ALA F 178 -43.19 31.43 -17.42
N VAL F 179 -44.31 31.40 -16.70
CA VAL F 179 -44.30 31.08 -15.28
C VAL F 179 -45.50 30.23 -14.94
N LEU F 180 -45.41 29.55 -13.82
CA LEU F 180 -46.51 28.70 -13.41
C LEU F 180 -47.51 29.43 -12.54
N GLN F 181 -48.78 29.19 -12.85
CA GLN F 181 -49.86 29.82 -12.11
C GLN F 181 -50.98 28.82 -12.16
N SER F 182 -51.27 28.20 -11.02
CA SER F 182 -52.31 27.18 -10.95
C SER F 182 -52.04 26.09 -11.99
N ASP F 183 -50.83 25.56 -11.95
CA ASP F 183 -50.42 24.51 -12.87
C ASP F 183 -50.63 24.83 -14.34
N LEU F 184 -50.69 26.12 -14.68
CA LEU F 184 -50.86 26.59 -16.06
C LEU F 184 -49.75 27.60 -16.36
N TYR F 185 -49.45 27.81 -17.64
CA TYR F 185 -48.40 28.74 -18.01
C TYR F 185 -48.90 30.12 -18.43
N THR F 186 -48.17 31.14 -18.03
CA THR F 186 -48.53 32.51 -18.37
C THR F 186 -47.28 33.29 -18.79
N LEU F 187 -47.33 33.92 -19.96
CA LEU F 187 -46.22 34.76 -20.42
C LEU F 187 -46.70 35.90 -21.33
N SER F 188 -45.81 36.88 -21.47
CA SER F 188 -46.06 38.08 -22.24
C SER F 188 -44.90 38.43 -23.16
N SER F 189 -45.22 39.18 -24.20
CA SER F 189 -44.24 39.59 -25.17
C SER F 189 -44.46 41.08 -25.27
N SER F 190 -43.39 41.83 -25.50
CA SER F 190 -43.55 43.27 -25.62
C SER F 190 -42.87 43.73 -26.90
N VAL F 191 -43.51 44.69 -27.57
CA VAL F 191 -42.95 45.26 -28.79
C VAL F 191 -42.86 46.78 -28.64
N THR F 192 -41.78 47.37 -29.14
CA THR F 192 -41.59 48.82 -29.05
C THR F 192 -41.39 49.39 -30.42
N VAL F 193 -42.44 50.00 -30.95
CA VAL F 193 -42.41 50.58 -32.27
C VAL F 193 -42.59 52.11 -32.19
N PRO F 194 -41.95 52.87 -33.11
CA PRO F 194 -42.06 54.33 -33.12
C PRO F 194 -43.53 54.75 -33.19
N SER F 195 -43.87 55.82 -32.49
CA SER F 195 -45.26 56.32 -32.46
C SER F 195 -45.86 56.63 -33.82
N SER F 196 -45.00 56.99 -34.78
CA SER F 196 -45.46 57.33 -36.11
C SER F 196 -46.00 56.13 -36.85
N THR F 197 -45.85 54.95 -36.24
CA THR F 197 -46.27 53.67 -36.82
C THR F 197 -47.56 53.12 -36.26
N TRP F 198 -47.77 53.29 -34.97
CA TRP F 198 -48.98 52.81 -34.33
C TRP F 198 -49.74 54.01 -33.77
N PRO F 199 -51.09 54.04 -33.91
CA PRO F 199 -51.97 53.06 -34.55
C PRO F 199 -52.11 53.28 -36.04
N SER F 200 -51.45 54.32 -36.56
CA SER F 200 -51.55 54.62 -37.98
C SER F 200 -51.34 53.38 -38.85
N GLU F 201 -50.78 52.33 -38.28
CA GLU F 201 -50.51 51.08 -38.99
C GLU F 201 -50.61 49.90 -38.04
N THR F 202 -51.66 49.10 -38.23
CA THR F 202 -51.96 47.92 -37.40
C THR F 202 -50.78 47.10 -36.88
N VAL F 203 -50.83 46.75 -35.60
CA VAL F 203 -49.79 45.94 -34.99
C VAL F 203 -50.45 44.74 -34.30
N THR F 204 -50.35 43.59 -34.93
CA THR F 204 -50.96 42.41 -34.38
C THR F 204 -49.95 41.43 -33.84
N CYS F 205 -50.36 40.75 -32.78
CA CYS F 205 -49.54 39.78 -32.08
C CYS F 205 -50.02 38.37 -32.42
N ASN F 206 -49.10 37.52 -32.90
CA ASN F 206 -49.44 36.14 -33.27
C ASN F 206 -48.96 35.13 -32.25
N VAL F 207 -49.90 34.39 -31.66
CA VAL F 207 -49.58 33.38 -30.65
C VAL F 207 -49.95 31.99 -31.11
N ALA F 208 -48.95 31.11 -31.17
CA ALA F 208 -49.10 29.72 -31.62
C ALA F 208 -48.87 28.72 -30.47
N HIS F 209 -49.77 27.75 -30.33
CA HIS F 209 -49.66 26.71 -29.30
C HIS F 209 -49.71 25.32 -29.93
N PRO F 210 -48.56 24.81 -30.36
CA PRO F 210 -48.47 23.49 -30.99
C PRO F 210 -49.35 22.42 -30.32
N ALA F 211 -49.14 22.23 -29.03
CA ALA F 211 -49.88 21.24 -28.25
C ALA F 211 -51.38 21.25 -28.52
N SER F 212 -51.98 22.43 -28.65
CA SER F 212 -53.42 22.49 -28.87
C SER F 212 -53.75 22.73 -30.33
N SER F 213 -52.71 22.69 -31.15
CA SER F 213 -52.87 22.91 -32.58
C SER F 213 -53.73 24.16 -32.78
N THR F 214 -53.33 25.24 -32.12
CA THR F 214 -54.04 26.51 -32.24
C THR F 214 -53.05 27.60 -32.63
N LYS F 215 -53.59 28.66 -33.19
CA LYS F 215 -52.81 29.81 -33.63
C LYS F 215 -53.83 30.92 -33.49
N VAL F 216 -53.45 32.03 -32.88
CA VAL F 216 -54.38 33.14 -32.70
C VAL F 216 -53.72 34.49 -32.89
N ASP F 217 -54.51 35.43 -33.39
CA ASP F 217 -54.02 36.78 -33.62
C ASP F 217 -54.74 37.78 -32.75
N LYS F 218 -54.00 38.80 -32.32
CA LYS F 218 -54.58 39.84 -31.50
C LYS F 218 -54.08 41.18 -32.00
N LYS F 219 -55.01 41.96 -32.56
CA LYS F 219 -54.65 43.26 -33.05
C LYS F 219 -54.65 44.18 -31.85
N ILE F 220 -53.61 45.00 -31.72
CA ILE F 220 -53.51 45.90 -30.59
C ILE F 220 -54.19 47.24 -30.87
N VAL F 221 -55.52 47.27 -30.73
CA VAL F 221 -56.27 48.50 -30.93
C VAL F 221 -56.06 49.40 -29.70
N PRO F 222 -55.75 50.69 -29.94
CA PRO F 222 -55.53 51.64 -28.83
C PRO F 222 -56.72 51.72 -27.88
N ALA F 223 -56.44 51.78 -26.58
CA ALA F 223 -57.50 51.84 -25.57
C ALA F 223 -58.34 53.09 -25.81
N ASP F 224 -59.63 52.87 -26.10
CA ASP F 224 -60.60 53.94 -26.38
C ASP F 224 -60.75 54.97 -25.24
N CYS F 225 -60.84 54.47 -24.01
CA CYS F 225 -61.00 55.29 -22.81
C CYS F 225 -59.87 55.01 -21.78
#